data_2RVM
#
_entry.id   2RVM
#
_entity_poly.entity_id   1
_entity_poly.type   'polypeptide(L)'
_entity_poly.pdbx_seq_one_letter_code
;GSHMGKKTKRTAD(SEP)(SEP)(SEP)(SEP)EDEEEYVVEKVLDRRMVKGQVEYLLKWKGFSEEHNTWEPEKNLDCPE
LISEFMKKYKKMKEGENNK
;
_entity_poly.pdbx_strand_id   A
#
# COMPACT_ATOMS: atom_id res chain seq x y z
N GLY A 1 25.68 60.90 10.01
CA GLY A 1 24.71 59.83 10.15
C GLY A 1 23.29 60.34 10.21
N SER A 2 22.62 60.32 9.05
CA SER A 2 21.24 60.79 8.98
C SER A 2 20.42 59.91 8.05
N HIS A 3 19.20 59.59 8.46
CA HIS A 3 18.30 58.75 7.66
C HIS A 3 17.26 59.59 6.95
N MET A 4 17.40 59.73 5.63
CA MET A 4 16.47 60.51 4.83
C MET A 4 15.54 59.60 4.04
N GLY A 5 16.14 58.68 3.27
CA GLY A 5 15.35 57.77 2.47
C GLY A 5 16.13 56.54 2.06
N LYS A 6 16.08 55.49 2.88
CA LYS A 6 16.78 54.25 2.60
C LYS A 6 16.12 53.50 1.45
N LYS A 7 16.85 53.32 0.36
CA LYS A 7 16.33 52.62 -0.81
C LYS A 7 16.97 51.23 -0.94
N THR A 8 16.20 50.19 -0.66
CA THR A 8 16.70 48.82 -0.74
C THR A 8 16.07 48.09 -1.91
N LYS A 9 16.89 47.36 -2.66
CA LYS A 9 16.43 46.60 -3.82
C LYS A 9 16.92 45.16 -3.75
N ARG A 10 15.99 44.21 -3.67
CA ARG A 10 16.33 42.80 -3.61
C ARG A 10 15.26 41.95 -4.31
N THR A 11 15.70 40.87 -4.94
CA THR A 11 14.78 39.97 -5.64
C THR A 11 15.08 38.51 -5.31
N ALA A 12 14.09 37.82 -4.76
CA ALA A 12 14.25 36.43 -4.39
C ALA A 12 13.43 35.53 -5.32
N ASP A 13 12.13 35.81 -5.41
CA ASP A 13 11.23 35.04 -6.25
C ASP A 13 11.21 33.58 -5.82
N GLU A 18 2.03 23.81 -4.32
CA GLU A 18 0.86 23.27 -4.99
C GLU A 18 0.15 22.24 -4.09
N ASP A 19 -1.17 22.34 -4.03
CA ASP A 19 -1.96 21.42 -3.22
C ASP A 19 -2.56 20.31 -4.08
N GLU A 20 -2.12 19.09 -3.84
CA GLU A 20 -2.61 17.94 -4.60
C GLU A 20 -2.62 16.68 -3.74
N GLU A 21 -3.54 15.77 -4.05
CA GLU A 21 -3.65 14.52 -3.30
C GLU A 21 -3.73 13.32 -4.24
N GLU A 22 -2.99 12.27 -3.90
CA GLU A 22 -2.97 11.06 -4.72
C GLU A 22 -3.12 9.82 -3.85
N TYR A 23 -3.54 8.72 -4.46
CA TYR A 23 -3.72 7.46 -3.75
C TYR A 23 -2.62 6.47 -4.10
N VAL A 24 -1.81 6.13 -3.10
CA VAL A 24 -0.71 5.18 -3.29
C VAL A 24 -0.70 4.12 -2.21
N VAL A 25 -0.76 2.85 -2.62
CA VAL A 25 -0.76 1.74 -1.68
C VAL A 25 0.54 1.70 -0.88
N GLU A 26 0.43 1.27 0.37
CA GLU A 26 1.61 1.17 1.24
C GLU A 26 2.13 -0.26 1.30
N LYS A 27 1.28 -1.19 1.68
CA LYS A 27 1.66 -2.60 1.77
C LYS A 27 0.48 -3.46 2.17
N VAL A 28 0.61 -4.78 1.98
CA VAL A 28 -0.45 -5.71 2.34
C VAL A 28 -0.41 -6.05 3.82
N LEU A 29 -1.46 -5.64 4.54
CA LEU A 29 -1.56 -5.90 5.97
C LEU A 29 -2.24 -7.24 6.24
N ASP A 30 -3.41 -7.42 5.63
CA ASP A 30 -4.16 -8.67 5.80
C ASP A 30 -4.82 -9.08 4.49
N ARG A 31 -5.33 -10.30 4.45
CA ARG A 31 -5.99 -10.83 3.26
C ARG A 31 -7.14 -11.76 3.63
N ARG A 32 -8.27 -11.60 2.95
CA ARG A 32 -9.43 -12.44 3.21
C ARG A 32 -10.11 -12.85 1.92
N MET A 33 -10.86 -13.95 1.96
CA MET A 33 -11.55 -14.45 0.78
C MET A 33 -13.00 -14.77 1.11
N VAL A 34 -13.91 -14.32 0.24
CA VAL A 34 -15.34 -14.56 0.44
C VAL A 34 -16.06 -14.76 -0.89
N LYS A 35 -16.96 -15.72 -0.93
CA LYS A 35 -17.71 -16.01 -2.15
C LYS A 35 -16.78 -16.23 -3.33
N GLY A 36 -15.76 -17.05 -3.12
CA GLY A 36 -14.80 -17.34 -4.18
C GLY A 36 -14.12 -16.09 -4.70
N GLN A 37 -14.00 -15.08 -3.84
CA GLN A 37 -13.36 -13.82 -4.22
C GLN A 37 -12.27 -13.45 -3.23
N VAL A 38 -11.07 -13.19 -3.75
CA VAL A 38 -9.94 -12.82 -2.91
C VAL A 38 -9.88 -11.31 -2.70
N GLU A 39 -9.52 -10.90 -1.50
CA GLU A 39 -9.42 -9.48 -1.16
C GLU A 39 -8.19 -9.19 -0.32
N TYR A 40 -7.74 -7.95 -0.34
CA TYR A 40 -6.57 -7.55 0.43
C TYR A 40 -6.80 -6.21 1.12
N LEU A 41 -6.06 -5.98 2.21
CA LEU A 41 -6.19 -4.74 2.97
C LEU A 41 -5.20 -3.68 2.46
N LEU A 42 -5.72 -2.72 1.71
CA LEU A 42 -4.90 -1.65 1.16
C LEU A 42 -4.94 -0.42 2.07
N LYS A 43 -3.90 0.40 1.97
CA LYS A 43 -3.82 1.62 2.78
C LYS A 43 -3.28 2.79 1.95
N TRP A 44 -4.18 3.68 1.56
CA TRP A 44 -3.79 4.83 0.76
C TRP A 44 -3.01 5.84 1.59
N LYS A 45 -2.04 6.49 0.96
CA LYS A 45 -1.21 7.48 1.65
C LYS A 45 -2.08 8.52 2.36
N GLY A 46 -1.94 8.62 3.67
CA GLY A 46 -2.71 9.58 4.43
C GLY A 46 -3.77 8.91 5.30
N PHE A 47 -4.37 7.84 4.78
CA PHE A 47 -5.40 7.11 5.50
C PHE A 47 -4.81 6.37 6.70
N SER A 48 -5.28 6.70 7.89
CA SER A 48 -4.80 6.05 9.11
C SER A 48 -5.16 4.57 9.13
N GLU A 49 -4.57 3.84 10.07
CA GLU A 49 -4.84 2.41 10.19
C GLU A 49 -6.34 2.13 10.26
N GLU A 50 -7.02 2.82 11.17
CA GLU A 50 -8.45 2.65 11.34
C GLU A 50 -9.20 2.97 10.04
N HIS A 51 -8.54 3.72 9.16
CA HIS A 51 -9.13 4.11 7.89
C HIS A 51 -8.80 3.09 6.80
N ASN A 52 -8.38 1.90 7.23
CA ASN A 52 -8.03 0.83 6.29
C ASN A 52 -9.21 0.48 5.39
N THR A 53 -8.89 0.01 4.18
CA THR A 53 -9.92 -0.36 3.21
C THR A 53 -9.59 -1.67 2.53
N TRP A 54 -10.61 -2.47 2.24
CA TRP A 54 -10.42 -3.75 1.57
C TRP A 54 -10.73 -3.64 0.08
N GLU A 55 -10.02 -4.43 -0.72
CA GLU A 55 -10.23 -4.43 -2.17
C GLU A 55 -10.00 -5.81 -2.75
N PRO A 56 -10.64 -6.08 -3.90
CA PRO A 56 -10.53 -7.37 -4.60
C PRO A 56 -9.15 -7.59 -5.20
N GLU A 57 -8.71 -8.84 -5.23
CA GLU A 57 -7.41 -9.18 -5.80
C GLU A 57 -7.28 -8.68 -7.22
N LYS A 58 -8.35 -8.83 -8.00
CA LYS A 58 -8.36 -8.39 -9.39
C LYS A 58 -8.02 -6.91 -9.49
N ASN A 59 -8.29 -6.17 -8.42
CA ASN A 59 -8.02 -4.74 -8.38
C ASN A 59 -6.62 -4.46 -7.88
N LEU A 60 -6.11 -5.35 -7.02
CA LEU A 60 -4.77 -5.20 -6.47
C LEU A 60 -3.73 -5.08 -7.57
N ASP A 61 -3.33 -3.85 -7.87
CA ASP A 61 -2.34 -3.60 -8.91
C ASP A 61 -0.93 -3.72 -8.35
N CYS A 62 -0.66 -4.84 -7.68
CA CYS A 62 0.66 -5.08 -7.10
C CYS A 62 0.79 -6.53 -6.65
N PRO A 63 1.17 -7.41 -7.59
CA PRO A 63 1.36 -8.84 -7.31
C PRO A 63 2.57 -9.11 -6.43
N GLU A 64 3.65 -8.37 -6.66
CA GLU A 64 4.87 -8.54 -5.87
C GLU A 64 4.58 -8.42 -4.38
N LEU A 65 3.72 -7.47 -4.02
CA LEU A 65 3.35 -7.25 -2.63
C LEU A 65 2.88 -8.55 -1.98
N ILE A 66 1.92 -9.21 -2.63
CA ILE A 66 1.38 -10.46 -2.13
C ILE A 66 2.47 -11.52 -1.96
N SER A 67 3.31 -11.66 -2.98
CA SER A 67 4.40 -12.63 -2.95
C SER A 67 5.24 -12.45 -1.69
N GLU A 68 5.62 -11.20 -1.41
CA GLU A 68 6.43 -10.90 -0.24
C GLU A 68 5.66 -11.19 1.05
N PHE A 69 4.42 -10.70 1.11
CA PHE A 69 3.58 -10.91 2.27
C PHE A 69 3.54 -12.38 2.68
N MET A 70 3.30 -13.24 1.69
CA MET A 70 3.23 -14.68 1.94
C MET A 70 4.45 -15.16 2.70
N LYS A 71 5.58 -14.50 2.46
CA LYS A 71 6.83 -14.87 3.14
C LYS A 71 6.71 -14.65 4.64
N LYS A 72 6.06 -13.57 5.04
CA LYS A 72 5.88 -13.26 6.45
C LYS A 72 4.81 -14.15 7.07
N TYR A 73 3.67 -14.25 6.41
CA TYR A 73 2.57 -15.07 6.90
C TYR A 73 3.03 -16.50 7.15
N LYS A 74 3.84 -17.02 6.23
CA LYS A 74 4.36 -18.38 6.36
C LYS A 74 4.95 -18.61 7.74
N LYS A 75 5.82 -17.71 8.17
CA LYS A 75 6.47 -17.81 9.48
C LYS A 75 5.44 -17.61 10.60
N MET A 76 4.58 -16.62 10.44
CA MET A 76 3.55 -16.34 11.44
C MET A 76 2.72 -17.58 11.74
N LYS A 77 2.18 -18.19 10.68
CA LYS A 77 1.36 -19.39 10.83
C LYS A 77 2.23 -20.62 11.09
N GLU A 78 1.90 -21.38 12.12
CA GLU A 78 2.66 -22.58 12.47
C GLU A 78 2.40 -23.69 11.45
N GLY A 79 3.43 -24.01 10.67
CA GLY A 79 3.30 -25.05 9.67
C GLY A 79 4.28 -24.88 8.53
N GLU A 80 5.40 -25.59 8.61
CA GLU A 80 6.43 -25.51 7.57
C GLU A 80 6.41 -26.77 6.70
N ASN A 81 6.50 -27.93 7.34
CA ASN A 81 6.50 -29.20 6.62
C ASN A 81 5.10 -29.81 6.62
N ASN A 82 4.52 -29.97 7.81
CA ASN A 82 3.19 -30.54 7.94
C ASN A 82 2.12 -29.57 7.46
N LYS A 83 1.34 -30.00 6.47
CA LYS A 83 0.28 -29.16 5.92
C LYS A 83 -0.90 -29.08 6.88
N GLY A 1 29.76 52.31 -11.12
CA GLY A 1 28.37 51.91 -11.18
C GLY A 1 27.70 52.33 -12.47
N SER A 2 28.02 51.64 -13.56
CA SER A 2 27.45 51.95 -14.86
C SER A 2 26.04 51.37 -14.99
N HIS A 3 25.05 52.24 -15.03
CA HIS A 3 23.66 51.81 -15.16
C HIS A 3 23.33 51.46 -16.60
N MET A 4 22.90 50.21 -16.82
CA MET A 4 22.55 49.74 -18.15
C MET A 4 21.71 48.47 -18.07
N GLY A 5 20.50 48.53 -18.64
CA GLY A 5 19.62 47.37 -18.63
C GLY A 5 19.19 47.00 -17.22
N LYS A 6 18.50 47.91 -16.55
CA LYS A 6 18.02 47.67 -15.19
C LYS A 6 16.53 47.34 -15.20
N LYS A 7 16.15 46.34 -14.42
CA LYS A 7 14.75 45.92 -14.32
C LYS A 7 14.09 46.53 -13.09
N THR A 8 12.99 47.24 -13.30
CA THR A 8 12.27 47.87 -12.20
C THR A 8 11.73 46.83 -11.23
N LYS A 9 11.76 47.15 -9.94
CA LYS A 9 11.28 46.25 -8.90
C LYS A 9 9.88 46.64 -8.44
N ARG A 10 8.93 45.72 -8.58
CA ARG A 10 7.55 45.98 -8.19
C ARG A 10 6.95 44.75 -7.51
N THR A 11 5.99 44.99 -6.61
CA THR A 11 5.33 43.90 -5.90
C THR A 11 4.62 42.97 -6.86
N ALA A 12 4.71 41.66 -6.60
CA ALA A 12 4.07 40.67 -7.44
C ALA A 12 2.87 40.04 -6.74
N ASP A 13 3.10 39.52 -5.54
CA ASP A 13 2.03 38.89 -4.76
C ASP A 13 1.44 37.71 -5.52
N GLU A 18 -1.43 24.60 -5.75
CA GLU A 18 -1.89 23.45 -4.97
C GLU A 18 -1.23 22.17 -5.46
N ASP A 19 -0.79 21.33 -4.51
CA ASP A 19 -0.14 20.07 -4.85
C ASP A 19 -1.15 18.93 -4.85
N GLU A 20 -1.29 18.28 -6.00
CA GLU A 20 -2.21 17.17 -6.14
C GLU A 20 -1.73 15.95 -5.36
N GLU A 21 -2.67 15.22 -4.76
CA GLU A 21 -2.34 14.03 -3.99
C GLU A 21 -3.19 12.84 -4.42
N GLU A 22 -2.54 11.85 -5.02
CA GLU A 22 -3.23 10.65 -5.48
C GLU A 22 -3.20 9.55 -4.42
N TYR A 23 -4.16 8.65 -4.47
CA TYR A 23 -4.25 7.55 -3.52
C TYR A 23 -3.32 6.41 -3.92
N VAL A 24 -2.43 6.02 -3.00
CA VAL A 24 -1.48 4.95 -3.26
C VAL A 24 -1.46 3.95 -2.11
N VAL A 25 -1.21 2.69 -2.44
CA VAL A 25 -1.17 1.63 -1.43
C VAL A 25 0.14 1.67 -0.65
N GLU A 26 0.06 1.33 0.64
CA GLU A 26 1.25 1.34 1.49
C GLU A 26 1.88 -0.05 1.53
N LYS A 27 1.10 -1.04 1.93
CA LYS A 27 1.58 -2.41 2.02
C LYS A 27 0.44 -3.37 2.42
N VAL A 28 0.68 -4.66 2.24
CA VAL A 28 -0.32 -5.67 2.58
C VAL A 28 -0.24 -6.04 4.06
N LEU A 29 -1.29 -5.70 4.79
CA LEU A 29 -1.35 -6.00 6.23
C LEU A 29 -1.87 -7.41 6.46
N ASP A 30 -3.01 -7.73 5.87
CA ASP A 30 -3.62 -9.05 6.01
C ASP A 30 -4.39 -9.43 4.75
N ARG A 31 -4.78 -10.70 4.67
CA ARG A 31 -5.53 -11.19 3.52
C ARG A 31 -6.88 -11.75 3.95
N ARG A 32 -7.81 -11.80 3.00
CA ARG A 32 -9.15 -12.30 3.28
C ARG A 32 -9.78 -12.91 2.02
N MET A 33 -10.73 -13.81 2.22
CA MET A 33 -11.40 -14.47 1.11
C MET A 33 -12.91 -14.54 1.36
N VAL A 34 -13.68 -14.04 0.39
CA VAL A 34 -15.14 -14.04 0.50
C VAL A 34 -15.79 -14.23 -0.86
N LYS A 35 -16.79 -15.11 -0.92
CA LYS A 35 -17.50 -15.38 -2.16
C LYS A 35 -16.52 -15.73 -3.28
N GLY A 36 -15.56 -16.59 -2.97
CA GLY A 36 -14.57 -16.99 -3.96
C GLY A 36 -13.79 -15.81 -4.51
N GLN A 37 -13.65 -14.77 -3.71
CA GLN A 37 -12.92 -13.58 -4.12
C GLN A 37 -11.78 -13.27 -3.15
N VAL A 38 -10.61 -12.97 -3.69
CA VAL A 38 -9.45 -12.65 -2.87
C VAL A 38 -9.41 -11.17 -2.51
N GLU A 39 -9.14 -10.88 -1.24
CA GLU A 39 -9.08 -9.49 -0.77
C GLU A 39 -7.82 -9.26 0.07
N TYR A 40 -7.38 -8.01 0.10
CA TYR A 40 -6.19 -7.65 0.86
C TYR A 40 -6.38 -6.33 1.59
N LEU A 41 -5.73 -6.20 2.75
CA LEU A 41 -5.83 -4.98 3.54
C LEU A 41 -4.74 -3.99 3.16
N LEU A 42 -5.12 -2.93 2.46
CA LEU A 42 -4.18 -1.91 2.04
C LEU A 42 -4.60 -0.53 2.55
N LYS A 43 -3.64 0.38 2.66
CA LYS A 43 -3.90 1.73 3.13
C LYS A 43 -3.60 2.76 2.04
N TRP A 44 -4.47 3.76 1.92
CA TRP A 44 -4.30 4.80 0.91
C TRP A 44 -3.57 6.00 1.51
N LYS A 45 -2.76 6.65 0.68
CA LYS A 45 -2.00 7.83 1.13
C LYS A 45 -2.92 8.84 1.80
N GLY A 46 -2.82 8.92 3.13
CA GLY A 46 -3.65 9.85 3.87
C GLY A 46 -4.43 9.19 4.98
N PHE A 47 -5.00 8.02 4.67
CA PHE A 47 -5.78 7.27 5.64
C PHE A 47 -4.89 6.58 6.66
N SER A 48 -5.43 6.34 7.85
CA SER A 48 -4.66 5.69 8.91
C SER A 48 -5.07 4.22 9.06
N GLU A 49 -4.33 3.49 9.87
CA GLU A 49 -4.60 2.07 10.09
C GLU A 49 -6.07 1.86 10.46
N GLU A 50 -6.57 2.66 11.40
CA GLU A 50 -7.95 2.57 11.84
C GLU A 50 -8.91 2.70 10.66
N HIS A 51 -8.49 3.45 9.65
CA HIS A 51 -9.31 3.67 8.46
C HIS A 51 -8.98 2.64 7.38
N ASN A 52 -8.37 1.53 7.79
CA ASN A 52 -8.00 0.48 6.84
C ASN A 52 -9.19 0.06 5.99
N THR A 53 -8.90 -0.48 4.81
CA THR A 53 -9.94 -0.91 3.89
C THR A 53 -9.51 -2.15 3.12
N TRP A 54 -10.47 -3.03 2.84
CA TRP A 54 -10.18 -4.26 2.11
C TRP A 54 -10.51 -4.10 0.63
N GLU A 55 -9.57 -4.51 -0.23
CA GLU A 55 -9.76 -4.40 -1.67
C GLU A 55 -9.52 -5.75 -2.35
N PRO A 56 -10.18 -5.96 -3.50
CA PRO A 56 -10.05 -7.19 -4.28
C PRO A 56 -8.68 -7.34 -4.91
N GLU A 57 -8.13 -8.55 -4.87
CA GLU A 57 -6.82 -8.82 -5.45
C GLU A 57 -6.77 -8.37 -6.91
N LYS A 58 -7.86 -8.57 -7.62
CA LYS A 58 -7.94 -8.18 -9.03
C LYS A 58 -7.64 -6.70 -9.20
N ASN A 59 -8.04 -5.90 -8.22
CA ASN A 59 -7.81 -4.46 -8.27
C ASN A 59 -6.41 -4.12 -7.76
N LEU A 60 -5.92 -4.90 -6.81
CA LEU A 60 -4.60 -4.68 -6.24
C LEU A 60 -3.53 -4.68 -7.33
N ASP A 61 -3.12 -3.49 -7.75
CA ASP A 61 -2.10 -3.36 -8.79
C ASP A 61 -0.70 -3.45 -8.20
N CYS A 62 -0.46 -4.53 -7.46
CA CYS A 62 0.85 -4.74 -6.83
C CYS A 62 1.00 -6.19 -6.37
N PRO A 63 1.38 -7.08 -7.30
CA PRO A 63 1.57 -8.50 -7.00
C PRO A 63 2.77 -8.76 -6.11
N GLU A 64 3.85 -8.00 -6.35
CA GLU A 64 5.07 -8.15 -5.56
C GLU A 64 4.77 -8.04 -4.07
N LEU A 65 3.90 -7.10 -3.71
CA LEU A 65 3.54 -6.90 -2.31
C LEU A 65 3.05 -8.20 -1.68
N ILE A 66 2.13 -8.87 -2.34
CA ILE A 66 1.59 -10.13 -1.85
C ILE A 66 2.66 -11.22 -1.84
N SER A 67 3.46 -11.25 -2.89
CA SER A 67 4.53 -12.25 -3.01
C SER A 67 5.40 -12.26 -1.76
N GLU A 68 5.90 -11.10 -1.39
CA GLU A 68 6.76 -10.97 -0.21
C GLU A 68 5.95 -11.20 1.06
N PHE A 69 4.76 -10.63 1.12
CA PHE A 69 3.89 -10.76 2.28
C PHE A 69 3.71 -12.22 2.66
N MET A 70 3.42 -13.06 1.67
CA MET A 70 3.23 -14.49 1.90
C MET A 70 4.40 -15.07 2.68
N LYS A 71 5.59 -14.50 2.47
CA LYS A 71 6.79 -14.97 3.17
C LYS A 71 6.63 -14.84 4.67
N LYS A 72 6.05 -13.72 5.11
CA LYS A 72 5.84 -13.46 6.53
C LYS A 72 4.64 -14.25 7.05
N TYR A 73 3.51 -14.10 6.36
CA TYR A 73 2.28 -14.79 6.76
C TYR A 73 2.51 -16.30 6.85
N LYS A 74 3.26 -16.83 5.89
CA LYS A 74 3.56 -18.26 5.85
C LYS A 74 4.07 -18.74 7.22
N LYS A 75 5.03 -18.01 7.77
CA LYS A 75 5.60 -18.36 9.07
C LYS A 75 4.60 -18.11 10.18
N MET A 76 3.91 -16.98 10.12
CA MET A 76 2.92 -16.63 11.14
C MET A 76 1.89 -17.74 11.29
N LYS A 77 1.28 -18.15 10.19
CA LYS A 77 0.28 -19.20 10.20
C LYS A 77 0.64 -20.31 9.23
N GLU A 78 0.63 -21.55 9.71
CA GLU A 78 0.95 -22.71 8.88
C GLU A 78 -0.26 -23.15 8.06
N GLY A 79 -0.21 -22.91 6.76
CA GLY A 79 -1.31 -23.29 5.89
C GLY A 79 -1.13 -24.68 5.32
N GLU A 80 -0.38 -24.78 4.23
CA GLU A 80 -0.15 -26.07 3.59
C GLU A 80 1.31 -26.19 3.13
N ASN A 81 2.05 -27.09 3.78
CA ASN A 81 3.45 -27.30 3.44
C ASN A 81 3.93 -28.66 3.91
N ASN A 82 4.76 -29.31 3.10
CA ASN A 82 5.28 -30.63 3.44
C ASN A 82 6.77 -30.72 3.14
N LYS A 83 7.53 -31.24 4.09
CA LYS A 83 8.98 -31.38 3.93
C LYS A 83 9.53 -32.43 4.89
N GLY A 1 37.74 5.41 2.01
CA GLY A 1 37.18 6.37 2.95
C GLY A 1 37.22 5.86 4.38
N SER A 2 38.17 6.34 5.17
CA SER A 2 38.31 5.93 6.56
C SER A 2 37.42 6.76 7.46
N HIS A 3 37.02 6.18 8.59
CA HIS A 3 36.17 6.87 9.55
C HIS A 3 36.99 7.76 10.47
N MET A 4 36.87 9.07 10.28
CA MET A 4 37.60 10.03 11.10
C MET A 4 36.82 11.33 11.24
N GLY A 5 36.73 11.83 12.47
CA GLY A 5 36.00 13.06 12.72
C GLY A 5 34.55 12.83 13.06
N LYS A 6 33.76 12.42 12.06
CA LYS A 6 32.34 12.16 12.25
C LYS A 6 31.63 13.39 12.79
N LYS A 7 31.00 14.14 11.89
CA LYS A 7 30.27 15.35 12.27
C LYS A 7 29.02 15.52 11.43
N THR A 8 27.86 15.49 12.09
CA THR A 8 26.58 15.64 11.39
C THR A 8 26.49 17.00 10.71
N LYS A 9 25.78 17.04 9.58
CA LYS A 9 25.61 18.27 8.83
C LYS A 9 24.14 18.49 8.47
N ARG A 10 23.73 19.75 8.40
CA ARG A 10 22.36 20.10 8.06
C ARG A 10 22.31 21.23 7.04
N THR A 11 21.50 21.05 6.00
CA THR A 11 21.37 22.05 4.95
C THR A 11 20.39 23.15 5.36
N ALA A 12 20.55 24.33 4.77
CA ALA A 12 19.69 25.46 5.08
C ALA A 12 18.30 25.26 4.48
N ASP A 13 18.25 25.00 3.18
CA ASP A 13 16.99 24.78 2.48
C ASP A 13 16.52 23.33 2.63
N GLU A 18 5.72 20.70 -3.61
CA GLU A 18 4.30 20.98 -3.80
C GLU A 18 3.44 19.84 -3.27
N ASP A 19 2.20 20.17 -2.89
CA ASP A 19 1.29 19.17 -2.36
C ASP A 19 0.54 18.46 -3.48
N GLU A 20 0.21 17.19 -3.27
CA GLU A 20 -0.50 16.40 -4.27
C GLU A 20 -1.48 15.43 -3.60
N GLU A 21 -2.73 15.44 -4.05
CA GLU A 21 -3.76 14.57 -3.51
C GLU A 21 -4.10 13.46 -4.49
N GLU A 22 -3.89 12.21 -4.08
CA GLU A 22 -4.18 11.06 -4.93
C GLU A 22 -4.21 9.77 -4.10
N TYR A 23 -5.10 8.87 -4.47
CA TYR A 23 -5.23 7.59 -3.77
C TYR A 23 -4.22 6.58 -4.29
N VAL A 24 -3.27 6.21 -3.43
CA VAL A 24 -2.23 5.25 -3.81
C VAL A 24 -2.07 4.18 -2.73
N VAL A 25 -1.81 2.96 -3.17
CA VAL A 25 -1.63 1.84 -2.24
C VAL A 25 -0.31 1.97 -1.48
N GLU A 26 -0.33 1.60 -0.21
CA GLU A 26 0.86 1.67 0.63
C GLU A 26 1.53 0.31 0.74
N LYS A 27 0.78 -0.68 1.22
CA LYS A 27 1.29 -2.03 1.38
C LYS A 27 0.20 -2.97 1.88
N VAL A 28 0.46 -4.27 1.79
CA VAL A 28 -0.48 -5.28 2.24
C VAL A 28 -0.29 -5.60 3.71
N LEU A 29 -1.29 -5.29 4.52
CA LEU A 29 -1.24 -5.55 5.96
C LEU A 29 -1.82 -6.92 6.29
N ASP A 30 -3.03 -7.17 5.79
CA ASP A 30 -3.70 -8.45 6.03
C ASP A 30 -4.29 -9.00 4.74
N ARG A 31 -4.63 -10.29 4.76
CA ARG A 31 -5.21 -10.93 3.58
C ARG A 31 -6.28 -11.95 4.00
N ARG A 32 -7.38 -11.96 3.25
CA ARG A 32 -8.48 -12.88 3.53
C ARG A 32 -9.25 -13.24 2.27
N MET A 33 -10.12 -14.22 2.36
CA MET A 33 -10.92 -14.65 1.22
C MET A 33 -12.37 -14.87 1.62
N VAL A 34 -13.29 -14.43 0.77
CA VAL A 34 -14.72 -14.58 1.03
C VAL A 34 -15.49 -14.84 -0.26
N LYS A 35 -16.40 -15.81 -0.20
CA LYS A 35 -17.22 -16.16 -1.36
C LYS A 35 -16.34 -16.47 -2.57
N GLY A 36 -15.32 -17.30 -2.36
CA GLY A 36 -14.42 -17.66 -3.43
C GLY A 36 -13.72 -16.46 -4.04
N GLN A 37 -13.55 -15.41 -3.24
CA GLN A 37 -12.89 -14.19 -3.71
C GLN A 37 -11.76 -13.79 -2.77
N VAL A 38 -10.58 -13.56 -3.34
CA VAL A 38 -9.42 -13.17 -2.56
C VAL A 38 -9.37 -11.65 -2.38
N GLU A 39 -9.18 -11.22 -1.14
CA GLU A 39 -9.12 -9.79 -0.84
C GLU A 39 -7.77 -9.43 -0.22
N TYR A 40 -7.48 -8.13 -0.16
CA TYR A 40 -6.23 -7.65 0.39
C TYR A 40 -6.41 -6.29 1.06
N LEU A 41 -5.73 -6.10 2.19
CA LEU A 41 -5.82 -4.84 2.93
C LEU A 41 -4.97 -3.76 2.26
N LEU A 42 -5.61 -2.67 1.88
CA LEU A 42 -4.91 -1.56 1.24
C LEU A 42 -5.12 -0.26 2.02
N LYS A 43 -4.09 0.59 2.00
CA LYS A 43 -4.16 1.86 2.70
C LYS A 43 -3.90 3.03 1.75
N TRP A 44 -4.96 3.72 1.38
CA TRP A 44 -4.85 4.87 0.47
C TRP A 44 -4.20 6.04 1.17
N LYS A 45 -3.52 6.89 0.38
CA LYS A 45 -2.85 8.07 0.93
C LYS A 45 -3.81 8.89 1.78
N GLY A 46 -3.60 8.86 3.09
CA GLY A 46 -4.44 9.61 4.00
C GLY A 46 -5.21 8.71 4.95
N PHE A 47 -5.65 7.56 4.46
CA PHE A 47 -6.40 6.62 5.28
C PHE A 47 -5.49 5.95 6.31
N SER A 48 -5.86 6.10 7.58
CA SER A 48 -5.08 5.52 8.67
C SER A 48 -5.45 4.06 8.89
N GLU A 49 -4.68 3.38 9.74
CA GLU A 49 -4.93 1.97 10.03
C GLU A 49 -6.40 1.76 10.42
N GLU A 50 -6.90 2.58 11.34
CA GLU A 50 -8.27 2.48 11.79
C GLU A 50 -9.24 2.57 10.61
N HIS A 51 -8.85 3.33 9.59
CA HIS A 51 -9.67 3.51 8.40
C HIS A 51 -9.29 2.52 7.32
N ASN A 52 -8.66 1.43 7.72
CA ASN A 52 -8.24 0.40 6.77
C ASN A 52 -9.40 -0.03 5.88
N THR A 53 -9.07 -0.47 4.68
CA THR A 53 -10.09 -0.91 3.73
C THR A 53 -9.62 -2.14 2.95
N TRP A 54 -10.55 -3.02 2.63
CA TRP A 54 -10.24 -4.24 1.90
C TRP A 54 -10.61 -4.09 0.43
N GLU A 55 -9.80 -4.69 -0.45
CA GLU A 55 -10.04 -4.61 -1.89
C GLU A 55 -9.76 -5.97 -2.55
N PRO A 56 -10.41 -6.20 -3.71
CA PRO A 56 -10.25 -7.45 -4.46
C PRO A 56 -8.86 -7.57 -5.08
N GLU A 57 -8.31 -8.79 -5.04
CA GLU A 57 -6.99 -9.04 -5.60
C GLU A 57 -6.91 -8.58 -7.05
N LYS A 58 -8.00 -8.80 -7.79
CA LYS A 58 -8.06 -8.40 -9.19
C LYS A 58 -7.78 -6.91 -9.36
N ASN A 59 -8.19 -6.13 -8.36
CA ASN A 59 -7.98 -4.68 -8.40
C ASN A 59 -6.57 -4.33 -7.94
N LEU A 60 -6.03 -5.14 -7.03
CA LEU A 60 -4.68 -4.91 -6.51
C LEU A 60 -3.67 -4.83 -7.64
N ASP A 61 -3.30 -3.62 -8.02
CA ASP A 61 -2.33 -3.41 -9.09
C ASP A 61 -0.91 -3.49 -8.56
N CYS A 62 -0.60 -4.58 -7.87
CA CYS A 62 0.73 -4.78 -7.31
C CYS A 62 0.90 -6.22 -6.81
N PRO A 63 1.32 -7.12 -7.72
CA PRO A 63 1.53 -8.53 -7.41
C PRO A 63 2.73 -8.75 -6.48
N GLU A 64 3.74 -7.90 -6.63
CA GLU A 64 4.94 -8.00 -5.82
C GLU A 64 4.61 -7.90 -4.33
N LEU A 65 3.70 -6.99 -3.99
CA LEU A 65 3.29 -6.80 -2.61
C LEU A 65 2.85 -8.11 -1.99
N ILE A 66 1.99 -8.84 -2.69
CA ILE A 66 1.50 -10.13 -2.21
C ILE A 66 2.62 -11.15 -2.10
N SER A 67 3.48 -11.19 -3.11
CA SER A 67 4.60 -12.11 -3.13
C SER A 67 5.42 -12.02 -1.85
N GLU A 68 5.83 -10.80 -1.51
CA GLU A 68 6.63 -10.56 -0.31
C GLU A 68 5.78 -10.77 0.94
N PHE A 69 4.56 -10.24 0.92
CA PHE A 69 3.65 -10.37 2.06
C PHE A 69 3.51 -11.83 2.48
N MET A 70 3.29 -12.70 1.51
CA MET A 70 3.14 -14.13 1.79
C MET A 70 4.30 -14.65 2.63
N LYS A 71 5.47 -14.04 2.46
CA LYS A 71 6.65 -14.43 3.21
C LYS A 71 6.44 -14.24 4.71
N LYS A 72 5.80 -13.14 5.07
CA LYS A 72 5.53 -12.83 6.47
C LYS A 72 4.34 -13.64 6.98
N TYR A 73 3.23 -13.57 6.25
CA TYR A 73 2.03 -14.30 6.63
C TYR A 73 2.31 -15.79 6.79
N LYS A 74 3.09 -16.34 5.86
CA LYS A 74 3.45 -17.76 5.91
C LYS A 74 3.96 -18.14 7.29
N LYS A 75 4.89 -17.35 7.82
CA LYS A 75 5.46 -17.61 9.14
C LYS A 75 4.42 -17.40 10.24
N MET A 76 3.67 -16.31 10.12
CA MET A 76 2.64 -15.99 11.10
C MET A 76 1.68 -17.15 11.29
N LYS A 77 1.12 -17.63 10.18
CA LYS A 77 0.19 -18.75 10.22
C LYS A 77 0.90 -20.05 10.58
N GLU A 78 1.96 -20.36 9.84
CA GLU A 78 2.72 -21.58 10.09
C GLU A 78 4.12 -21.24 10.59
N GLY A 79 4.36 -21.48 11.87
CA GLY A 79 5.66 -21.20 12.45
C GLY A 79 6.14 -22.30 13.37
N GLU A 80 7.45 -22.36 13.59
CA GLU A 80 8.04 -23.38 14.45
C GLU A 80 9.43 -22.96 14.92
N ASN A 81 9.68 -23.13 16.21
CA ASN A 81 10.96 -22.77 16.81
C ASN A 81 11.92 -23.95 16.80
N ASN A 82 13.18 -23.70 16.44
CA ASN A 82 14.18 -24.75 16.40
C ASN A 82 14.78 -24.99 17.78
N LYS A 83 15.25 -23.92 18.41
CA LYS A 83 15.84 -24.02 19.74
C LYS A 83 14.76 -24.01 20.81
N GLY A 1 21.81 -10.68 8.57
CA GLY A 1 22.66 -11.56 9.34
C GLY A 1 23.22 -10.89 10.58
N SER A 2 24.13 -9.95 10.38
CA SER A 2 24.75 -9.23 11.49
C SER A 2 24.83 -7.74 11.20
N HIS A 3 24.48 -6.93 12.20
CA HIS A 3 24.51 -5.48 12.05
C HIS A 3 25.03 -4.82 13.32
N MET A 4 26.08 -4.01 13.18
CA MET A 4 26.67 -3.32 14.32
C MET A 4 26.91 -1.85 13.99
N GLY A 5 26.15 -0.97 14.61
CA GLY A 5 26.29 0.46 14.37
C GLY A 5 26.01 0.84 12.94
N LYS A 6 24.83 0.47 12.44
CA LYS A 6 24.43 0.77 11.08
C LYS A 6 23.39 1.89 11.04
N LYS A 7 23.73 2.99 10.38
CA LYS A 7 22.83 4.13 10.28
C LYS A 7 21.80 3.91 9.17
N THR A 8 20.54 3.71 9.56
CA THR A 8 19.48 3.48 8.60
C THR A 8 18.72 4.77 8.30
N LYS A 9 18.83 5.24 7.06
CA LYS A 9 18.16 6.47 6.65
C LYS A 9 16.93 6.16 5.80
N ARG A 10 15.81 6.78 6.14
CA ARG A 10 14.56 6.57 5.42
C ARG A 10 13.82 7.89 5.21
N THR A 11 13.78 8.36 3.98
CA THR A 11 13.11 9.60 3.64
C THR A 11 11.69 9.35 3.16
N ALA A 12 10.76 10.20 3.59
CA ALA A 12 9.36 10.08 3.19
C ALA A 12 9.06 10.91 1.96
N ASP A 13 9.38 12.20 2.03
CA ASP A 13 9.14 13.12 0.92
C ASP A 13 9.92 14.41 1.11
N GLU A 18 2.66 21.10 -1.41
CA GLU A 18 1.96 21.41 -2.65
C GLU A 18 0.54 20.85 -2.64
N ASP A 19 -0.41 21.66 -3.08
CA ASP A 19 -1.81 21.25 -3.12
C ASP A 19 -2.05 20.23 -4.23
N GLU A 20 -2.27 18.98 -3.84
CA GLU A 20 -2.51 17.91 -4.80
C GLU A 20 -3.11 16.68 -4.12
N GLU A 21 -3.85 15.90 -4.89
CA GLU A 21 -4.49 14.69 -4.35
C GLU A 21 -4.12 13.47 -5.19
N GLU A 22 -3.63 12.42 -4.53
CA GLU A 22 -3.25 11.19 -5.21
C GLU A 22 -3.35 9.99 -4.27
N TYR A 23 -3.62 8.83 -4.85
CA TYR A 23 -3.74 7.60 -4.06
C TYR A 23 -2.65 6.61 -4.42
N VAL A 24 -1.84 6.24 -3.43
CA VAL A 24 -0.76 5.29 -3.64
C VAL A 24 -0.76 4.21 -2.57
N VAL A 25 -0.64 2.96 -3.01
CA VAL A 25 -0.62 1.82 -2.10
C VAL A 25 0.62 1.84 -1.22
N GLU A 26 0.49 1.34 0.01
CA GLU A 26 1.60 1.30 0.94
C GLU A 26 2.10 -0.13 1.15
N LYS A 27 1.19 -1.01 1.56
CA LYS A 27 1.53 -2.40 1.80
C LYS A 27 0.29 -3.21 2.18
N VAL A 28 0.42 -4.53 2.14
CA VAL A 28 -0.69 -5.42 2.49
C VAL A 28 -0.72 -5.70 3.99
N LEU A 29 -1.77 -5.22 4.65
CA LEU A 29 -1.92 -5.42 6.09
C LEU A 29 -2.45 -6.81 6.39
N ASP A 30 -3.55 -7.17 5.73
CA ASP A 30 -4.17 -8.48 5.93
C ASP A 30 -4.85 -8.96 4.65
N ARG A 31 -5.29 -10.21 4.66
CA ARG A 31 -5.96 -10.79 3.50
C ARG A 31 -7.10 -11.71 3.93
N ARG A 32 -8.17 -11.71 3.15
CA ARG A 32 -9.33 -12.55 3.46
C ARG A 32 -9.87 -13.21 2.20
N MET A 33 -10.59 -14.31 2.37
CA MET A 33 -11.16 -15.04 1.25
C MET A 33 -12.61 -15.45 1.54
N VAL A 34 -13.53 -14.95 0.73
CA VAL A 34 -14.95 -15.27 0.90
C VAL A 34 -15.65 -15.35 -0.45
N LYS A 35 -16.52 -16.34 -0.59
CA LYS A 35 -17.27 -16.54 -1.83
C LYS A 35 -16.33 -16.61 -3.03
N GLY A 36 -15.25 -17.37 -2.88
CA GLY A 36 -14.29 -17.52 -3.96
C GLY A 36 -13.69 -16.19 -4.39
N GLN A 37 -13.63 -15.25 -3.45
CA GLN A 37 -13.07 -13.94 -3.73
C GLN A 37 -11.96 -13.59 -2.74
N VAL A 38 -10.79 -13.23 -3.28
CA VAL A 38 -9.65 -12.88 -2.44
C VAL A 38 -9.51 -11.36 -2.33
N GLU A 39 -9.55 -10.87 -1.09
CA GLU A 39 -9.42 -9.43 -0.85
C GLU A 39 -8.11 -9.12 -0.13
N TYR A 40 -7.62 -7.90 -0.31
CA TYR A 40 -6.38 -7.47 0.32
C TYR A 40 -6.52 -6.08 0.94
N LEU A 41 -5.89 -5.89 2.09
CA LEU A 41 -5.95 -4.61 2.78
C LEU A 41 -5.02 -3.59 2.12
N LEU A 42 -5.61 -2.53 1.57
CA LEU A 42 -4.85 -1.48 0.91
C LEU A 42 -4.83 -0.21 1.75
N LYS A 43 -3.67 0.42 1.85
CA LYS A 43 -3.53 1.65 2.60
C LYS A 43 -3.09 2.81 1.71
N TRP A 44 -4.04 3.68 1.37
CA TRP A 44 -3.76 4.82 0.51
C TRP A 44 -2.98 5.88 1.28
N LYS A 45 -2.02 6.51 0.60
CA LYS A 45 -1.20 7.55 1.22
C LYS A 45 -2.08 8.60 1.88
N GLY A 46 -1.92 8.76 3.18
CA GLY A 46 -2.71 9.73 3.92
C GLY A 46 -3.66 9.09 4.92
N PHE A 47 -4.27 7.99 4.52
CA PHE A 47 -5.20 7.27 5.38
C PHE A 47 -4.47 6.55 6.50
N SER A 48 -5.16 6.36 7.63
CA SER A 48 -4.56 5.69 8.78
C SER A 48 -5.05 4.23 8.87
N GLU A 49 -4.41 3.46 9.75
CA GLU A 49 -4.77 2.06 9.92
C GLU A 49 -6.28 1.91 10.15
N GLU A 50 -6.81 2.70 11.08
CA GLU A 50 -8.23 2.65 11.39
C GLU A 50 -9.07 2.90 10.14
N HIS A 51 -8.51 3.65 9.20
CA HIS A 51 -9.20 3.96 7.96
C HIS A 51 -8.84 2.97 6.86
N ASN A 52 -8.35 1.81 7.26
CA ASN A 52 -7.96 0.77 6.32
C ASN A 52 -9.11 0.42 5.38
N THR A 53 -8.77 -0.03 4.17
CA THR A 53 -9.79 -0.40 3.19
C THR A 53 -9.43 -1.71 2.50
N TRP A 54 -10.44 -2.50 2.18
CA TRP A 54 -10.24 -3.78 1.52
C TRP A 54 -10.55 -3.68 0.03
N GLU A 55 -9.77 -4.38 -0.78
CA GLU A 55 -9.96 -4.37 -2.23
C GLU A 55 -9.74 -5.75 -2.82
N PRO A 56 -10.43 -6.04 -3.94
CA PRO A 56 -10.32 -7.33 -4.63
C PRO A 56 -8.97 -7.52 -5.30
N GLU A 57 -8.49 -8.76 -5.32
CA GLU A 57 -7.19 -9.07 -5.93
C GLU A 57 -7.15 -8.57 -7.37
N LYS A 58 -8.25 -8.71 -8.08
CA LYS A 58 -8.33 -8.28 -9.47
C LYS A 58 -8.00 -6.79 -9.59
N ASN A 59 -8.34 -6.03 -8.56
CA ASN A 59 -8.08 -4.60 -8.54
C ASN A 59 -6.67 -4.31 -8.01
N LEU A 60 -6.19 -5.17 -7.13
CA LEU A 60 -4.87 -5.00 -6.54
C LEU A 60 -3.79 -4.97 -7.63
N ASP A 61 -3.39 -3.76 -8.02
CA ASP A 61 -2.37 -3.58 -9.04
C ASP A 61 -0.97 -3.68 -8.44
N CYS A 62 -0.71 -4.76 -7.72
CA CYS A 62 0.58 -4.96 -7.09
C CYS A 62 0.72 -6.39 -6.56
N PRO A 63 1.12 -7.32 -7.46
CA PRO A 63 1.28 -8.73 -7.11
C PRO A 63 2.49 -8.96 -6.20
N GLU A 64 3.54 -8.18 -6.41
CA GLU A 64 4.75 -8.30 -5.61
C GLU A 64 4.42 -8.18 -4.11
N LEU A 65 3.55 -7.25 -3.78
CA LEU A 65 3.15 -7.03 -2.40
C LEU A 65 2.63 -8.32 -1.76
N ILE A 66 1.68 -8.96 -2.44
CA ILE A 66 1.11 -10.21 -1.95
C ILE A 66 2.17 -11.28 -1.78
N SER A 67 3.01 -11.45 -2.80
CA SER A 67 4.08 -12.44 -2.76
C SER A 67 4.92 -12.28 -1.50
N GLU A 68 5.33 -11.04 -1.22
CA GLU A 68 6.15 -10.75 -0.05
C GLU A 68 5.36 -11.01 1.24
N PHE A 69 4.14 -10.49 1.29
CA PHE A 69 3.29 -10.65 2.45
C PHE A 69 3.20 -12.12 2.86
N MET A 70 2.94 -12.99 1.88
CA MET A 70 2.82 -14.41 2.12
C MET A 70 4.03 -14.93 2.90
N LYS A 71 5.19 -14.31 2.67
CA LYS A 71 6.42 -14.71 3.34
C LYS A 71 6.31 -14.48 4.84
N LYS A 72 5.69 -13.37 5.23
CA LYS A 72 5.52 -13.03 6.64
C LYS A 72 4.44 -13.91 7.27
N TYR A 73 3.27 -13.95 6.65
CA TYR A 73 2.17 -14.74 7.16
C TYR A 73 2.56 -16.21 7.29
N LYS A 74 3.23 -16.73 6.27
CA LYS A 74 3.68 -18.11 6.26
C LYS A 74 4.41 -18.46 7.55
N LYS A 75 5.37 -17.61 7.93
CA LYS A 75 6.14 -17.82 9.15
C LYS A 75 5.26 -17.69 10.38
N MET A 76 4.37 -16.70 10.37
CA MET A 76 3.47 -16.47 11.49
C MET A 76 2.72 -17.75 11.86
N LYS A 77 2.07 -18.35 10.86
CA LYS A 77 1.31 -19.58 11.08
C LYS A 77 1.82 -20.69 10.16
N GLU A 78 2.44 -21.71 10.77
CA GLU A 78 2.97 -22.83 10.02
C GLU A 78 2.17 -24.09 10.29
N GLY A 79 2.04 -24.94 9.27
CA GLY A 79 1.29 -26.18 9.43
C GLY A 79 1.96 -27.34 8.72
N GLU A 80 1.16 -28.13 8.01
CA GLU A 80 1.68 -29.28 7.28
C GLU A 80 1.17 -29.30 5.85
N ASN A 81 2.11 -29.29 4.90
CA ASN A 81 1.77 -29.29 3.48
C ASN A 81 1.63 -30.72 2.96
N ASN A 82 0.68 -30.92 2.05
CA ASN A 82 0.44 -32.24 1.47
C ASN A 82 1.36 -32.48 0.29
N LYS A 83 1.34 -31.56 -0.67
CA LYS A 83 2.18 -31.67 -1.86
C LYS A 83 3.33 -30.69 -1.81
N GLY A 1 7.94 -11.08 -12.68
CA GLY A 1 8.66 -12.23 -13.16
C GLY A 1 8.18 -12.70 -14.53
N SER A 2 7.97 -14.00 -14.67
CA SER A 2 7.50 -14.57 -15.93
C SER A 2 6.76 -15.87 -15.70
N HIS A 3 5.46 -15.87 -16.03
CA HIS A 3 4.64 -17.06 -15.86
C HIS A 3 3.56 -17.14 -16.95
N MET A 4 2.92 -18.28 -17.05
CA MET A 4 1.87 -18.49 -18.06
C MET A 4 0.77 -17.44 -17.91
N GLY A 5 0.13 -17.09 -19.01
CA GLY A 5 -0.94 -16.10 -18.98
C GLY A 5 -0.43 -14.72 -18.60
N LYS A 6 0.52 -14.21 -19.37
CA LYS A 6 1.09 -12.89 -19.11
C LYS A 6 0.01 -11.81 -19.16
N LYS A 7 0.18 -10.77 -18.36
CA LYS A 7 -0.76 -9.67 -18.32
C LYS A 7 -0.06 -8.32 -18.15
N THR A 8 -0.35 -7.39 -19.04
CA THR A 8 0.26 -6.07 -18.99
C THR A 8 -0.74 -5.02 -18.54
N LYS A 9 -0.25 -4.02 -17.81
CA LYS A 9 -1.10 -2.95 -17.31
C LYS A 9 -0.84 -1.64 -18.05
N ARG A 10 -1.77 -1.24 -18.90
CA ARG A 10 -1.64 -0.02 -19.68
C ARG A 10 -2.59 1.06 -19.15
N THR A 11 -2.15 2.31 -19.24
CA THR A 11 -2.96 3.43 -18.78
C THR A 11 -3.50 4.25 -19.95
N ALA A 12 -4.73 4.71 -19.83
CA ALA A 12 -5.35 5.51 -20.88
C ALA A 12 -5.47 6.96 -20.47
N ASP A 13 -6.08 7.20 -19.31
CA ASP A 13 -6.26 8.56 -18.80
C ASP A 13 -4.94 9.13 -18.29
N GLU A 18 -0.84 19.10 -10.85
CA GLU A 18 0.04 18.88 -9.71
C GLU A 18 -0.53 17.81 -8.78
N ASP A 19 0.36 17.14 -8.05
CA ASP A 19 -0.06 16.09 -7.11
C ASP A 19 -0.48 16.70 -5.78
N GLU A 20 -1.64 16.27 -5.28
CA GLU A 20 -2.15 16.76 -4.01
C GLU A 20 -3.13 15.77 -3.40
N GLU A 21 -2.78 15.25 -2.22
CA GLU A 21 -3.64 14.29 -1.54
C GLU A 21 -3.97 13.11 -2.44
N GLU A 22 -2.93 12.46 -2.96
CA GLU A 22 -3.12 11.32 -3.84
C GLU A 22 -3.47 10.07 -3.04
N TYR A 23 -3.92 9.03 -3.74
CA TYR A 23 -4.30 7.78 -3.11
C TYR A 23 -3.40 6.64 -3.56
N VAL A 24 -2.51 6.21 -2.67
CA VAL A 24 -1.59 5.12 -2.98
C VAL A 24 -1.56 4.08 -1.86
N VAL A 25 -1.34 2.82 -2.22
CA VAL A 25 -1.29 1.74 -1.25
C VAL A 25 0.00 1.78 -0.45
N GLU A 26 -0.09 1.40 0.82
CA GLU A 26 1.08 1.39 1.71
C GLU A 26 1.72 0.01 1.74
N LYS A 27 0.94 -1.00 2.10
CA LYS A 27 1.43 -2.37 2.18
C LYS A 27 0.31 -3.33 2.53
N VAL A 28 0.56 -4.62 2.34
CA VAL A 28 -0.43 -5.65 2.64
C VAL A 28 -0.40 -6.04 4.11
N LEU A 29 -1.44 -5.70 4.84
CA LEU A 29 -1.52 -6.01 6.27
C LEU A 29 -2.14 -7.39 6.48
N ASP A 30 -3.30 -7.62 5.88
CA ASP A 30 -4.00 -8.89 5.99
C ASP A 30 -4.63 -9.29 4.68
N ARG A 31 -5.06 -10.55 4.58
CA ARG A 31 -5.69 -11.06 3.37
C ARG A 31 -6.92 -11.89 3.71
N ARG A 32 -7.93 -11.81 2.84
CA ARG A 32 -9.17 -12.56 3.05
C ARG A 32 -9.94 -12.68 1.74
N MET A 33 -10.62 -13.81 1.56
CA MET A 33 -11.41 -14.05 0.36
C MET A 33 -12.88 -14.28 0.71
N VAL A 34 -13.77 -13.72 -0.11
CA VAL A 34 -15.21 -13.87 0.11
C VAL A 34 -15.96 -13.93 -1.21
N LYS A 35 -16.90 -14.88 -1.30
CA LYS A 35 -17.69 -15.05 -2.51
C LYS A 35 -16.80 -15.21 -3.73
N GLY A 36 -15.80 -16.08 -3.63
CA GLY A 36 -14.89 -16.32 -4.73
C GLY A 36 -14.16 -15.06 -5.15
N GLN A 37 -13.97 -14.15 -4.20
CA GLN A 37 -13.27 -12.89 -4.48
C GLN A 37 -12.15 -12.65 -3.46
N VAL A 38 -10.95 -12.42 -3.97
CA VAL A 38 -9.80 -12.18 -3.11
C VAL A 38 -9.68 -10.70 -2.75
N GLU A 39 -9.55 -10.43 -1.45
CA GLU A 39 -9.44 -9.05 -0.97
C GLU A 39 -8.15 -8.86 -0.17
N TYR A 40 -7.69 -7.62 -0.10
CA TYR A 40 -6.47 -7.31 0.64
C TYR A 40 -6.64 -6.03 1.46
N LEU A 41 -6.10 -6.04 2.68
CA LEU A 41 -6.19 -4.88 3.55
C LEU A 41 -5.07 -3.88 3.27
N LEU A 42 -5.40 -2.81 2.57
CA LEU A 42 -4.43 -1.77 2.23
C LEU A 42 -4.87 -0.42 2.76
N LYS A 43 -3.90 0.48 2.95
CA LYS A 43 -4.19 1.82 3.44
C LYS A 43 -3.80 2.88 2.42
N TRP A 44 -4.71 3.80 2.14
CA TRP A 44 -4.45 4.86 1.18
C TRP A 44 -3.69 6.02 1.82
N LYS A 45 -2.92 6.74 1.03
CA LYS A 45 -2.14 7.87 1.52
C LYS A 45 -3.03 8.81 2.33
N GLY A 46 -2.75 8.92 3.63
CA GLY A 46 -3.52 9.80 4.49
C GLY A 46 -4.35 9.03 5.50
N PHE A 47 -4.95 7.94 5.06
CA PHE A 47 -5.79 7.12 5.93
C PHE A 47 -4.90 6.30 6.90
N SER A 48 -5.45 6.02 8.08
CA SER A 48 -4.72 5.26 9.09
C SER A 48 -5.29 3.84 9.21
N GLU A 49 -4.63 3.02 10.02
CA GLU A 49 -5.06 1.64 10.22
C GLU A 49 -6.55 1.59 10.58
N GLU A 50 -6.97 2.48 11.47
CA GLU A 50 -8.37 2.54 11.89
C GLU A 50 -9.30 2.69 10.69
N HIS A 51 -8.83 3.39 9.67
CA HIS A 51 -9.62 3.61 8.46
C HIS A 51 -9.28 2.57 7.39
N ASN A 52 -8.72 1.43 7.83
CA ASN A 52 -8.36 0.36 6.91
C ASN A 52 -9.52 0.02 5.98
N THR A 53 -9.19 -0.51 4.81
CA THR A 53 -10.20 -0.89 3.83
C THR A 53 -9.76 -2.09 3.02
N TRP A 54 -10.71 -2.95 2.66
CA TRP A 54 -10.42 -4.14 1.88
C TRP A 54 -10.69 -3.91 0.40
N GLU A 55 -9.69 -4.19 -0.43
CA GLU A 55 -9.82 -4.00 -1.87
C GLU A 55 -9.57 -5.31 -2.61
N PRO A 56 -10.17 -5.44 -3.80
CA PRO A 56 -10.04 -6.64 -4.64
C PRO A 56 -8.63 -6.78 -5.22
N GLU A 57 -8.11 -8.00 -5.21
CA GLU A 57 -6.77 -8.26 -5.74
C GLU A 57 -6.64 -7.73 -7.17
N LYS A 58 -7.71 -7.87 -7.94
CA LYS A 58 -7.71 -7.40 -9.33
C LYS A 58 -7.37 -5.91 -9.40
N ASN A 59 -7.80 -5.17 -8.39
CA ASN A 59 -7.54 -3.74 -8.34
C ASN A 59 -6.15 -3.44 -7.77
N LEU A 60 -5.72 -4.29 -6.84
CA LEU A 60 -4.41 -4.12 -6.21
C LEU A 60 -3.31 -4.06 -7.27
N ASP A 61 -2.86 -2.85 -7.57
CA ASP A 61 -1.80 -2.66 -8.56
C ASP A 61 -0.42 -2.84 -7.94
N CYS A 62 -0.23 -3.97 -7.27
CA CYS A 62 1.04 -4.27 -6.62
C CYS A 62 1.12 -5.74 -6.23
N PRO A 63 1.51 -6.59 -7.21
CA PRO A 63 1.64 -8.03 -6.99
C PRO A 63 2.81 -8.37 -6.07
N GLU A 64 3.91 -7.65 -6.22
CA GLU A 64 5.11 -7.88 -5.41
C GLU A 64 4.76 -7.84 -3.93
N LEU A 65 3.92 -6.89 -3.54
CA LEU A 65 3.51 -6.75 -2.14
C LEU A 65 2.97 -8.06 -1.60
N ILE A 66 2.00 -8.65 -2.32
CA ILE A 66 1.40 -9.90 -1.91
C ILE A 66 2.44 -11.02 -1.85
N SER A 67 3.24 -11.14 -2.90
CA SER A 67 4.27 -12.16 -2.97
C SER A 67 5.16 -12.12 -1.72
N GLU A 68 5.65 -10.93 -1.40
CA GLU A 68 6.51 -10.75 -0.23
C GLU A 68 5.76 -11.09 1.06
N PHE A 69 4.54 -10.56 1.18
CA PHE A 69 3.73 -10.82 2.37
C PHE A 69 3.63 -12.30 2.66
N MET A 70 3.35 -13.09 1.63
CA MET A 70 3.22 -14.53 1.79
C MET A 70 4.44 -15.11 2.49
N LYS A 71 5.60 -14.49 2.26
CA LYS A 71 6.85 -14.93 2.89
C LYS A 71 6.75 -14.87 4.41
N LYS A 72 6.15 -13.80 4.91
CA LYS A 72 5.99 -13.62 6.35
C LYS A 72 4.87 -14.51 6.89
N TYR A 73 3.71 -14.47 6.23
CA TYR A 73 2.57 -15.28 6.65
C TYR A 73 2.95 -16.75 6.75
N LYS A 74 3.79 -17.21 5.82
CA LYS A 74 4.23 -18.60 5.80
C LYS A 74 4.71 -19.03 7.18
N LYS A 75 5.57 -18.21 7.78
CA LYS A 75 6.11 -18.51 9.10
C LYS A 75 5.07 -18.26 10.19
N MET A 76 4.31 -17.17 10.04
CA MET A 76 3.28 -16.83 11.00
C MET A 76 2.31 -17.99 11.21
N LYS A 77 1.76 -18.49 10.10
CA LYS A 77 0.82 -19.60 10.16
C LYS A 77 1.46 -20.81 10.83
N GLU A 78 2.59 -21.25 10.30
CA GLU A 78 3.29 -22.41 10.84
C GLU A 78 4.78 -22.34 10.51
N GLY A 79 5.09 -22.21 9.23
CA GLY A 79 6.48 -22.13 8.81
C GLY A 79 6.99 -23.44 8.24
N GLU A 80 6.92 -23.57 6.92
CA GLU A 80 7.37 -24.78 6.25
C GLU A 80 8.51 -24.48 5.28
N ASN A 81 9.65 -25.15 5.49
CA ASN A 81 10.81 -24.94 4.64
C ASN A 81 10.83 -25.95 3.49
N ASN A 82 10.75 -25.44 2.26
CA ASN A 82 10.76 -26.29 1.08
C ASN A 82 12.01 -26.05 0.25
N LYS A 83 12.43 -27.07 -0.50
CA LYS A 83 13.60 -26.98 -1.35
C LYS A 83 13.20 -26.81 -2.82
N GLY A 1 20.77 36.95 -45.48
CA GLY A 1 21.06 36.16 -44.30
C GLY A 1 22.08 36.82 -43.39
N SER A 2 22.03 36.50 -42.10
CA SER A 2 22.95 37.08 -41.13
C SER A 2 23.43 36.01 -40.14
N HIS A 3 24.73 35.77 -40.13
CA HIS A 3 25.32 34.77 -39.24
C HIS A 3 26.66 35.26 -38.69
N MET A 4 26.72 35.48 -37.39
CA MET A 4 27.94 35.95 -36.74
C MET A 4 27.88 35.73 -35.23
N GLY A 5 28.66 34.76 -34.76
CA GLY A 5 28.69 34.47 -33.32
C GLY A 5 27.62 33.47 -32.93
N LYS A 6 26.37 33.91 -32.89
CA LYS A 6 25.26 33.04 -32.53
C LYS A 6 25.47 32.46 -31.13
N LYS A 7 24.81 33.07 -30.14
CA LYS A 7 24.92 32.62 -28.76
C LYS A 7 23.65 32.95 -27.98
N THR A 8 22.96 31.91 -27.50
CA THR A 8 21.74 32.10 -26.73
C THR A 8 21.74 31.24 -25.48
N LYS A 9 21.51 31.87 -24.33
CA LYS A 9 21.48 31.16 -23.06
C LYS A 9 20.82 32.02 -21.98
N ARG A 10 19.64 31.59 -21.53
CA ARG A 10 18.91 32.31 -20.51
C ARG A 10 18.99 31.59 -19.16
N THR A 11 18.62 30.31 -19.17
CA THR A 11 18.66 29.50 -17.95
C THR A 11 19.30 28.15 -18.21
N ALA A 12 19.96 27.60 -17.20
CA ALA A 12 20.62 26.31 -17.31
C ALA A 12 19.60 25.18 -17.27
N ASP A 13 18.77 25.16 -16.23
CA ASP A 13 17.75 24.14 -16.07
C ASP A 13 16.49 24.71 -15.42
N GLU A 18 4.43 22.04 -7.59
CA GLU A 18 3.02 22.29 -7.33
C GLU A 18 2.50 21.34 -6.25
N ASP A 19 1.69 21.87 -5.34
CA ASP A 19 1.12 21.06 -4.27
C ASP A 19 0.04 20.13 -4.80
N GLU A 20 0.28 18.82 -4.69
CA GLU A 20 -0.67 17.82 -5.16
C GLU A 20 -0.49 16.50 -4.42
N GLU A 21 -1.61 15.87 -4.06
CA GLU A 21 -1.57 14.59 -3.35
C GLU A 21 -2.56 13.61 -3.94
N GLU A 22 -2.24 12.33 -3.87
CA GLU A 22 -3.11 11.28 -4.40
C GLU A 22 -3.19 10.10 -3.43
N TYR A 23 -4.24 9.32 -3.57
CA TYR A 23 -4.45 8.15 -2.71
C TYR A 23 -3.71 6.94 -3.25
N VAL A 24 -2.64 6.55 -2.56
CA VAL A 24 -1.84 5.40 -2.96
C VAL A 24 -1.78 4.35 -1.85
N VAL A 25 -1.86 3.09 -2.25
CA VAL A 25 -1.81 1.99 -1.29
C VAL A 25 -0.48 1.97 -0.54
N GLU A 26 -0.51 1.53 0.71
CA GLU A 26 0.69 1.46 1.54
C GLU A 26 1.31 0.07 1.48
N LYS A 27 0.53 -0.93 1.86
CA LYS A 27 1.00 -2.31 1.84
C LYS A 27 -0.12 -3.27 2.26
N VAL A 28 0.10 -4.56 2.01
CA VAL A 28 -0.90 -5.58 2.36
C VAL A 28 -0.79 -5.96 3.83
N LEU A 29 -1.82 -5.62 4.59
CA LEU A 29 -1.85 -5.92 6.03
C LEU A 29 -2.43 -7.31 6.27
N ASP A 30 -3.60 -7.57 5.69
CA ASP A 30 -4.25 -8.86 5.85
C ASP A 30 -4.92 -9.29 4.54
N ARG A 31 -5.33 -10.55 4.48
CA ARG A 31 -5.97 -11.09 3.29
C ARG A 31 -7.08 -12.07 3.67
N ARG A 32 -8.16 -12.06 2.90
CA ARG A 32 -9.29 -12.95 3.15
C ARG A 32 -9.92 -13.42 1.83
N MET A 33 -10.76 -14.44 1.92
CA MET A 33 -11.43 -14.98 0.75
C MET A 33 -12.90 -15.24 1.03
N VAL A 34 -13.78 -14.73 0.16
CA VAL A 34 -15.21 -14.91 0.32
C VAL A 34 -15.90 -15.03 -1.02
N LYS A 35 -16.83 -15.97 -1.14
CA LYS A 35 -17.56 -16.18 -2.37
C LYS A 35 -16.61 -16.38 -3.55
N GLY A 36 -15.59 -17.20 -3.35
CA GLY A 36 -14.62 -17.45 -4.40
C GLY A 36 -13.92 -16.19 -4.85
N GLN A 37 -13.80 -15.22 -3.96
CA GLN A 37 -13.15 -13.95 -4.27
C GLN A 37 -12.08 -13.62 -3.25
N VAL A 38 -10.87 -13.36 -3.73
CA VAL A 38 -9.75 -13.01 -2.85
C VAL A 38 -9.66 -11.52 -2.63
N GLU A 39 -9.64 -11.11 -1.36
CA GLU A 39 -9.55 -9.69 -1.02
C GLU A 39 -8.21 -9.38 -0.35
N TYR A 40 -7.86 -8.10 -0.33
CA TYR A 40 -6.60 -7.66 0.27
C TYR A 40 -6.78 -6.32 0.98
N LEU A 41 -6.06 -6.16 2.09
CA LEU A 41 -6.14 -4.92 2.87
C LEU A 41 -5.24 -3.86 2.27
N LEU A 42 -5.82 -2.70 1.95
CA LEU A 42 -5.07 -1.59 1.37
C LEU A 42 -5.17 -0.36 2.26
N LYS A 43 -4.19 0.55 2.12
CA LYS A 43 -4.17 1.78 2.90
C LYS A 43 -3.85 2.98 2.02
N TRP A 44 -4.85 3.81 1.75
CA TRP A 44 -4.66 5.00 0.92
C TRP A 44 -3.92 6.08 1.69
N LYS A 45 -3.10 6.85 0.97
CA LYS A 45 -2.32 7.93 1.58
C LYS A 45 -3.22 8.85 2.39
N GLY A 46 -3.17 8.70 3.72
CA GLY A 46 -3.99 9.53 4.58
C GLY A 46 -4.81 8.71 5.56
N PHE A 47 -5.36 7.60 5.08
CA PHE A 47 -6.17 6.73 5.92
C PHE A 47 -5.31 6.00 6.95
N SER A 48 -5.84 5.86 8.16
CA SER A 48 -5.11 5.19 9.24
C SER A 48 -5.47 3.70 9.27
N GLU A 49 -4.70 2.93 10.05
CA GLU A 49 -4.94 1.50 10.18
C GLU A 49 -6.40 1.22 10.50
N GLU A 50 -6.92 1.91 11.52
CA GLU A 50 -8.31 1.72 11.93
C GLU A 50 -9.26 1.99 10.76
N HIS A 51 -8.84 2.86 9.85
CA HIS A 51 -9.65 3.20 8.69
C HIS A 51 -9.29 2.32 7.49
N ASN A 52 -8.67 1.18 7.77
CA ASN A 52 -8.26 0.26 6.72
C ASN A 52 -9.44 -0.07 5.80
N THR A 53 -9.13 -0.51 4.59
CA THR A 53 -10.16 -0.87 3.61
C THR A 53 -9.77 -2.11 2.83
N TRP A 54 -10.76 -2.92 2.50
CA TRP A 54 -10.53 -4.15 1.75
C TRP A 54 -10.86 -3.96 0.27
N GLU A 55 -10.12 -4.65 -0.59
CA GLU A 55 -10.33 -4.56 -2.03
C GLU A 55 -10.08 -5.90 -2.70
N PRO A 56 -10.70 -6.09 -3.88
CA PRO A 56 -10.56 -7.33 -4.65
C PRO A 56 -9.17 -7.48 -5.26
N GLU A 57 -8.62 -8.69 -5.19
CA GLU A 57 -7.30 -8.97 -5.73
C GLU A 57 -7.19 -8.49 -7.18
N LYS A 58 -8.27 -8.65 -7.93
CA LYS A 58 -8.30 -8.24 -9.33
C LYS A 58 -7.95 -6.76 -9.47
N ASN A 59 -8.43 -5.95 -8.52
CA ASN A 59 -8.18 -4.52 -8.54
C ASN A 59 -6.79 -4.20 -7.98
N LEU A 60 -6.26 -5.13 -7.18
CA LEU A 60 -4.94 -4.96 -6.59
C LEU A 60 -3.87 -4.79 -7.67
N ASP A 61 -3.53 -3.55 -7.96
CA ASP A 61 -2.52 -3.25 -8.97
C ASP A 61 -1.11 -3.31 -8.37
N CYS A 62 -0.82 -4.41 -7.69
CA CYS A 62 0.49 -4.61 -7.07
C CYS A 62 0.69 -6.05 -6.65
N PRO A 63 1.17 -6.88 -7.59
CA PRO A 63 1.41 -8.30 -7.35
C PRO A 63 2.60 -8.54 -6.41
N GLU A 64 3.60 -7.67 -6.51
CA GLU A 64 4.78 -7.78 -5.67
C GLU A 64 4.40 -7.78 -4.19
N LEU A 65 3.46 -6.92 -3.84
CA LEU A 65 3.01 -6.80 -2.45
C LEU A 65 2.58 -8.17 -1.91
N ILE A 66 1.69 -8.84 -2.65
CA ILE A 66 1.19 -10.15 -2.25
C ILE A 66 2.33 -11.14 -2.10
N SER A 67 3.21 -11.19 -3.10
CA SER A 67 4.34 -12.10 -3.09
C SER A 67 5.16 -11.92 -1.82
N GLU A 68 5.49 -10.67 -1.49
CA GLU A 68 6.27 -10.37 -0.30
C GLU A 68 5.49 -10.71 0.97
N PHE A 69 4.23 -10.30 1.01
CA PHE A 69 3.38 -10.57 2.16
C PHE A 69 3.41 -12.05 2.54
N MET A 70 3.22 -12.90 1.54
CA MET A 70 3.23 -14.34 1.75
C MET A 70 4.48 -14.78 2.52
N LYS A 71 5.57 -14.06 2.30
CA LYS A 71 6.83 -14.36 2.98
C LYS A 71 6.70 -14.17 4.49
N LYS A 72 5.99 -13.11 4.88
CA LYS A 72 5.79 -12.81 6.29
C LYS A 72 4.81 -13.79 6.92
N TYR A 73 3.66 -13.97 6.28
CA TYR A 73 2.63 -14.88 6.77
C TYR A 73 3.21 -16.27 7.01
N LYS A 74 4.02 -16.74 6.06
CA LYS A 74 4.63 -18.05 6.17
C LYS A 74 5.30 -18.23 7.53
N LYS A 75 6.11 -17.25 7.92
CA LYS A 75 6.81 -17.30 9.20
C LYS A 75 5.83 -17.22 10.36
N MET A 76 4.83 -16.35 10.23
CA MET A 76 3.82 -16.17 11.26
C MET A 76 3.21 -17.51 11.66
N LYS A 77 2.72 -18.25 10.67
CA LYS A 77 2.11 -19.55 10.91
C LYS A 77 3.17 -20.61 11.21
N GLU A 78 2.84 -21.54 12.09
CA GLU A 78 3.78 -22.60 12.45
C GLU A 78 3.05 -23.94 12.60
N GLY A 79 3.75 -25.02 12.29
CA GLY A 79 3.15 -26.34 12.40
C GLY A 79 3.92 -27.38 11.59
N GLU A 80 3.53 -27.55 10.33
CA GLU A 80 4.19 -28.52 9.47
C GLU A 80 4.52 -27.92 8.11
N ASN A 81 5.66 -28.30 7.55
CA ASN A 81 6.09 -27.79 6.26
C ASN A 81 5.60 -28.68 5.13
N ASN A 82 4.84 -28.09 4.20
CA ASN A 82 4.29 -28.84 3.07
C ASN A 82 5.03 -28.48 1.79
N LYS A 83 5.45 -29.50 1.04
CA LYS A 83 6.15 -29.29 -0.22
C LYS A 83 7.37 -28.39 -0.01
N GLY A 1 2.62 27.11 18.16
CA GLY A 1 3.85 27.11 18.92
C GLY A 1 3.88 28.17 19.99
N SER A 2 4.72 27.98 21.00
CA SER A 2 4.84 28.94 22.09
C SER A 2 6.30 29.27 22.37
N HIS A 3 6.68 30.52 22.13
CA HIS A 3 8.05 30.97 22.35
C HIS A 3 8.09 32.47 22.63
N MET A 4 9.10 32.91 23.36
CA MET A 4 9.26 34.31 23.70
C MET A 4 10.69 34.78 23.42
N GLY A 5 10.85 35.64 22.42
CA GLY A 5 12.15 36.16 22.07
C GLY A 5 13.04 35.10 21.45
N LYS A 6 12.56 34.49 20.36
CA LYS A 6 13.32 33.46 19.66
C LYS A 6 13.42 33.76 18.17
N LYS A 7 14.59 33.53 17.59
CA LYS A 7 14.80 33.77 16.18
C LYS A 7 15.76 32.74 15.59
N THR A 8 15.23 31.85 14.76
CA THR A 8 16.04 30.82 14.13
C THR A 8 15.64 30.61 12.68
N LYS A 9 16.63 30.40 11.82
CA LYS A 9 16.38 30.20 10.40
C LYS A 9 16.33 28.70 10.07
N ARG A 10 15.13 28.21 9.77
CA ARG A 10 14.94 26.80 9.45
C ARG A 10 13.84 26.63 8.42
N THR A 11 13.96 25.59 7.59
CA THR A 11 12.97 25.31 6.56
C THR A 11 12.56 23.84 6.57
N ALA A 12 11.33 23.57 7.00
CA ALA A 12 10.82 22.21 7.05
C ALA A 12 9.77 21.97 5.98
N ASP A 13 8.75 22.83 5.96
CA ASP A 13 7.68 22.71 4.97
C ASP A 13 8.15 23.21 3.60
N GLU A 18 1.03 20.73 -3.20
CA GLU A 18 0.29 20.24 -4.36
C GLU A 18 -1.19 20.54 -4.23
N ASP A 19 -1.87 20.66 -5.37
CA ASP A 19 -3.30 20.94 -5.38
C ASP A 19 -4.08 19.83 -4.67
N GLU A 20 -3.80 18.59 -5.04
CA GLU A 20 -4.47 17.45 -4.44
C GLU A 20 -3.50 16.30 -4.20
N GLU A 21 -3.67 15.62 -3.07
CA GLU A 21 -2.80 14.50 -2.72
C GLU A 21 -3.06 13.29 -3.60
N GLU A 22 -2.05 12.45 -3.78
CA GLU A 22 -2.18 11.26 -4.61
C GLU A 22 -2.37 10.01 -3.74
N TYR A 23 -3.03 9.01 -4.30
CA TYR A 23 -3.28 7.77 -3.59
C TYR A 23 -2.28 6.69 -3.99
N VAL A 24 -1.48 6.24 -3.02
CA VAL A 24 -0.48 5.21 -3.28
C VAL A 24 -0.53 4.12 -2.22
N VAL A 25 -0.38 2.87 -2.66
CA VAL A 25 -0.40 1.73 -1.74
C VAL A 25 0.84 1.71 -0.86
N GLU A 26 0.68 1.20 0.35
CA GLU A 26 1.79 1.10 1.30
C GLU A 26 2.28 -0.33 1.43
N LYS A 27 1.38 -1.22 1.81
CA LYS A 27 1.72 -2.63 1.97
C LYS A 27 0.48 -3.45 2.34
N VAL A 28 0.60 -4.78 2.23
CA VAL A 28 -0.50 -5.67 2.55
C VAL A 28 -0.57 -5.94 4.05
N LEU A 29 -1.61 -5.43 4.70
CA LEU A 29 -1.78 -5.62 6.13
C LEU A 29 -2.40 -6.97 6.44
N ASP A 30 -3.51 -7.27 5.77
CA ASP A 30 -4.20 -8.54 5.96
C ASP A 30 -4.83 -9.02 4.65
N ARG A 31 -5.28 -10.27 4.65
CA ARG A 31 -5.91 -10.84 3.45
C ARG A 31 -7.08 -11.74 3.84
N ARG A 32 -8.11 -11.76 3.00
CA ARG A 32 -9.29 -12.58 3.25
C ARG A 32 -10.09 -12.79 1.97
N MET A 33 -10.78 -13.92 1.89
CA MET A 33 -11.58 -14.25 0.72
C MET A 33 -13.06 -14.26 1.06
N VAL A 34 -13.87 -13.68 0.19
CA VAL A 34 -15.31 -13.62 0.40
C VAL A 34 -16.07 -13.83 -0.90
N LYS A 35 -17.11 -14.66 -0.85
CA LYS A 35 -17.92 -14.96 -2.02
C LYS A 35 -17.05 -15.43 -3.18
N GLY A 36 -16.15 -16.37 -2.88
CA GLY A 36 -15.26 -16.90 -3.91
C GLY A 36 -14.40 -15.82 -4.54
N GLN A 37 -14.12 -14.77 -3.79
CA GLN A 37 -13.30 -13.66 -4.28
C GLN A 37 -12.23 -13.29 -3.28
N VAL A 38 -10.98 -13.26 -3.73
CA VAL A 38 -9.85 -12.92 -2.87
C VAL A 38 -9.74 -11.41 -2.69
N GLU A 39 -9.59 -10.97 -1.45
CA GLU A 39 -9.47 -9.56 -1.14
C GLU A 39 -8.17 -9.27 -0.40
N TYR A 40 -7.77 -8.00 -0.38
CA TYR A 40 -6.55 -7.58 0.30
C TYR A 40 -6.72 -6.22 0.95
N LEU A 41 -6.06 -6.05 2.10
CA LEU A 41 -6.15 -4.79 2.84
C LEU A 41 -5.18 -3.76 2.24
N LEU A 42 -5.73 -2.78 1.54
CA LEU A 42 -4.92 -1.72 0.93
C LEU A 42 -4.95 -0.46 1.77
N LYS A 43 -3.82 0.24 1.82
CA LYS A 43 -3.71 1.47 2.58
C LYS A 43 -3.14 2.61 1.73
N TRP A 44 -3.92 3.66 1.55
CA TRP A 44 -3.49 4.81 0.75
C TRP A 44 -2.69 5.78 1.60
N LYS A 45 -1.63 6.33 1.02
CA LYS A 45 -0.77 7.29 1.73
C LYS A 45 -1.61 8.41 2.33
N GLY A 46 -1.53 8.54 3.66
CA GLY A 46 -2.29 9.58 4.34
C GLY A 46 -3.32 9.00 5.29
N PHE A 47 -3.99 7.94 4.86
CA PHE A 47 -5.02 7.30 5.67
C PHE A 47 -4.39 6.52 6.82
N SER A 48 -5.07 6.49 7.97
CA SER A 48 -4.59 5.77 9.14
C SER A 48 -5.03 4.32 9.12
N GLU A 49 -4.53 3.53 10.06
CA GLU A 49 -4.87 2.12 10.16
C GLU A 49 -6.39 1.94 10.21
N GLU A 50 -7.04 2.74 11.05
CA GLU A 50 -8.48 2.67 11.20
C GLU A 50 -9.19 2.96 9.89
N HIS A 51 -8.47 3.60 8.98
CA HIS A 51 -9.03 3.94 7.67
C HIS A 51 -8.73 2.84 6.65
N ASN A 52 -8.41 1.65 7.15
CA ASN A 52 -8.10 0.52 6.28
C ASN A 52 -9.26 0.22 5.34
N THR A 53 -8.95 -0.38 4.19
CA THR A 53 -9.97 -0.71 3.20
C THR A 53 -9.64 -2.01 2.49
N TRP A 54 -10.67 -2.79 2.17
CA TRP A 54 -10.47 -4.06 1.48
C TRP A 54 -10.77 -3.92 0.00
N GLU A 55 -9.95 -4.58 -0.83
CA GLU A 55 -10.12 -4.53 -2.27
C GLU A 55 -9.90 -5.90 -2.90
N PRO A 56 -10.57 -6.16 -4.03
CA PRO A 56 -10.46 -7.43 -4.75
C PRO A 56 -9.10 -7.61 -5.40
N GLU A 57 -8.69 -8.86 -5.58
CA GLU A 57 -7.40 -9.16 -6.20
C GLU A 57 -7.27 -8.49 -7.56
N LYS A 58 -8.35 -8.54 -8.34
CA LYS A 58 -8.37 -7.94 -9.67
C LYS A 58 -8.02 -6.45 -9.59
N ASN A 59 -8.36 -5.84 -8.46
CA ASN A 59 -8.08 -4.41 -8.27
C ASN A 59 -6.69 -4.21 -7.70
N LEU A 60 -6.21 -5.17 -6.92
CA LEU A 60 -4.89 -5.09 -6.32
C LEU A 60 -3.81 -4.99 -7.40
N ASP A 61 -3.41 -3.77 -7.72
CA ASP A 61 -2.38 -3.55 -8.73
C ASP A 61 -0.99 -3.66 -8.12
N CYS A 62 -0.73 -4.76 -7.43
CA CYS A 62 0.57 -4.98 -6.80
C CYS A 62 0.73 -6.44 -6.37
N PRO A 63 1.12 -7.29 -7.34
CA PRO A 63 1.31 -8.72 -7.09
C PRO A 63 2.52 -9.01 -6.21
N GLU A 64 3.62 -8.27 -6.45
CA GLU A 64 4.83 -8.44 -5.68
C GLU A 64 4.54 -8.33 -4.18
N LEU A 65 3.67 -7.40 -3.82
CA LEU A 65 3.31 -7.19 -2.42
C LEU A 65 2.86 -8.50 -1.77
N ILE A 66 1.92 -9.17 -2.43
CA ILE A 66 1.40 -10.44 -1.91
C ILE A 66 2.51 -11.47 -1.75
N SER A 67 3.34 -11.60 -2.78
CA SER A 67 4.45 -12.55 -2.76
C SER A 67 5.30 -12.35 -1.51
N GLU A 68 5.66 -11.10 -1.23
CA GLU A 68 6.47 -10.78 -0.06
C GLU A 68 5.71 -11.06 1.23
N PHE A 69 4.47 -10.59 1.30
CA PHE A 69 3.64 -10.78 2.47
C PHE A 69 3.61 -12.25 2.88
N MET A 70 3.36 -13.13 1.90
CA MET A 70 3.31 -14.56 2.15
C MET A 70 4.55 -15.02 2.92
N LYS A 71 5.67 -14.36 2.67
CA LYS A 71 6.92 -14.71 3.33
C LYS A 71 6.82 -14.50 4.85
N LYS A 72 6.15 -13.41 5.24
CA LYS A 72 5.98 -13.10 6.65
C LYS A 72 4.92 -14.00 7.28
N TYR A 73 3.77 -14.10 6.62
CA TYR A 73 2.68 -14.93 7.12
C TYR A 73 3.14 -16.35 7.36
N LYS A 74 3.94 -16.87 6.44
CA LYS A 74 4.46 -18.24 6.54
C LYS A 74 5.07 -18.47 7.92
N LYS A 75 5.93 -17.54 8.34
CA LYS A 75 6.59 -17.65 9.63
C LYS A 75 5.59 -17.47 10.77
N MET A 76 4.72 -16.48 10.63
CA MET A 76 3.71 -16.20 11.65
C MET A 76 2.87 -17.44 11.95
N LYS A 77 2.31 -18.03 10.89
CA LYS A 77 1.49 -19.23 11.03
C LYS A 77 1.85 -20.27 9.98
N GLU A 78 1.74 -21.54 10.34
CA GLU A 78 2.07 -22.63 9.43
C GLU A 78 0.95 -23.69 9.43
N GLY A 79 0.74 -24.31 8.27
CA GLY A 79 -0.28 -25.33 8.16
C GLY A 79 -0.05 -26.25 6.98
N GLU A 80 -0.47 -25.83 5.80
CA GLU A 80 -0.31 -26.63 4.59
C GLU A 80 1.12 -26.57 4.09
N ASN A 81 1.57 -27.65 3.47
CA ASN A 81 2.93 -27.72 2.93
C ASN A 81 2.93 -27.55 1.42
N ASN A 82 4.03 -27.01 0.89
CA ASN A 82 4.15 -26.79 -0.54
C ASN A 82 5.62 -26.74 -0.96
N LYS A 83 5.94 -27.44 -2.04
CA LYS A 83 7.32 -27.48 -2.54
C LYS A 83 7.54 -26.39 -3.58
N GLY A 1 43.16 47.38 -9.75
CA GLY A 1 42.17 46.31 -9.68
C GLY A 1 42.82 44.95 -9.58
N SER A 2 42.69 44.33 -8.41
CA SER A 2 43.28 43.00 -8.18
C SER A 2 42.43 41.92 -8.83
N HIS A 3 43.07 41.05 -9.60
CA HIS A 3 42.38 39.96 -10.28
C HIS A 3 42.37 38.70 -9.41
N MET A 4 41.26 38.49 -8.71
CA MET A 4 41.12 37.33 -7.84
C MET A 4 39.68 37.15 -7.38
N GLY A 5 39.18 35.92 -7.45
CA GLY A 5 37.82 35.65 -7.04
C GLY A 5 36.80 36.50 -7.80
N LYS A 6 36.52 36.11 -9.03
CA LYS A 6 35.57 36.84 -9.87
C LYS A 6 34.19 36.86 -9.22
N LYS A 7 33.59 38.05 -9.17
CA LYS A 7 32.27 38.21 -8.57
C LYS A 7 31.19 37.63 -9.48
N THR A 8 30.62 36.50 -9.06
CA THR A 8 29.57 35.85 -9.84
C THR A 8 28.21 36.02 -9.19
N LYS A 9 27.18 36.24 -10.01
CA LYS A 9 25.83 36.43 -9.50
C LYS A 9 24.83 35.66 -10.36
N ARG A 10 24.14 34.70 -9.75
CA ARG A 10 23.15 33.90 -10.46
C ARG A 10 21.84 33.84 -9.68
N THR A 11 20.72 34.04 -10.39
CA THR A 11 19.42 34.00 -9.76
C THR A 11 18.93 32.57 -9.56
N ALA A 12 18.29 32.32 -8.43
CA ALA A 12 17.78 30.98 -8.12
C ALA A 12 16.52 30.68 -8.92
N ASP A 13 15.53 31.58 -8.82
CA ASP A 13 14.28 31.41 -9.54
C ASP A 13 13.58 30.12 -9.11
N GLU A 18 1.41 23.27 -7.49
CA GLU A 18 0.30 22.48 -6.95
C GLU A 18 0.61 20.99 -7.06
N ASP A 19 0.38 20.27 -5.97
CA ASP A 19 0.63 18.84 -5.93
C ASP A 19 -0.68 18.05 -5.96
N GLU A 20 -0.81 17.14 -6.92
CA GLU A 20 -2.01 16.33 -7.05
C GLU A 20 -1.99 15.15 -6.07
N GLU A 21 -2.87 15.21 -5.07
CA GLU A 21 -2.96 14.16 -4.08
C GLU A 21 -3.56 12.88 -4.67
N GLU A 22 -2.72 11.88 -4.87
CA GLU A 22 -3.16 10.60 -5.44
C GLU A 22 -3.04 9.48 -4.41
N TYR A 23 -4.01 8.57 -4.43
CA TYR A 23 -4.01 7.44 -3.49
C TYR A 23 -2.77 6.58 -3.69
N VAL A 24 -2.12 6.23 -2.58
CA VAL A 24 -0.93 5.40 -2.62
C VAL A 24 -1.00 4.26 -1.61
N VAL A 25 -0.72 3.04 -2.07
CA VAL A 25 -0.76 1.88 -1.21
C VAL A 25 0.46 1.84 -0.28
N GLU A 26 0.27 1.29 0.92
CA GLU A 26 1.34 1.20 1.90
C GLU A 26 1.89 -0.23 1.96
N LYS A 27 1.01 -1.19 2.25
CA LYS A 27 1.40 -2.59 2.34
C LYS A 27 0.20 -3.48 2.63
N VAL A 28 0.36 -4.78 2.44
CA VAL A 28 -0.71 -5.73 2.69
C VAL A 28 -0.79 -6.12 4.16
N LEU A 29 -1.88 -5.76 4.81
CA LEU A 29 -2.07 -6.07 6.23
C LEU A 29 -2.69 -7.45 6.39
N ASP A 30 -3.79 -7.69 5.68
CA ASP A 30 -4.48 -8.97 5.75
C ASP A 30 -5.04 -9.37 4.38
N ARG A 31 -5.46 -10.62 4.26
CA ARG A 31 -6.01 -11.13 3.01
C ARG A 31 -6.98 -12.26 3.26
N ARG A 32 -8.07 -12.29 2.49
CA ARG A 32 -9.08 -13.34 2.62
C ARG A 32 -9.96 -13.41 1.38
N MET A 33 -10.62 -14.54 1.19
CA MET A 33 -11.50 -14.74 0.04
C MET A 33 -12.94 -14.91 0.49
N VAL A 34 -13.82 -14.05 -0.03
CA VAL A 34 -15.24 -14.10 0.31
C VAL A 34 -16.11 -14.02 -0.94
N LYS A 35 -17.15 -14.84 -0.97
CA LYS A 35 -18.06 -14.86 -2.12
C LYS A 35 -17.30 -15.10 -3.42
N GLY A 36 -16.38 -16.07 -3.40
CA GLY A 36 -15.61 -16.37 -4.58
C GLY A 36 -14.80 -15.18 -5.07
N GLN A 37 -14.43 -14.29 -4.15
CA GLN A 37 -13.66 -13.11 -4.49
C GLN A 37 -12.59 -12.83 -3.44
N VAL A 38 -11.35 -12.70 -3.89
CA VAL A 38 -10.23 -12.44 -2.99
C VAL A 38 -10.08 -10.95 -2.72
N GLU A 39 -9.93 -10.59 -1.45
CA GLU A 39 -9.78 -9.19 -1.08
C GLU A 39 -8.45 -8.96 -0.33
N TYR A 40 -7.96 -7.74 -0.37
CA TYR A 40 -6.71 -7.40 0.29
C TYR A 40 -6.84 -6.09 1.07
N LEU A 41 -6.18 -6.03 2.23
CA LEU A 41 -6.23 -4.84 3.07
C LEU A 41 -5.27 -3.78 2.55
N LEU A 42 -5.84 -2.72 1.97
CA LEU A 42 -5.03 -1.63 1.43
C LEU A 42 -5.08 -0.41 2.36
N LYS A 43 -3.92 0.21 2.55
CA LYS A 43 -3.82 1.39 3.41
C LYS A 43 -3.39 2.61 2.62
N TRP A 44 -4.35 3.49 2.33
CA TRP A 44 -4.07 4.70 1.57
C TRP A 44 -3.35 5.72 2.44
N LYS A 45 -2.50 6.54 1.81
CA LYS A 45 -1.75 7.56 2.53
C LYS A 45 -2.69 8.43 3.37
N GLY A 46 -2.43 8.47 4.68
CA GLY A 46 -3.25 9.26 5.58
C GLY A 46 -4.19 8.41 6.40
N PHE A 47 -4.70 7.34 5.79
CA PHE A 47 -5.63 6.44 6.48
C PHE A 47 -4.90 5.63 7.55
N SER A 48 -5.51 5.52 8.72
CA SER A 48 -4.92 4.77 9.83
C SER A 48 -5.41 3.33 9.83
N GLU A 49 -4.77 2.50 10.65
CA GLU A 49 -5.15 1.09 10.74
C GLU A 49 -6.65 0.94 10.95
N GLU A 50 -7.19 1.66 11.93
CA GLU A 50 -8.61 1.60 12.24
C GLU A 50 -9.44 1.95 11.01
N HIS A 51 -8.88 2.77 10.13
CA HIS A 51 -9.56 3.19 8.92
C HIS A 51 -9.18 2.29 7.74
N ASN A 52 -8.69 1.10 8.05
CA ASN A 52 -8.29 0.15 7.02
C ASN A 52 -9.42 -0.10 6.03
N THR A 53 -9.06 -0.49 4.81
CA THR A 53 -10.05 -0.76 3.78
C THR A 53 -9.67 -1.97 2.95
N TRP A 54 -10.67 -2.70 2.48
CA TRP A 54 -10.43 -3.90 1.67
C TRP A 54 -10.68 -3.62 0.20
N GLU A 55 -9.94 -4.31 -0.67
CA GLU A 55 -10.09 -4.14 -2.11
C GLU A 55 -9.94 -5.47 -2.83
N PRO A 56 -10.58 -5.58 -4.01
CA PRO A 56 -10.53 -6.79 -4.82
C PRO A 56 -9.15 -7.02 -5.45
N GLU A 57 -8.71 -8.27 -5.45
CA GLU A 57 -7.41 -8.62 -6.01
C GLU A 57 -7.28 -8.08 -7.43
N LYS A 58 -8.36 -8.14 -8.20
CA LYS A 58 -8.36 -7.67 -9.57
C LYS A 58 -7.94 -6.20 -9.64
N ASN A 59 -8.34 -5.43 -8.63
CA ASN A 59 -7.99 -4.01 -8.58
C ASN A 59 -6.61 -3.81 -7.96
N LEU A 60 -6.19 -4.76 -7.14
CA LEU A 60 -4.88 -4.69 -6.48
C LEU A 60 -3.76 -4.67 -7.52
N ASP A 61 -3.33 -3.48 -7.90
CA ASP A 61 -2.27 -3.33 -8.88
C ASP A 61 -0.90 -3.41 -8.20
N CYS A 62 -0.67 -4.47 -7.43
CA CYS A 62 0.59 -4.66 -6.73
C CYS A 62 0.79 -6.13 -6.38
N PRO A 63 1.30 -6.90 -7.36
CA PRO A 63 1.56 -8.34 -7.19
C PRO A 63 2.73 -8.60 -6.24
N GLU A 64 3.78 -7.80 -6.37
CA GLU A 64 4.96 -7.95 -5.53
C GLU A 64 4.58 -7.91 -4.05
N LEU A 65 3.64 -7.03 -3.71
CA LEU A 65 3.19 -6.90 -2.32
C LEU A 65 2.78 -8.25 -1.75
N ILE A 66 1.93 -8.96 -2.48
CA ILE A 66 1.46 -10.28 -2.04
C ILE A 66 2.63 -11.24 -1.88
N SER A 67 3.50 -11.29 -2.88
CA SER A 67 4.66 -12.18 -2.86
C SER A 67 5.48 -11.96 -1.59
N GLU A 68 5.77 -10.70 -1.29
CA GLU A 68 6.56 -10.35 -0.10
C GLU A 68 5.79 -10.71 1.17
N PHE A 69 4.52 -10.33 1.22
CA PHE A 69 3.69 -10.60 2.38
C PHE A 69 3.75 -12.07 2.76
N MET A 70 3.57 -12.93 1.76
CA MET A 70 3.61 -14.38 1.99
C MET A 70 4.86 -14.78 2.75
N LYS A 71 5.95 -14.03 2.54
CA LYS A 71 7.20 -14.31 3.22
C LYS A 71 7.06 -14.14 4.72
N LYS A 72 6.34 -13.11 5.14
CA LYS A 72 6.13 -12.84 6.55
C LYS A 72 5.12 -13.81 7.15
N TYR A 73 3.98 -13.96 6.48
CA TYR A 73 2.93 -14.86 6.94
C TYR A 73 3.49 -16.25 7.21
N LYS A 74 4.40 -16.69 6.35
CA LYS A 74 5.01 -18.01 6.48
C LYS A 74 5.55 -18.22 7.90
N LYS A 75 6.28 -17.23 8.40
CA LYS A 75 6.85 -17.29 9.74
C LYS A 75 5.76 -17.14 10.79
N MET A 76 4.88 -16.18 10.58
CA MET A 76 3.78 -15.93 11.52
C MET A 76 2.99 -17.21 11.79
N LYS A 77 2.53 -17.85 10.72
CA LYS A 77 1.76 -19.08 10.85
C LYS A 77 2.39 -20.20 10.02
N GLU A 78 2.45 -21.40 10.60
CA GLU A 78 3.04 -22.54 9.91
C GLU A 78 2.13 -23.03 8.79
N GLY A 79 2.73 -23.55 7.73
CA GLY A 79 1.95 -24.04 6.60
C GLY A 79 2.46 -25.38 6.08
N GLU A 80 1.54 -26.30 5.86
CA GLU A 80 1.90 -27.63 5.37
C GLU A 80 2.05 -27.63 3.85
N ASN A 81 3.22 -28.04 3.38
CA ASN A 81 3.50 -28.08 1.95
C ASN A 81 4.53 -29.17 1.63
N ASN A 82 4.38 -29.78 0.46
CA ASN A 82 5.30 -30.84 0.03
C ASN A 82 5.72 -30.64 -1.43
N LYS A 83 7.03 -30.49 -1.64
CA LYS A 83 7.56 -30.30 -2.98
C LYS A 83 8.04 -31.61 -3.58
N GLY A 1 25.11 35.38 -37.90
CA GLY A 1 25.19 36.13 -39.15
C GLY A 1 24.32 37.37 -39.13
N SER A 2 23.02 37.18 -39.37
CA SER A 2 22.08 38.29 -39.38
C SER A 2 20.66 37.79 -39.20
N HIS A 3 19.94 38.38 -38.24
CA HIS A 3 18.57 38.00 -37.96
C HIS A 3 17.74 39.21 -37.55
N MET A 4 16.56 39.34 -38.14
CA MET A 4 15.66 40.45 -37.83
C MET A 4 14.21 39.98 -37.71
N GLY A 5 13.66 40.08 -36.51
CA GLY A 5 12.29 39.67 -36.29
C GLY A 5 12.15 38.16 -36.19
N LYS A 6 12.90 37.56 -35.28
CA LYS A 6 12.86 36.11 -35.08
C LYS A 6 11.72 35.71 -34.16
N LYS A 7 10.78 34.92 -34.67
CA LYS A 7 9.65 34.47 -33.88
C LYS A 7 9.89 33.07 -33.31
N THR A 8 10.06 32.99 -31.99
CA THR A 8 10.30 31.73 -31.33
C THR A 8 9.50 31.61 -30.04
N LYS A 9 9.09 30.40 -29.71
CA LYS A 9 8.30 30.15 -28.49
C LYS A 9 8.82 28.92 -27.77
N ARG A 10 9.48 29.14 -26.63
CA ARG A 10 10.01 28.04 -25.83
C ARG A 10 10.28 28.48 -24.40
N THR A 11 10.19 27.55 -23.46
CA THR A 11 10.43 27.85 -22.06
C THR A 11 10.88 26.61 -21.30
N ALA A 12 11.62 26.82 -20.21
CA ALA A 12 12.11 25.71 -19.40
C ALA A 12 11.03 25.22 -18.44
N ASP A 13 10.48 26.14 -17.65
CA ASP A 13 9.44 25.78 -16.70
C ASP A 13 8.58 27.00 -16.37
N GLU A 18 0.12 24.52 -6.04
CA GLU A 18 0.51 23.80 -4.82
C GLU A 18 0.59 22.30 -5.09
N ASP A 19 1.44 21.62 -4.34
CA ASP A 19 1.61 20.18 -4.49
C ASP A 19 0.54 19.42 -3.73
N GLU A 20 -0.34 18.75 -4.46
CA GLU A 20 -1.42 17.98 -3.85
C GLU A 20 -1.02 16.51 -3.70
N GLU A 21 -1.23 15.98 -2.50
CA GLU A 21 -0.90 14.58 -2.22
C GLU A 21 -1.92 13.64 -2.85
N GLU A 22 -1.42 12.57 -3.46
CA GLU A 22 -2.30 11.59 -4.10
C GLU A 22 -2.41 10.32 -3.25
N TYR A 23 -3.48 9.57 -3.47
CA TYR A 23 -3.70 8.33 -2.73
C TYR A 23 -2.92 7.18 -3.34
N VAL A 24 -1.91 6.71 -2.61
CA VAL A 24 -1.08 5.61 -3.08
C VAL A 24 -1.04 4.48 -2.05
N VAL A 25 -0.92 3.25 -2.54
CA VAL A 25 -0.86 2.08 -1.67
C VAL A 25 0.45 2.04 -0.90
N GLU A 26 0.40 1.48 0.31
CA GLU A 26 1.59 1.38 1.15
C GLU A 26 2.07 -0.07 1.22
N LYS A 27 1.19 -0.96 1.64
CA LYS A 27 1.53 -2.38 1.75
C LYS A 27 0.32 -3.21 2.14
N VAL A 28 0.42 -4.53 1.99
CA VAL A 28 -0.68 -5.42 2.34
C VAL A 28 -0.74 -5.65 3.84
N LEU A 29 -1.81 -5.17 4.47
CA LEU A 29 -2.00 -5.31 5.90
C LEU A 29 -2.50 -6.72 6.24
N ASP A 30 -3.55 -7.15 5.55
CA ASP A 30 -4.13 -8.47 5.78
C ASP A 30 -4.79 -9.00 4.51
N ARG A 31 -5.13 -10.28 4.52
CA ARG A 31 -5.78 -10.91 3.37
C ARG A 31 -6.93 -11.80 3.81
N ARG A 32 -7.97 -11.85 2.99
CA ARG A 32 -9.15 -12.67 3.30
C ARG A 32 -9.87 -13.08 2.02
N MET A 33 -10.62 -14.19 2.10
CA MET A 33 -11.36 -14.69 0.95
C MET A 33 -12.78 -15.06 1.35
N VAL A 34 -13.74 -14.69 0.51
CA VAL A 34 -15.14 -14.99 0.77
C VAL A 34 -15.90 -15.24 -0.53
N LYS A 35 -16.76 -16.26 -0.52
CA LYS A 35 -17.55 -16.61 -1.69
C LYS A 35 -16.65 -16.82 -2.91
N GLY A 36 -15.57 -17.56 -2.72
CA GLY A 36 -14.64 -17.83 -3.81
C GLY A 36 -14.05 -16.55 -4.38
N GLN A 37 -13.94 -15.52 -3.55
CA GLN A 37 -13.40 -14.25 -3.98
C GLN A 37 -12.23 -13.83 -3.09
N VAL A 38 -11.09 -13.54 -3.71
CA VAL A 38 -9.90 -13.11 -2.98
C VAL A 38 -9.93 -11.62 -2.69
N GLU A 39 -9.51 -11.25 -1.48
CA GLU A 39 -9.49 -9.86 -1.07
C GLU A 39 -8.15 -9.48 -0.45
N TYR A 40 -7.81 -8.20 -0.49
CA TYR A 40 -6.56 -7.72 0.07
C TYR A 40 -6.73 -6.34 0.70
N LEU A 41 -6.04 -6.11 1.81
CA LEU A 41 -6.12 -4.83 2.50
C LEU A 41 -5.26 -3.79 1.81
N LEU A 42 -5.87 -2.66 1.44
CA LEU A 42 -5.16 -1.57 0.78
C LEU A 42 -5.16 -0.31 1.63
N LYS A 43 -3.98 0.28 1.80
CA LYS A 43 -3.85 1.50 2.60
C LYS A 43 -3.40 2.67 1.72
N TRP A 44 -4.28 3.66 1.58
CA TRP A 44 -3.98 4.84 0.77
C TRP A 44 -3.25 5.89 1.60
N LYS A 45 -2.38 6.66 0.95
CA LYS A 45 -1.63 7.71 1.61
C LYS A 45 -2.56 8.65 2.38
N GLY A 46 -2.62 8.47 3.69
CA GLY A 46 -3.47 9.31 4.52
C GLY A 46 -4.39 8.51 5.41
N PHE A 47 -4.90 7.39 4.88
CA PHE A 47 -5.80 6.53 5.63
C PHE A 47 -5.06 5.81 6.76
N SER A 48 -5.68 5.75 7.93
CA SER A 48 -5.08 5.09 9.08
C SER A 48 -5.52 3.64 9.18
N GLU A 49 -4.86 2.88 10.03
CA GLU A 49 -5.18 1.46 10.22
C GLU A 49 -6.68 1.28 10.47
N GLU A 50 -7.23 2.10 11.36
CA GLU A 50 -8.64 2.03 11.69
C GLU A 50 -9.51 2.26 10.45
N HIS A 51 -8.98 3.04 9.51
CA HIS A 51 -9.71 3.35 8.28
C HIS A 51 -9.30 2.39 7.17
N ASN A 52 -8.75 1.24 7.55
CA ASN A 52 -8.31 0.24 6.59
C ASN A 52 -9.43 -0.09 5.60
N THR A 53 -9.06 -0.40 4.36
CA THR A 53 -10.03 -0.73 3.33
C THR A 53 -9.65 -2.02 2.62
N TRP A 54 -10.66 -2.79 2.21
CA TRP A 54 -10.43 -4.05 1.52
C TRP A 54 -10.79 -3.94 0.04
N GLU A 55 -10.08 -4.70 -0.79
CA GLU A 55 -10.32 -4.67 -2.24
C GLU A 55 -10.09 -6.05 -2.84
N PRO A 56 -10.74 -6.30 -3.99
CA PRO A 56 -10.62 -7.58 -4.70
C PRO A 56 -9.24 -7.76 -5.33
N GLU A 57 -8.69 -8.96 -5.16
CA GLU A 57 -7.38 -9.27 -5.72
C GLU A 57 -7.31 -8.92 -7.20
N LYS A 58 -8.41 -9.14 -7.91
CA LYS A 58 -8.48 -8.85 -9.33
C LYS A 58 -8.14 -7.39 -9.60
N ASN A 59 -8.58 -6.50 -8.71
CA ASN A 59 -8.31 -5.08 -8.85
C ASN A 59 -6.94 -4.72 -8.32
N LEU A 60 -6.43 -5.56 -7.42
CA LEU A 60 -5.11 -5.33 -6.83
C LEU A 60 -4.04 -5.24 -7.91
N ASP A 61 -3.69 -4.01 -8.28
CA ASP A 61 -2.66 -3.78 -9.30
C ASP A 61 -1.27 -3.82 -8.68
N CYS A 62 -0.96 -4.89 -7.96
CA CYS A 62 0.33 -5.03 -7.32
C CYS A 62 0.56 -6.48 -6.86
N PRO A 63 1.01 -7.33 -7.79
CA PRO A 63 1.27 -8.75 -7.52
C PRO A 63 2.47 -8.95 -6.61
N GLU A 64 3.49 -8.10 -6.78
CA GLU A 64 4.70 -8.18 -5.97
C GLU A 64 4.37 -8.11 -4.48
N LEU A 65 3.43 -7.23 -4.14
CA LEU A 65 3.01 -7.06 -2.74
C LEU A 65 2.62 -8.39 -2.12
N ILE A 66 1.76 -9.14 -2.83
CA ILE A 66 1.30 -10.43 -2.35
C ILE A 66 2.47 -11.41 -2.22
N SER A 67 3.33 -11.42 -3.22
CA SER A 67 4.48 -12.31 -3.23
C SER A 67 5.28 -12.18 -1.93
N GLU A 68 5.65 -10.95 -1.60
CA GLU A 68 6.42 -10.68 -0.39
C GLU A 68 5.56 -10.88 0.85
N PHE A 69 4.33 -10.39 0.80
CA PHE A 69 3.40 -10.52 1.92
C PHE A 69 3.32 -11.97 2.39
N MET A 70 3.11 -12.88 1.45
CA MET A 70 3.00 -14.30 1.76
C MET A 70 4.21 -14.76 2.59
N LYS A 71 5.35 -14.13 2.37
CA LYS A 71 6.56 -14.48 3.09
C LYS A 71 6.43 -14.14 4.58
N LYS A 72 5.77 -13.03 4.87
CA LYS A 72 5.57 -12.60 6.25
C LYS A 72 4.50 -13.46 6.93
N TYR A 73 3.34 -13.57 6.29
CA TYR A 73 2.25 -14.36 6.83
C TYR A 73 2.69 -15.78 7.13
N LYS A 74 3.42 -16.37 6.19
CA LYS A 74 3.92 -17.74 6.35
C LYS A 74 4.62 -17.91 7.69
N LYS A 75 5.52 -16.98 8.01
CA LYS A 75 6.26 -17.03 9.27
C LYS A 75 5.33 -16.83 10.45
N MET A 76 4.39 -15.90 10.31
CA MET A 76 3.44 -15.61 11.38
C MET A 76 2.73 -16.88 11.83
N LYS A 77 2.14 -17.59 10.87
CA LYS A 77 1.42 -18.82 11.17
C LYS A 77 2.33 -20.04 10.97
N GLU A 78 2.71 -20.68 12.06
CA GLU A 78 3.58 -21.85 12.01
C GLU A 78 2.80 -23.12 12.34
N GLY A 79 2.80 -24.07 11.42
CA GLY A 79 2.09 -25.32 11.63
C GLY A 79 2.60 -26.44 10.76
N GLU A 80 2.60 -26.22 9.44
CA GLU A 80 3.06 -27.22 8.49
C GLU A 80 3.70 -26.55 7.27
N ASN A 81 5.02 -26.65 7.17
CA ASN A 81 5.74 -26.06 6.05
C ASN A 81 5.56 -26.88 4.79
N ASN A 82 5.11 -26.22 3.72
CA ASN A 82 4.89 -26.90 2.45
C ASN A 82 5.40 -26.04 1.28
N LYS A 83 5.89 -26.70 0.24
CA LYS A 83 6.40 -26.00 -0.93
C LYS A 83 5.26 -25.66 -1.90
N GLY A 1 25.50 12.95 40.61
CA GLY A 1 26.00 13.44 39.35
C GLY A 1 25.02 14.36 38.64
N SER A 2 25.23 15.66 38.77
CA SER A 2 24.36 16.64 38.13
C SER A 2 24.57 16.67 36.63
N HIS A 3 23.47 16.72 35.88
CA HIS A 3 23.54 16.76 34.43
C HIS A 3 22.60 17.83 33.87
N MET A 4 23.17 18.82 33.19
CA MET A 4 22.38 19.89 32.60
C MET A 4 22.74 20.09 31.14
N GLY A 5 21.74 20.42 30.32
CA GLY A 5 21.98 20.63 28.90
C GLY A 5 22.51 19.39 28.21
N LYS A 6 21.74 18.31 28.26
CA LYS A 6 22.14 17.06 27.64
C LYS A 6 21.14 16.63 26.57
N LYS A 7 21.65 16.31 25.39
CA LYS A 7 20.79 15.88 24.28
C LYS A 7 19.76 16.95 23.95
N THR A 8 20.05 17.75 22.93
CA THR A 8 19.14 18.81 22.52
C THR A 8 18.75 18.66 21.05
N LYS A 9 17.53 19.06 20.72
CA LYS A 9 17.03 18.98 19.35
C LYS A 9 16.03 20.08 19.07
N ARG A 10 16.34 20.91 18.07
CA ARG A 10 15.46 22.02 17.69
C ARG A 10 14.73 21.71 16.40
N THR A 11 13.41 21.90 16.41
CA THR A 11 12.60 21.65 15.23
C THR A 11 12.14 22.95 14.58
N ALA A 12 12.13 22.96 13.24
CA ALA A 12 11.72 24.15 12.51
C ALA A 12 10.24 24.07 12.13
N ASP A 13 9.85 22.99 11.48
CA ASP A 13 8.47 22.80 11.08
C ASP A 13 8.02 23.91 10.13
N GLU A 18 0.44 23.03 -1.36
CA GLU A 18 0.56 22.50 -2.72
C GLU A 18 -0.61 21.58 -3.06
N ASP A 19 -1.01 21.58 -4.32
CA ASP A 19 -2.11 20.75 -4.78
C ASP A 19 -1.63 19.33 -5.10
N GLU A 20 -2.05 18.37 -4.28
CA GLU A 20 -1.65 16.98 -4.48
C GLU A 20 -2.64 16.03 -3.79
N GLU A 21 -3.41 15.31 -4.59
CA GLU A 21 -4.39 14.37 -4.06
C GLU A 21 -4.50 13.14 -4.95
N GLU A 22 -4.21 11.98 -4.38
CA GLU A 22 -4.27 10.72 -5.12
C GLU A 22 -4.28 9.53 -4.17
N TYR A 23 -4.75 8.39 -4.67
CA TYR A 23 -4.81 7.17 -3.86
C TYR A 23 -3.73 6.19 -4.29
N VAL A 24 -2.79 5.91 -3.38
CA VAL A 24 -1.70 4.99 -3.66
C VAL A 24 -1.53 3.98 -2.52
N VAL A 25 -1.59 2.70 -2.86
CA VAL A 25 -1.44 1.65 -1.86
C VAL A 25 -0.10 1.73 -1.17
N GLU A 26 -0.07 1.34 0.10
CA GLU A 26 1.16 1.38 0.89
C GLU A 26 1.84 0.01 0.91
N LYS A 27 1.10 -1.00 1.36
CA LYS A 27 1.64 -2.36 1.43
C LYS A 27 0.56 -3.33 1.91
N VAL A 28 0.82 -4.63 1.75
CA VAL A 28 -0.11 -5.66 2.16
C VAL A 28 0.01 -5.93 3.66
N LEU A 29 -1.03 -5.58 4.40
CA LEU A 29 -1.05 -5.78 5.85
C LEU A 29 -1.59 -7.16 6.20
N ASP A 30 -2.75 -7.50 5.64
CA ASP A 30 -3.36 -8.80 5.89
C ASP A 30 -4.09 -9.29 4.64
N ARG A 31 -4.50 -10.57 4.68
CA ARG A 31 -5.21 -11.16 3.55
C ARG A 31 -6.48 -11.87 4.02
N ARG A 32 -7.49 -11.89 3.17
CA ARG A 32 -8.75 -12.54 3.49
C ARG A 32 -9.62 -12.71 2.25
N MET A 33 -10.46 -13.73 2.25
CA MET A 33 -11.35 -14.01 1.13
C MET A 33 -12.80 -13.77 1.51
N VAL A 34 -13.59 -13.29 0.55
CA VAL A 34 -15.01 -13.03 0.78
C VAL A 34 -15.83 -13.30 -0.47
N LYS A 35 -16.93 -14.01 -0.30
CA LYS A 35 -17.81 -14.34 -1.41
C LYS A 35 -17.04 -15.02 -2.54
N GLY A 36 -16.22 -16.00 -2.18
CA GLY A 36 -15.43 -16.71 -3.17
C GLY A 36 -14.50 -15.79 -3.94
N GLN A 37 -14.08 -14.71 -3.29
CA GLN A 37 -13.18 -13.74 -3.91
C GLN A 37 -12.00 -13.44 -3.00
N VAL A 38 -10.84 -13.21 -3.60
CA VAL A 38 -9.63 -12.91 -2.85
C VAL A 38 -9.52 -11.41 -2.57
N GLU A 39 -9.39 -11.05 -1.30
CA GLU A 39 -9.27 -9.65 -0.91
C GLU A 39 -7.96 -9.41 -0.17
N TYR A 40 -7.52 -8.15 -0.16
CA TYR A 40 -6.27 -7.77 0.50
C TYR A 40 -6.42 -6.43 1.21
N LEU A 41 -5.83 -6.32 2.40
CA LEU A 41 -5.90 -5.09 3.18
C LEU A 41 -4.91 -4.06 2.63
N LEU A 42 -5.45 -3.03 1.97
CA LEU A 42 -4.62 -1.98 1.40
C LEU A 42 -4.86 -0.65 2.11
N LYS A 43 -3.90 0.25 2.03
CA LYS A 43 -4.00 1.56 2.66
C LYS A 43 -3.65 2.67 1.68
N TRP A 44 -4.49 3.71 1.63
CA TRP A 44 -4.26 4.83 0.74
C TRP A 44 -3.42 5.91 1.41
N LYS A 45 -2.53 6.53 0.64
CA LYS A 45 -1.66 7.58 1.16
C LYS A 45 -2.48 8.64 1.90
N GLY A 46 -2.25 8.75 3.20
CA GLY A 46 -2.97 9.73 4.00
C GLY A 46 -3.84 9.08 5.06
N PHE A 47 -4.51 7.98 4.69
CA PHE A 47 -5.39 7.28 5.61
C PHE A 47 -4.57 6.53 6.67
N SER A 48 -5.20 6.29 7.82
CA SER A 48 -4.53 5.58 8.91
C SER A 48 -4.95 4.11 8.93
N GLU A 49 -4.25 3.33 9.75
CA GLU A 49 -4.54 1.90 9.87
C GLU A 49 -6.02 1.67 10.18
N GLU A 50 -6.54 2.44 11.14
CA GLU A 50 -7.93 2.32 11.54
C GLU A 50 -8.85 2.53 10.34
N HIS A 51 -8.39 3.28 9.36
CA HIS A 51 -9.17 3.56 8.16
C HIS A 51 -8.85 2.55 7.07
N ASN A 52 -8.30 1.40 7.46
CA ASN A 52 -7.95 0.35 6.50
C ASN A 52 -9.15 -0.05 5.67
N THR A 53 -8.89 -0.70 4.54
CA THR A 53 -9.96 -1.15 3.65
C THR A 53 -9.54 -2.38 2.86
N TRP A 54 -10.49 -3.27 2.61
CA TRP A 54 -10.21 -4.50 1.86
C TRP A 54 -10.55 -4.32 0.39
N GLU A 55 -9.60 -4.62 -0.48
CA GLU A 55 -9.80 -4.50 -1.92
C GLU A 55 -9.65 -5.86 -2.60
N PRO A 56 -10.30 -6.00 -3.78
CA PRO A 56 -10.25 -7.23 -4.55
C PRO A 56 -8.88 -7.49 -5.17
N GLU A 57 -8.51 -8.76 -5.31
CA GLU A 57 -7.23 -9.12 -5.88
C GLU A 57 -7.04 -8.50 -7.26
N LYS A 58 -8.11 -8.52 -8.05
CA LYS A 58 -8.08 -7.95 -9.40
C LYS A 58 -7.63 -6.49 -9.37
N ASN A 59 -7.92 -5.81 -8.26
CA ASN A 59 -7.54 -4.42 -8.11
C ASN A 59 -6.11 -4.29 -7.60
N LEU A 60 -5.64 -5.32 -6.92
CA LEU A 60 -4.27 -5.32 -6.38
C LEU A 60 -3.25 -5.26 -7.52
N ASP A 61 -2.85 -4.05 -7.87
CA ASP A 61 -1.87 -3.84 -8.93
C ASP A 61 -0.45 -3.95 -8.39
N CYS A 62 -0.17 -5.05 -7.70
CA CYS A 62 1.14 -5.28 -7.12
C CYS A 62 1.29 -6.72 -6.62
N PRO A 63 1.66 -7.62 -7.54
CA PRO A 63 1.84 -9.04 -7.22
C PRO A 63 3.05 -9.29 -6.32
N GLU A 64 4.13 -8.56 -6.57
CA GLU A 64 5.35 -8.70 -5.78
C GLU A 64 5.06 -8.53 -4.29
N LEU A 65 4.19 -7.58 -3.97
CA LEU A 65 3.84 -7.30 -2.59
C LEU A 65 3.36 -8.57 -1.89
N ILE A 66 2.45 -9.29 -2.54
CA ILE A 66 1.92 -10.53 -1.98
C ILE A 66 3.02 -11.59 -1.86
N SER A 67 3.84 -11.70 -2.89
CA SER A 67 4.94 -12.66 -2.91
C SER A 67 5.77 -12.56 -1.64
N GLU A 68 6.23 -11.35 -1.35
CA GLU A 68 7.06 -11.11 -0.17
C GLU A 68 6.23 -11.25 1.11
N PHE A 69 5.02 -10.68 1.09
CA PHE A 69 4.13 -10.73 2.23
C PHE A 69 3.96 -12.17 2.72
N MET A 70 3.70 -13.07 1.79
CA MET A 70 3.51 -14.49 2.12
C MET A 70 4.66 -15.00 2.97
N LYS A 71 5.85 -14.44 2.76
CA LYS A 71 7.03 -14.84 3.51
C LYS A 71 6.82 -14.61 5.01
N LYS A 72 6.23 -13.47 5.34
CA LYS A 72 5.97 -13.12 6.73
C LYS A 72 4.75 -13.87 7.28
N TYR A 73 3.65 -13.79 6.54
CA TYR A 73 2.41 -14.45 6.94
C TYR A 73 2.64 -15.95 7.16
N LYS A 74 3.41 -16.55 6.26
CA LYS A 74 3.71 -17.97 6.35
C LYS A 74 4.21 -18.33 7.74
N LYS A 75 5.16 -17.57 8.24
CA LYS A 75 5.72 -17.80 9.57
C LYS A 75 4.69 -17.51 10.65
N MET A 76 3.98 -16.40 10.51
CA MET A 76 2.97 -15.99 11.48
C MET A 76 1.94 -17.11 11.67
N LYS A 77 1.36 -17.58 10.57
CA LYS A 77 0.37 -18.64 10.63
C LYS A 77 0.39 -19.47 9.35
N GLU A 78 -0.28 -20.61 9.38
CA GLU A 78 -0.33 -21.50 8.23
C GLU A 78 -1.64 -21.30 7.46
N GLY A 79 -1.61 -21.62 6.16
CA GLY A 79 -2.79 -21.47 5.34
C GLY A 79 -3.11 -22.72 4.55
N GLU A 80 -2.48 -22.86 3.38
CA GLU A 80 -2.70 -24.02 2.52
C GLU A 80 -1.38 -24.63 2.07
N ASN A 81 -1.29 -25.95 2.12
CA ASN A 81 -0.07 -26.65 1.71
C ASN A 81 -0.40 -28.05 1.20
N ASN A 82 -0.12 -28.29 -0.08
CA ASN A 82 -0.39 -29.58 -0.70
C ASN A 82 0.80 -30.51 -0.52
N LYS A 83 1.98 -30.05 -0.92
CA LYS A 83 3.20 -30.85 -0.81
C LYS A 83 3.73 -30.82 0.63
N GLY A 1 26.32 57.06 2.39
CA GLY A 1 26.47 55.67 2.02
C GLY A 1 25.25 55.12 1.31
N SER A 2 25.00 55.61 0.10
CA SER A 2 23.85 55.18 -0.68
C SER A 2 24.11 55.38 -2.18
N HIS A 3 23.81 54.34 -2.97
CA HIS A 3 24.01 54.40 -4.40
C HIS A 3 22.99 55.34 -5.06
N MET A 4 23.42 56.05 -6.09
CA MET A 4 22.55 56.98 -6.79
C MET A 4 21.49 56.23 -7.60
N GLY A 5 20.24 56.37 -7.19
CA GLY A 5 19.14 55.69 -7.87
C GLY A 5 19.31 54.19 -7.89
N LYS A 6 18.96 53.54 -6.80
CA LYS A 6 19.08 52.09 -6.68
C LYS A 6 18.23 51.40 -7.75
N LYS A 7 18.66 50.20 -8.14
CA LYS A 7 17.94 49.43 -9.15
C LYS A 7 17.22 48.24 -8.51
N THR A 8 15.89 48.28 -8.53
CA THR A 8 15.08 47.21 -7.97
C THR A 8 14.43 46.38 -9.06
N LYS A 9 14.69 45.07 -9.05
CA LYS A 9 14.13 44.17 -10.04
C LYS A 9 12.90 43.45 -9.48
N ARG A 10 11.78 43.57 -10.18
CA ARG A 10 10.53 42.94 -9.75
C ARG A 10 9.69 42.54 -10.96
N THR A 11 9.45 41.23 -11.09
CA THR A 11 8.65 40.72 -12.20
C THR A 11 7.25 41.34 -12.21
N ALA A 12 6.65 41.40 -13.39
CA ALA A 12 5.31 41.96 -13.54
C ALA A 12 4.24 40.94 -13.16
N ASP A 13 4.30 39.77 -13.81
CA ASP A 13 3.34 38.71 -13.54
C ASP A 13 3.92 37.36 -13.92
N GLU A 18 1.43 24.19 -10.37
CA GLU A 18 0.53 23.06 -10.54
C GLU A 18 0.63 22.10 -9.35
N ASP A 19 -0.48 21.41 -9.06
CA ASP A 19 -0.52 20.47 -7.95
C ASP A 19 -1.21 19.18 -8.36
N GLU A 20 -0.66 18.05 -7.92
CA GLU A 20 -1.23 16.74 -8.25
C GLU A 20 -0.90 15.73 -7.17
N GLU A 21 -1.93 15.28 -6.46
CA GLU A 21 -1.76 14.29 -5.40
C GLU A 21 -2.76 13.15 -5.53
N GLU A 22 -2.40 11.98 -5.01
CA GLU A 22 -3.26 10.82 -5.08
C GLU A 22 -2.94 9.84 -3.95
N TYR A 23 -3.97 9.16 -3.46
CA TYR A 23 -3.81 8.20 -2.38
C TYR A 23 -2.84 7.09 -2.78
N VAL A 24 -2.03 6.63 -1.82
CA VAL A 24 -1.07 5.58 -2.07
C VAL A 24 -1.14 4.50 -1.00
N VAL A 25 -1.02 3.25 -1.42
CA VAL A 25 -1.07 2.12 -0.48
C VAL A 25 0.24 2.00 0.29
N GLU A 26 0.14 1.52 1.52
CA GLU A 26 1.31 1.35 2.37
C GLU A 26 1.85 -0.08 2.29
N LYS A 27 0.99 -1.04 2.60
CA LYS A 27 1.38 -2.45 2.56
C LYS A 27 0.20 -3.35 2.92
N VAL A 28 0.34 -4.64 2.63
CA VAL A 28 -0.71 -5.61 2.92
C VAL A 28 -0.67 -6.03 4.39
N LEU A 29 -1.70 -5.66 5.13
CA LEU A 29 -1.78 -6.01 6.55
C LEU A 29 -2.43 -7.39 6.74
N ASP A 30 -3.58 -7.58 6.11
CA ASP A 30 -4.30 -8.84 6.20
C ASP A 30 -4.88 -9.24 4.85
N ARG A 31 -5.28 -10.50 4.72
CA ARG A 31 -5.85 -11.01 3.48
C ARG A 31 -6.83 -12.14 3.77
N ARG A 32 -7.98 -12.09 3.11
CA ARG A 32 -9.01 -13.12 3.28
C ARG A 32 -9.56 -13.57 1.94
N MET A 33 -10.30 -14.67 1.95
CA MET A 33 -10.89 -15.21 0.72
C MET A 33 -12.33 -15.64 0.96
N VAL A 34 -13.24 -15.08 0.17
CA VAL A 34 -14.66 -15.41 0.30
C VAL A 34 -15.35 -15.37 -1.06
N LYS A 35 -16.22 -16.35 -1.30
CA LYS A 35 -16.96 -16.43 -2.56
C LYS A 35 -15.99 -16.49 -3.75
N GLY A 36 -14.96 -17.33 -3.62
CA GLY A 36 -13.99 -17.47 -4.70
C GLY A 36 -13.31 -16.15 -5.02
N GLN A 37 -13.21 -15.27 -4.04
CA GLN A 37 -12.58 -13.97 -4.23
C GLN A 37 -11.73 -13.59 -3.03
N VAL A 38 -10.46 -13.27 -3.29
CA VAL A 38 -9.53 -12.90 -2.22
C VAL A 38 -9.31 -11.39 -2.19
N GLU A 39 -9.41 -10.82 -0.99
CA GLU A 39 -9.23 -9.38 -0.83
C GLU A 39 -7.96 -9.08 -0.04
N TYR A 40 -7.50 -7.83 -0.12
CA TYR A 40 -6.29 -7.41 0.58
C TYR A 40 -6.52 -6.12 1.35
N LEU A 41 -5.86 -6.00 2.50
CA LEU A 41 -6.00 -4.81 3.33
C LEU A 41 -5.11 -3.68 2.81
N LEU A 42 -5.73 -2.67 2.21
CA LEU A 42 -4.99 -1.53 1.67
C LEU A 42 -5.02 -0.36 2.64
N LYS A 43 -3.96 0.44 2.64
CA LYS A 43 -3.86 1.59 3.52
C LYS A 43 -3.43 2.84 2.74
N TRP A 44 -4.37 3.74 2.51
CA TRP A 44 -4.09 4.96 1.77
C TRP A 44 -3.35 5.96 2.66
N LYS A 45 -2.45 6.73 2.05
CA LYS A 45 -1.68 7.73 2.77
C LYS A 45 -2.60 8.64 3.59
N GLY A 46 -2.39 8.66 4.91
CA GLY A 46 -3.20 9.50 5.77
C GLY A 46 -4.12 8.69 6.65
N PHE A 47 -4.63 7.58 6.13
CA PHE A 47 -5.54 6.71 6.88
C PHE A 47 -4.78 5.99 7.99
N SER A 48 -5.53 5.55 9.01
CA SER A 48 -4.93 4.84 10.13
C SER A 48 -5.37 3.38 10.15
N GLU A 49 -4.72 2.58 10.98
CA GLU A 49 -5.05 1.17 11.10
C GLU A 49 -6.55 0.97 11.31
N GLU A 50 -7.10 1.67 12.29
CA GLU A 50 -8.52 1.58 12.59
C GLU A 50 -9.37 1.91 11.37
N HIS A 51 -8.82 2.73 10.49
CA HIS A 51 -9.52 3.13 9.27
C HIS A 51 -9.13 2.23 8.11
N ASN A 52 -8.62 1.04 8.41
CA ASN A 52 -8.21 0.08 7.39
C ASN A 52 -9.37 -0.22 6.43
N THR A 53 -9.03 -0.51 5.18
CA THR A 53 -10.03 -0.81 4.17
C THR A 53 -9.64 -2.04 3.36
N TRP A 54 -10.64 -2.83 2.99
CA TRP A 54 -10.40 -4.05 2.22
C TRP A 54 -10.73 -3.82 0.75
N GLU A 55 -9.95 -4.44 -0.13
CA GLU A 55 -10.16 -4.31 -1.57
C GLU A 55 -9.93 -5.64 -2.28
N PRO A 56 -10.61 -5.83 -3.42
CA PRO A 56 -10.50 -7.06 -4.22
C PRO A 56 -9.14 -7.18 -4.89
N GLU A 57 -8.60 -8.41 -4.90
CA GLU A 57 -7.30 -8.66 -5.50
C GLU A 57 -7.26 -8.12 -6.93
N LYS A 58 -8.37 -8.25 -7.64
CA LYS A 58 -8.46 -7.77 -9.02
C LYS A 58 -8.13 -6.29 -9.11
N ASN A 59 -8.56 -5.54 -8.09
CA ASN A 59 -8.31 -4.10 -8.05
C ASN A 59 -7.05 -3.79 -7.24
N LEU A 60 -6.11 -4.73 -7.23
CA LEU A 60 -4.87 -4.55 -6.50
C LEU A 60 -3.69 -4.39 -7.45
N ASP A 61 -3.35 -3.14 -7.76
CA ASP A 61 -2.25 -2.86 -8.65
C ASP A 61 -0.92 -2.85 -7.90
N CYS A 62 -0.65 -3.95 -7.19
CA CYS A 62 0.59 -4.07 -6.42
C CYS A 62 0.89 -5.54 -6.12
N PRO A 63 1.45 -6.24 -7.11
CA PRO A 63 1.81 -7.66 -6.97
C PRO A 63 2.97 -7.88 -6.02
N GLU A 64 3.92 -6.95 -6.03
CA GLU A 64 5.09 -7.04 -5.16
C GLU A 64 4.68 -7.19 -3.70
N LEU A 65 3.66 -6.44 -3.30
CA LEU A 65 3.17 -6.49 -1.93
C LEU A 65 2.83 -7.93 -1.53
N ILE A 66 2.06 -8.61 -2.37
CA ILE A 66 1.67 -9.99 -2.10
C ILE A 66 2.88 -10.90 -2.05
N SER A 67 3.81 -10.70 -2.99
CA SER A 67 5.02 -11.51 -3.05
C SER A 67 5.74 -11.52 -1.71
N GLU A 68 6.01 -10.33 -1.19
CA GLU A 68 6.70 -10.19 0.09
C GLU A 68 5.80 -10.61 1.24
N PHE A 69 4.56 -10.15 1.20
CA PHE A 69 3.59 -10.48 2.24
C PHE A 69 3.52 -11.99 2.48
N MET A 70 3.40 -12.74 1.39
CA MET A 70 3.34 -14.20 1.48
C MET A 70 4.48 -14.75 2.32
N LYS A 71 5.61 -14.06 2.30
CA LYS A 71 6.78 -14.48 3.07
C LYS A 71 6.48 -14.47 4.56
N LYS A 72 5.76 -13.44 5.01
CA LYS A 72 5.40 -13.30 6.42
C LYS A 72 4.27 -14.25 6.79
N TYR A 73 3.23 -14.26 5.98
CA TYR A 73 2.08 -15.13 6.21
C TYR A 73 2.51 -16.58 6.34
N LYS A 74 3.43 -17.00 5.47
CA LYS A 74 3.94 -18.36 5.49
C LYS A 74 4.36 -18.78 6.90
N LYS A 75 5.07 -17.88 7.58
CA LYS A 75 5.54 -18.15 8.94
C LYS A 75 4.39 -18.09 9.93
N MET A 76 3.57 -17.05 9.81
CA MET A 76 2.43 -16.87 10.70
C MET A 76 1.55 -18.12 10.71
N LYS A 77 1.14 -18.55 9.52
CA LYS A 77 0.30 -19.74 9.39
C LYS A 77 0.86 -20.70 8.35
N GLU A 78 0.72 -21.99 8.62
CA GLU A 78 1.22 -23.02 7.71
C GLU A 78 0.08 -23.65 6.92
N GLY A 79 0.40 -24.17 5.73
CA GLY A 79 -0.61 -24.79 4.90
C GLY A 79 -0.15 -26.11 4.32
N GLU A 80 -0.39 -26.31 3.03
CA GLU A 80 0.00 -27.54 2.34
C GLU A 80 0.73 -27.23 1.04
N ASN A 81 1.81 -27.96 0.79
CA ASN A 81 2.60 -27.77 -0.42
C ASN A 81 2.25 -28.82 -1.47
N ASN A 82 2.26 -28.41 -2.73
CA ASN A 82 1.94 -29.32 -3.82
C ASN A 82 3.11 -30.24 -4.13
N LYS A 83 2.91 -31.53 -3.88
CA LYS A 83 3.96 -32.53 -4.11
C LYS A 83 3.83 -33.12 -5.51
N GLY A 1 5.64 48.93 35.76
CA GLY A 1 5.16 48.50 34.47
C GLY A 1 5.34 49.56 33.40
N SER A 2 6.32 49.36 32.52
CA SER A 2 6.60 50.30 31.44
C SER A 2 7.45 49.65 30.37
N HIS A 3 7.06 49.87 29.11
CA HIS A 3 7.79 49.31 27.98
C HIS A 3 8.63 50.38 27.28
N MET A 4 9.74 49.96 26.68
CA MET A 4 10.63 50.88 25.98
C MET A 4 11.35 50.18 24.83
N GLY A 5 11.10 50.64 23.62
CA GLY A 5 11.74 50.04 22.45
C GLY A 5 11.11 48.72 22.06
N LYS A 6 9.82 48.75 21.76
CA LYS A 6 9.10 47.54 21.37
C LYS A 6 8.34 47.76 20.06
N LYS A 7 8.80 47.11 19.00
CA LYS A 7 8.16 47.23 17.69
C LYS A 7 7.40 45.96 17.34
N THR A 8 6.29 46.11 16.64
CA THR A 8 5.47 44.98 16.23
C THR A 8 5.04 45.10 14.77
N LYS A 9 5.07 43.99 14.06
CA LYS A 9 4.68 43.95 12.66
C LYS A 9 4.00 42.64 12.30
N ARG A 10 2.96 42.72 11.48
CA ARG A 10 2.23 41.53 11.05
C ARG A 10 1.63 41.72 9.67
N THR A 11 1.45 40.62 8.95
CA THR A 11 0.89 40.67 7.60
C THR A 11 -0.64 40.75 7.64
N ALA A 12 -1.22 41.36 6.61
CA ALA A 12 -2.66 41.51 6.53
C ALA A 12 -3.33 40.20 6.14
N ASP A 13 -2.87 39.62 5.04
CA ASP A 13 -3.42 38.36 4.56
C ASP A 13 -2.43 37.65 3.63
N GLU A 18 -1.45 25.83 -3.45
CA GLU A 18 -2.05 24.59 -3.90
C GLU A 18 -1.42 23.39 -3.20
N ASP A 19 -2.26 22.46 -2.75
CA ASP A 19 -1.78 21.27 -2.06
C ASP A 19 -1.84 20.05 -2.97
N GLU A 20 -0.76 19.28 -3.00
CA GLU A 20 -0.70 18.09 -3.84
C GLU A 20 -1.07 16.85 -3.04
N GLU A 21 -1.61 15.85 -3.72
CA GLU A 21 -2.01 14.60 -3.08
C GLU A 21 -1.73 13.41 -3.98
N GLU A 22 -1.35 12.28 -3.36
CA GLU A 22 -1.05 11.07 -4.11
C GLU A 22 -1.64 9.84 -3.41
N TYR A 23 -1.96 8.82 -4.20
CA TYR A 23 -2.53 7.60 -3.66
C TYR A 23 -1.75 6.37 -4.12
N VAL A 24 -0.92 5.84 -3.22
CA VAL A 24 -0.10 4.67 -3.54
C VAL A 24 -0.21 3.62 -2.44
N VAL A 25 -0.14 2.35 -2.83
CA VAL A 25 -0.22 1.25 -1.87
C VAL A 25 0.95 1.28 -0.91
N GLU A 26 0.69 0.85 0.33
CA GLU A 26 1.73 0.82 1.35
C GLU A 26 2.16 -0.61 1.66
N LYS A 27 1.18 -1.44 2.04
CA LYS A 27 1.46 -2.83 2.36
C LYS A 27 0.17 -3.58 2.65
N VAL A 28 0.25 -4.91 2.67
CA VAL A 28 -0.91 -5.75 2.94
C VAL A 28 -1.16 -5.86 4.45
N LEU A 29 -2.27 -5.28 4.90
CA LEU A 29 -2.61 -5.32 6.32
C LEU A 29 -3.30 -6.64 6.68
N ASP A 30 -4.32 -7.00 5.91
CA ASP A 30 -5.05 -8.25 6.14
C ASP A 30 -5.57 -8.83 4.82
N ARG A 31 -5.94 -10.09 4.85
CA ARG A 31 -6.45 -10.77 3.66
C ARG A 31 -7.62 -11.69 4.02
N ARG A 32 -8.61 -11.74 3.14
CA ARG A 32 -9.78 -12.58 3.36
C ARG A 32 -10.53 -12.83 2.05
N MET A 33 -11.36 -13.87 2.04
CA MET A 33 -12.12 -14.21 0.85
C MET A 33 -13.61 -14.27 1.16
N VAL A 34 -14.44 -13.79 0.23
CA VAL A 34 -15.88 -13.79 0.41
C VAL A 34 -16.61 -14.02 -0.92
N LYS A 35 -17.64 -14.84 -0.88
CA LYS A 35 -18.43 -15.14 -2.08
C LYS A 35 -17.52 -15.66 -3.20
N GLY A 36 -16.63 -16.58 -2.86
CA GLY A 36 -15.72 -17.14 -3.84
C GLY A 36 -14.85 -16.08 -4.49
N GLN A 37 -14.59 -15.00 -3.76
CA GLN A 37 -13.76 -13.91 -4.27
C GLN A 37 -12.70 -13.52 -3.25
N VAL A 38 -11.44 -13.50 -3.69
CA VAL A 38 -10.33 -13.15 -2.82
C VAL A 38 -10.19 -11.63 -2.71
N GLU A 39 -10.01 -11.14 -1.49
CA GLU A 39 -9.86 -9.72 -1.24
C GLU A 39 -8.56 -9.42 -0.51
N TYR A 40 -8.05 -8.20 -0.70
CA TYR A 40 -6.80 -7.81 -0.05
C TYR A 40 -6.90 -6.38 0.49
N LEU A 41 -6.37 -6.17 1.68
CA LEU A 41 -6.40 -4.85 2.31
C LEU A 41 -5.35 -3.92 1.70
N LEU A 42 -5.78 -2.76 1.25
CA LEU A 42 -4.89 -1.78 0.64
C LEU A 42 -4.71 -0.56 1.53
N LYS A 43 -3.61 0.15 1.35
CA LYS A 43 -3.32 1.34 2.15
C LYS A 43 -2.77 2.46 1.26
N TRP A 44 -3.59 3.48 1.04
CA TRP A 44 -3.18 4.62 0.23
C TRP A 44 -2.46 5.67 1.05
N LYS A 45 -1.57 6.42 0.42
CA LYS A 45 -0.81 7.46 1.10
C LYS A 45 -1.74 8.40 1.85
N GLY A 46 -1.61 8.41 3.18
CA GLY A 46 -2.45 9.29 3.99
C GLY A 46 -3.41 8.51 4.87
N PHE A 47 -3.93 7.41 4.34
CA PHE A 47 -4.87 6.57 5.08
C PHE A 47 -4.17 5.84 6.22
N SER A 48 -4.94 5.47 7.24
CA SER A 48 -4.40 4.77 8.39
C SER A 48 -5.05 3.40 8.56
N GLU A 49 -4.50 2.60 9.47
CA GLU A 49 -5.04 1.26 9.72
C GLU A 49 -6.54 1.31 9.94
N GLU A 50 -6.98 2.22 10.79
CA GLU A 50 -8.41 2.37 11.09
C GLU A 50 -9.20 2.60 9.82
N HIS A 51 -8.58 3.26 8.84
CA HIS A 51 -9.24 3.54 7.56
C HIS A 51 -8.94 2.44 6.54
N ASN A 52 -8.56 1.27 7.04
CA ASN A 52 -8.25 0.14 6.17
C ASN A 52 -9.37 -0.10 5.17
N THR A 53 -8.99 -0.43 3.93
CA THR A 53 -9.96 -0.68 2.88
C THR A 53 -9.73 -2.04 2.23
N TRP A 54 -10.82 -2.71 1.85
CA TRP A 54 -10.72 -4.01 1.22
C TRP A 54 -11.03 -3.92 -0.27
N GLU A 55 -10.13 -4.47 -1.08
CA GLU A 55 -10.30 -4.44 -2.53
C GLU A 55 -10.24 -5.84 -3.11
N PRO A 56 -10.94 -6.06 -4.24
CA PRO A 56 -10.98 -7.35 -4.92
C PRO A 56 -9.65 -7.73 -5.56
N GLU A 57 -9.24 -8.97 -5.37
CA GLU A 57 -7.98 -9.45 -5.94
C GLU A 57 -7.89 -9.14 -7.42
N LYS A 58 -9.02 -9.27 -8.11
CA LYS A 58 -9.07 -9.01 -9.55
C LYS A 58 -8.61 -7.58 -9.86
N ASN A 59 -8.97 -6.66 -8.98
CA ASN A 59 -8.59 -5.26 -9.16
C ASN A 59 -7.35 -4.91 -8.33
N LEU A 60 -6.51 -5.91 -8.10
CA LEU A 60 -5.30 -5.73 -7.32
C LEU A 60 -4.06 -5.85 -8.21
N ASP A 61 -3.65 -4.74 -8.80
CA ASP A 61 -2.48 -4.73 -9.68
C ASP A 61 -1.20 -4.57 -8.87
N CYS A 62 -1.02 -5.45 -7.88
CA CYS A 62 0.17 -5.41 -7.03
C CYS A 62 0.47 -6.79 -6.45
N PRO A 63 1.07 -7.65 -7.28
CA PRO A 63 1.43 -9.01 -6.87
C PRO A 63 2.55 -9.04 -5.85
N GLU A 64 3.52 -8.14 -6.02
CA GLU A 64 4.66 -8.06 -5.12
C GLU A 64 4.20 -7.97 -3.67
N LEU A 65 3.16 -7.15 -3.43
CA LEU A 65 2.63 -6.98 -2.09
C LEU A 65 2.29 -8.32 -1.45
N ILE A 66 1.58 -9.16 -2.20
CA ILE A 66 1.18 -10.47 -1.71
C ILE A 66 2.39 -11.39 -1.60
N SER A 67 3.20 -11.45 -2.66
CA SER A 67 4.38 -12.30 -2.66
C SER A 67 5.26 -12.02 -1.46
N GLU A 68 5.58 -10.75 -1.24
CA GLU A 68 6.42 -10.35 -0.11
C GLU A 68 5.72 -10.65 1.22
N PHE A 69 4.45 -10.24 1.33
CA PHE A 69 3.69 -10.46 2.54
C PHE A 69 3.74 -11.93 2.96
N MET A 70 3.51 -12.83 2.00
CA MET A 70 3.55 -14.27 2.28
C MET A 70 4.83 -14.65 3.00
N LYS A 71 5.91 -13.93 2.72
CA LYS A 71 7.19 -14.20 3.34
C LYS A 71 7.13 -13.96 4.85
N LYS A 72 6.43 -12.89 5.24
CA LYS A 72 6.29 -12.56 6.66
C LYS A 72 5.31 -13.51 7.34
N TYR A 73 4.14 -13.68 6.74
CA TYR A 73 3.12 -14.56 7.29
C TYR A 73 3.68 -15.95 7.55
N LYS A 74 4.49 -16.43 6.62
CA LYS A 74 5.11 -17.76 6.75
C LYS A 74 5.75 -17.92 8.12
N LYS A 75 6.57 -16.96 8.51
CA LYS A 75 7.27 -16.99 9.78
C LYS A 75 6.28 -16.82 10.93
N MET A 76 5.34 -15.88 10.77
CA MET A 76 4.34 -15.62 11.80
C MET A 76 3.60 -16.90 12.18
N LYS A 77 3.06 -17.59 11.18
CA LYS A 77 2.34 -18.84 11.42
C LYS A 77 2.85 -19.95 10.51
N GLU A 78 3.01 -21.14 11.07
CA GLU A 78 3.50 -22.29 10.30
C GLU A 78 2.38 -23.31 10.10
N GLY A 79 2.44 -24.02 8.97
CA GLY A 79 1.43 -25.01 8.67
C GLY A 79 1.17 -25.15 7.18
N GLU A 80 1.43 -26.34 6.64
CA GLU A 80 1.23 -26.59 5.22
C GLU A 80 0.62 -27.97 4.99
N ASN A 81 -0.44 -28.02 4.20
CA ASN A 81 -1.11 -29.29 3.91
C ASN A 81 -0.30 -30.12 2.92
N ASN A 82 -0.04 -31.36 3.28
CA ASN A 82 0.73 -32.26 2.43
C ASN A 82 -0.19 -33.05 1.50
N LYS A 83 -0.02 -32.86 0.20
CA LYS A 83 -0.83 -33.56 -0.79
C LYS A 83 -0.75 -35.07 -0.58
N GLY A 1 13.99 52.18 -23.95
CA GLY A 1 13.06 53.15 -23.42
C GLY A 1 11.96 53.49 -24.39
N SER A 2 11.24 52.46 -24.85
CA SER A 2 10.16 52.65 -25.81
C SER A 2 8.81 52.51 -25.11
N HIS A 3 7.88 53.40 -25.45
CA HIS A 3 6.54 53.38 -24.87
C HIS A 3 5.63 52.41 -25.63
N MET A 4 5.28 51.31 -24.98
CA MET A 4 4.40 50.31 -25.58
C MET A 4 3.33 49.85 -24.60
N GLY A 5 2.08 50.15 -24.91
CA GLY A 5 0.99 49.76 -24.04
C GLY A 5 0.88 50.64 -22.81
N LYS A 6 1.70 50.36 -21.81
CA LYS A 6 1.68 51.13 -20.57
C LYS A 6 0.30 51.09 -19.92
N LYS A 7 0.15 50.24 -18.91
CA LYS A 7 -1.12 50.12 -18.21
C LYS A 7 -0.90 50.12 -16.69
N THR A 8 -1.72 50.88 -15.99
CA THR A 8 -1.62 50.98 -14.53
C THR A 8 -2.20 49.73 -13.86
N LYS A 9 -3.43 49.40 -14.22
CA LYS A 9 -4.10 48.24 -13.65
C LYS A 9 -3.63 46.95 -14.32
N ARG A 10 -3.21 45.99 -13.53
CA ARG A 10 -2.72 44.72 -14.06
C ARG A 10 -2.96 43.59 -13.06
N THR A 11 -3.19 42.39 -13.57
CA THR A 11 -3.43 41.23 -12.72
C THR A 11 -2.12 40.59 -12.28
N ALA A 12 -1.97 40.37 -10.97
CA ALA A 12 -0.77 39.77 -10.42
C ALA A 12 -1.02 38.34 -9.97
N ASP A 13 -2.04 38.15 -9.14
CA ASP A 13 -2.39 36.83 -8.64
C ASP A 13 -3.29 36.10 -9.62
N GLU A 18 -2.53 23.50 -7.08
CA GLU A 18 -2.21 22.11 -7.37
C GLU A 18 -2.46 21.21 -6.16
N ASP A 19 -2.93 19.99 -6.41
CA ASP A 19 -3.22 19.05 -5.35
C ASP A 19 -1.94 18.38 -4.85
N GLU A 20 -1.19 17.80 -5.77
CA GLU A 20 0.06 17.12 -5.43
C GLU A 20 -0.17 16.08 -4.33
N GLU A 21 -1.24 15.31 -4.47
CA GLU A 21 -1.57 14.28 -3.50
C GLU A 21 -2.50 13.23 -4.10
N GLU A 22 -1.98 12.02 -4.29
CA GLU A 22 -2.75 10.93 -4.85
C GLU A 22 -2.73 9.70 -3.95
N TYR A 23 -3.76 8.88 -4.06
CA TYR A 23 -3.86 7.67 -3.24
C TYR A 23 -2.79 6.66 -3.63
N VAL A 24 -1.99 6.24 -2.65
CA VAL A 24 -0.93 5.27 -2.90
C VAL A 24 -0.96 4.15 -1.87
N VAL A 25 -0.65 2.94 -2.31
CA VAL A 25 -0.64 1.77 -1.43
C VAL A 25 0.60 1.76 -0.55
N GLU A 26 0.45 1.24 0.67
CA GLU A 26 1.56 1.16 1.60
C GLU A 26 2.11 -0.26 1.70
N LYS A 27 1.24 -1.20 2.06
CA LYS A 27 1.62 -2.59 2.19
C LYS A 27 0.42 -3.47 2.53
N VAL A 28 0.58 -4.77 2.39
CA VAL A 28 -0.49 -5.72 2.69
C VAL A 28 -0.52 -6.06 4.17
N LEU A 29 -1.59 -5.66 4.84
CA LEU A 29 -1.76 -5.92 6.26
C LEU A 29 -2.38 -7.30 6.49
N ASP A 30 -3.49 -7.56 5.82
CA ASP A 30 -4.19 -8.83 5.95
C ASP A 30 -4.84 -9.23 4.64
N ARG A 31 -5.28 -10.49 4.55
CA ARG A 31 -5.92 -10.99 3.35
C ARG A 31 -7.11 -11.88 3.70
N ARG A 32 -8.15 -11.81 2.87
CA ARG A 32 -9.36 -12.61 3.09
C ARG A 32 -10.11 -12.83 1.79
N MET A 33 -10.90 -13.90 1.73
CA MET A 33 -11.67 -14.22 0.54
C MET A 33 -13.13 -14.51 0.90
N VAL A 34 -14.04 -14.00 0.09
CA VAL A 34 -15.47 -14.20 0.33
C VAL A 34 -16.23 -14.32 -1.00
N LYS A 35 -17.17 -15.26 -1.05
CA LYS A 35 -17.97 -15.48 -2.24
C LYS A 35 -17.08 -15.70 -3.46
N GLY A 36 -16.07 -16.56 -3.30
CA GLY A 36 -15.16 -16.84 -4.39
C GLY A 36 -14.45 -15.60 -4.90
N GLN A 37 -14.27 -14.63 -4.01
CA GLN A 37 -13.59 -13.38 -4.37
C GLN A 37 -12.47 -13.07 -3.39
N VAL A 38 -11.28 -12.85 -3.91
CA VAL A 38 -10.11 -12.54 -3.09
C VAL A 38 -10.06 -11.06 -2.75
N GLU A 39 -9.62 -10.74 -1.53
CA GLU A 39 -9.52 -9.35 -1.09
C GLU A 39 -8.20 -9.11 -0.36
N TYR A 40 -7.78 -7.85 -0.32
CA TYR A 40 -6.54 -7.48 0.35
C TYR A 40 -6.68 -6.15 1.07
N LEU A 41 -6.11 -6.07 2.27
CA LEU A 41 -6.18 -4.84 3.07
C LEU A 41 -5.18 -3.81 2.56
N LEU A 42 -5.69 -2.80 1.85
CA LEU A 42 -4.85 -1.74 1.31
C LEU A 42 -4.88 -0.51 2.20
N LYS A 43 -3.73 0.14 2.35
CA LYS A 43 -3.62 1.34 3.18
C LYS A 43 -3.19 2.54 2.34
N TRP A 44 -4.14 3.44 2.09
CA TRP A 44 -3.86 4.63 1.30
C TRP A 44 -3.12 5.68 2.14
N LYS A 45 -2.09 6.28 1.54
CA LYS A 45 -1.30 7.30 2.23
C LYS A 45 -2.20 8.35 2.87
N GLY A 46 -1.98 8.61 4.16
CA GLY A 46 -2.78 9.59 4.85
C GLY A 46 -3.77 8.96 5.81
N PHE A 47 -4.36 7.84 5.40
CA PHE A 47 -5.33 7.14 6.24
C PHE A 47 -4.62 6.36 7.35
N SER A 48 -5.26 6.32 8.52
CA SER A 48 -4.70 5.61 9.66
C SER A 48 -5.11 4.14 9.64
N GLU A 49 -4.55 3.36 10.57
CA GLU A 49 -4.86 1.94 10.66
C GLU A 49 -6.36 1.71 10.74
N GLU A 50 -7.03 2.47 11.61
CA GLU A 50 -8.47 2.35 11.78
C GLU A 50 -9.20 2.66 10.48
N HIS A 51 -8.52 3.35 9.57
CA HIS A 51 -9.11 3.70 8.28
C HIS A 51 -8.80 2.64 7.23
N ASN A 52 -8.39 1.46 7.69
CA ASN A 52 -8.06 0.37 6.79
C ASN A 52 -9.25 0.02 5.89
N THR A 53 -8.96 -0.29 4.63
CA THR A 53 -9.99 -0.64 3.67
C THR A 53 -9.62 -1.88 2.88
N TRP A 54 -10.62 -2.70 2.56
CA TRP A 54 -10.39 -3.92 1.81
C TRP A 54 -10.70 -3.71 0.33
N GLU A 55 -9.88 -4.31 -0.54
CA GLU A 55 -10.08 -4.19 -1.98
C GLU A 55 -9.91 -5.54 -2.66
N PRO A 56 -10.58 -5.71 -3.82
CA PRO A 56 -10.53 -6.95 -4.60
C PRO A 56 -9.16 -7.18 -5.23
N GLU A 57 -8.67 -8.41 -5.16
CA GLU A 57 -7.37 -8.76 -5.73
C GLU A 57 -7.29 -8.32 -7.18
N LYS A 58 -8.40 -8.42 -7.89
CA LYS A 58 -8.46 -8.04 -9.30
C LYS A 58 -8.05 -6.57 -9.48
N ASN A 59 -8.44 -5.73 -8.53
CA ASN A 59 -8.11 -4.31 -8.58
C ASN A 59 -6.85 -4.01 -7.77
N LEU A 60 -5.96 -5.01 -7.70
CA LEU A 60 -4.72 -4.85 -6.95
C LEU A 60 -3.51 -4.95 -7.88
N ASP A 61 -3.05 -3.79 -8.35
CA ASP A 61 -1.90 -3.74 -9.25
C ASP A 61 -0.60 -3.78 -8.47
N CYS A 62 -0.44 -4.81 -7.64
CA CYS A 62 0.77 -4.96 -6.83
C CYS A 62 0.98 -6.42 -6.44
N PRO A 63 1.55 -7.21 -7.37
CA PRO A 63 1.81 -8.63 -7.15
C PRO A 63 2.93 -8.86 -6.13
N GLU A 64 4.00 -8.08 -6.25
CA GLU A 64 5.14 -8.21 -5.34
C GLU A 64 4.67 -8.09 -3.89
N LEU A 65 3.74 -7.19 -3.64
CA LEU A 65 3.20 -6.98 -2.30
C LEU A 65 2.77 -8.30 -1.66
N ILE A 66 1.95 -9.06 -2.39
CA ILE A 66 1.46 -10.33 -1.90
C ILE A 66 2.61 -11.33 -1.74
N SER A 67 3.44 -11.44 -2.78
CA SER A 67 4.57 -12.35 -2.76
C SER A 67 5.42 -12.15 -1.51
N GLU A 68 5.79 -10.90 -1.25
CA GLU A 68 6.61 -10.57 -0.08
C GLU A 68 5.86 -10.89 1.20
N PHE A 69 4.61 -10.46 1.29
CA PHE A 69 3.78 -10.70 2.46
C PHE A 69 3.80 -12.18 2.84
N MET A 70 3.60 -13.05 1.86
CA MET A 70 3.60 -14.49 2.08
C MET A 70 4.85 -14.92 2.86
N LYS A 71 5.95 -14.22 2.63
CA LYS A 71 7.21 -14.53 3.30
C LYS A 71 7.06 -14.40 4.81
N LYS A 72 6.34 -13.37 5.25
CA LYS A 72 6.12 -13.14 6.67
C LYS A 72 5.04 -14.07 7.21
N TYR A 73 3.90 -14.11 6.54
CA TYR A 73 2.79 -14.96 6.95
C TYR A 73 3.23 -16.42 7.05
N LYS A 74 4.12 -16.82 6.15
CA LYS A 74 4.63 -18.19 6.14
C LYS A 74 5.12 -18.60 7.53
N LYS A 75 5.86 -17.71 8.18
CA LYS A 75 6.38 -17.98 9.51
C LYS A 75 5.30 -17.76 10.57
N MET A 76 4.60 -16.64 10.47
CA MET A 76 3.55 -16.31 11.43
C MET A 76 2.56 -17.47 11.56
N LYS A 77 1.99 -17.89 10.44
CA LYS A 77 1.03 -18.99 10.43
C LYS A 77 1.42 -20.05 9.42
N GLU A 78 1.30 -21.32 9.80
CA GLU A 78 1.66 -22.42 8.92
C GLU A 78 0.40 -23.19 8.49
N GLY A 79 0.39 -23.64 7.25
CA GLY A 79 -0.75 -24.38 6.73
C GLY A 79 -0.33 -25.50 5.80
N GLU A 80 -0.81 -25.44 4.56
CA GLU A 80 -0.48 -26.45 3.56
C GLU A 80 0.98 -26.36 3.14
N ASN A 81 1.70 -27.47 3.25
CA ASN A 81 3.11 -27.52 2.89
C ASN A 81 3.28 -27.45 1.37
N ASN A 82 3.92 -26.39 0.90
CA ASN A 82 4.15 -26.21 -0.52
C ASN A 82 5.26 -27.14 -1.02
N LYS A 83 6.41 -27.08 -0.36
CA LYS A 83 7.55 -27.91 -0.73
C LYS A 83 7.31 -29.37 -0.33
N GLY A 1 20.71 47.90 -16.47
CA GLY A 1 22.01 48.36 -16.03
C GLY A 1 23.02 47.24 -15.91
N SER A 2 23.94 47.38 -14.95
CA SER A 2 24.98 46.37 -14.74
C SER A 2 24.61 45.49 -13.54
N HIS A 3 24.90 44.20 -13.67
CA HIS A 3 24.61 43.24 -12.60
C HIS A 3 25.90 42.84 -11.88
N MET A 4 26.04 43.28 -10.64
CA MET A 4 27.22 42.95 -9.84
C MET A 4 26.84 42.64 -8.40
N GLY A 5 26.11 43.57 -7.77
CA GLY A 5 25.70 43.38 -6.40
C GLY A 5 24.27 43.81 -6.16
N LYS A 6 23.34 43.25 -6.96
CA LYS A 6 21.93 43.58 -6.83
C LYS A 6 21.18 42.51 -6.04
N LYS A 7 20.49 42.92 -4.98
CA LYS A 7 19.73 42.00 -4.15
C LYS A 7 18.55 42.70 -3.49
N THR A 8 17.35 42.28 -3.86
CA THR A 8 16.13 42.87 -3.30
C THR A 8 16.04 42.62 -1.80
N LYS A 9 15.26 43.46 -1.11
CA LYS A 9 15.08 43.33 0.33
C LYS A 9 13.61 43.19 0.68
N ARG A 10 13.33 42.96 1.97
CA ARG A 10 11.96 42.81 2.43
C ARG A 10 11.30 41.61 1.79
N THR A 11 11.14 40.54 2.58
CA THR A 11 10.52 39.32 2.08
C THR A 11 9.68 38.65 3.18
N ALA A 12 8.50 38.17 2.80
CA ALA A 12 7.60 37.50 3.73
C ALA A 12 7.72 35.99 3.63
N ASP A 13 7.55 35.47 2.41
CA ASP A 13 7.64 34.04 2.18
C ASP A 13 7.82 33.74 0.69
N GLU A 18 1.43 23.44 -3.89
CA GLU A 18 0.10 23.15 -4.42
C GLU A 18 -0.57 22.01 -3.64
N ASP A 19 -1.88 22.11 -3.47
CA ASP A 19 -2.63 21.09 -2.75
C ASP A 19 -3.33 20.14 -3.72
N GLU A 20 -2.86 18.89 -3.76
CA GLU A 20 -3.45 17.89 -4.64
C GLU A 20 -3.56 16.55 -3.93
N GLU A 21 -4.66 15.84 -4.20
CA GLU A 21 -4.89 14.54 -3.59
C GLU A 21 -4.02 13.47 -4.24
N GLU A 22 -3.70 12.43 -3.47
CA GLU A 22 -2.88 11.33 -3.97
C GLU A 22 -3.21 10.03 -3.26
N TYR A 23 -3.38 8.97 -4.03
CA TYR A 23 -3.71 7.66 -3.49
C TYR A 23 -2.73 6.59 -3.98
N VAL A 24 -1.83 6.17 -3.10
CA VAL A 24 -0.84 5.15 -3.44
C VAL A 24 -0.78 4.06 -2.38
N VAL A 25 -0.88 2.81 -2.82
CA VAL A 25 -0.84 1.68 -1.90
C VAL A 25 0.48 1.65 -1.12
N GLU A 26 0.40 1.20 0.13
CA GLU A 26 1.58 1.13 0.99
C GLU A 26 2.11 -0.30 1.06
N LYS A 27 1.26 -1.22 1.48
CA LYS A 27 1.65 -2.63 1.59
C LYS A 27 0.45 -3.48 2.02
N VAL A 28 0.60 -4.80 1.88
CA VAL A 28 -0.46 -5.73 2.26
C VAL A 28 -0.41 -6.04 3.75
N LEU A 29 -1.42 -5.59 4.48
CA LEU A 29 -1.48 -5.83 5.92
C LEU A 29 -2.14 -7.17 6.23
N ASP A 30 -3.31 -7.40 5.64
CA ASP A 30 -4.04 -8.64 5.83
C ASP A 30 -4.68 -9.12 4.53
N ARG A 31 -5.14 -10.36 4.52
CA ARG A 31 -5.77 -10.94 3.34
C ARG A 31 -6.94 -11.83 3.73
N ARG A 32 -8.02 -11.76 2.96
CA ARG A 32 -9.21 -12.56 3.22
C ARG A 32 -9.97 -12.86 1.93
N MET A 33 -10.91 -13.79 2.00
CA MET A 33 -11.70 -14.17 0.83
C MET A 33 -13.17 -14.30 1.20
N VAL A 34 -14.04 -13.79 0.33
CA VAL A 34 -15.48 -13.85 0.57
C VAL A 34 -16.24 -14.02 -0.75
N LYS A 35 -17.23 -14.91 -0.74
CA LYS A 35 -18.03 -15.16 -1.94
C LYS A 35 -17.15 -15.50 -3.14
N GLY A 36 -16.19 -16.41 -2.92
CA GLY A 36 -15.30 -16.81 -3.99
C GLY A 36 -14.51 -15.64 -4.54
N GLN A 37 -14.27 -14.64 -3.70
CA GLN A 37 -13.52 -13.46 -4.11
C GLN A 37 -12.40 -13.16 -3.13
N VAL A 38 -11.17 -13.04 -3.64
CA VAL A 38 -10.02 -12.75 -2.80
C VAL A 38 -9.80 -11.25 -2.66
N GLU A 39 -9.74 -10.76 -1.43
CA GLU A 39 -9.54 -9.35 -1.16
C GLU A 39 -8.24 -9.12 -0.38
N TYR A 40 -7.71 -7.92 -0.48
CA TYR A 40 -6.47 -7.56 0.20
C TYR A 40 -6.58 -6.20 0.88
N LEU A 41 -6.02 -6.09 2.08
CA LEU A 41 -6.06 -4.84 2.83
C LEU A 41 -5.04 -3.84 2.27
N LEU A 42 -5.54 -2.68 1.85
CA LEU A 42 -4.68 -1.64 1.30
C LEU A 42 -4.78 -0.36 2.12
N LYS A 43 -3.74 0.47 2.06
CA LYS A 43 -3.72 1.73 2.79
C LYS A 43 -3.19 2.86 1.92
N TRP A 44 -4.08 3.75 1.50
CA TRP A 44 -3.71 4.88 0.67
C TRP A 44 -2.89 5.90 1.46
N LYS A 45 -1.89 6.49 0.80
CA LYS A 45 -1.04 7.48 1.44
C LYS A 45 -1.87 8.56 2.12
N GLY A 46 -1.78 8.64 3.44
CA GLY A 46 -2.53 9.64 4.18
C GLY A 46 -3.53 9.01 5.13
N PHE A 47 -4.20 7.96 4.68
CA PHE A 47 -5.19 7.28 5.51
C PHE A 47 -4.52 6.44 6.59
N SER A 48 -4.95 6.64 7.84
CA SER A 48 -4.39 5.90 8.96
C SER A 48 -4.83 4.44 8.94
N GLU A 49 -4.24 3.64 9.83
CA GLU A 49 -4.57 2.22 9.90
C GLU A 49 -6.07 2.01 10.04
N GLU A 50 -6.68 2.77 10.95
CA GLU A 50 -8.11 2.67 11.19
C GLU A 50 -8.89 2.94 9.90
N HIS A 51 -8.26 3.62 8.97
CA HIS A 51 -8.89 3.96 7.70
C HIS A 51 -8.61 2.88 6.65
N ASN A 52 -8.24 1.69 7.12
CA ASN A 52 -7.94 0.58 6.23
C ASN A 52 -9.13 0.27 5.33
N THR A 53 -8.85 -0.38 4.20
CA THR A 53 -9.90 -0.73 3.24
C THR A 53 -9.55 -2.02 2.49
N TRP A 54 -10.56 -2.81 2.19
CA TRP A 54 -10.37 -4.07 1.48
C TRP A 54 -10.66 -3.90 -0.01
N GLU A 55 -9.76 -4.40 -0.85
CA GLU A 55 -9.91 -4.30 -2.29
C GLU A 55 -9.75 -5.67 -2.95
N PRO A 56 -10.36 -5.83 -4.14
CA PRO A 56 -10.30 -7.08 -4.90
C PRO A 56 -8.91 -7.35 -5.46
N GLU A 57 -8.46 -8.60 -5.35
CA GLU A 57 -7.14 -8.97 -5.85
C GLU A 57 -6.97 -8.58 -7.31
N LYS A 58 -8.05 -8.69 -8.08
CA LYS A 58 -8.03 -8.34 -9.50
C LYS A 58 -7.59 -6.89 -9.68
N ASN A 59 -7.99 -6.04 -8.75
CA ASN A 59 -7.64 -4.62 -8.82
C ASN A 59 -6.22 -4.38 -8.30
N LEU A 60 -5.80 -5.22 -7.35
CA LEU A 60 -4.48 -5.10 -6.77
C LEU A 60 -3.39 -5.19 -7.85
N ASP A 61 -2.92 -4.04 -8.29
CA ASP A 61 -1.89 -3.98 -9.32
C ASP A 61 -0.49 -4.12 -8.70
N CYS A 62 -0.31 -5.17 -7.91
CA CYS A 62 0.97 -5.42 -7.26
C CYS A 62 1.06 -6.85 -6.74
N PRO A 63 1.45 -7.78 -7.63
CA PRO A 63 1.57 -9.20 -7.28
C PRO A 63 2.74 -9.46 -6.33
N GLU A 64 3.83 -8.71 -6.52
CA GLU A 64 5.00 -8.87 -5.67
C GLU A 64 4.65 -8.73 -4.20
N LEU A 65 3.78 -7.75 -3.90
CA LEU A 65 3.36 -7.50 -2.52
C LEU A 65 2.82 -8.78 -1.88
N ILE A 66 1.88 -9.43 -2.57
CA ILE A 66 1.28 -10.65 -2.06
C ILE A 66 2.34 -11.73 -1.85
N SER A 67 3.18 -11.93 -2.85
CA SER A 67 4.24 -12.92 -2.78
C SER A 67 5.07 -12.75 -1.51
N GLU A 68 5.51 -11.51 -1.27
CA GLU A 68 6.32 -11.20 -0.09
C GLU A 68 5.52 -11.41 1.19
N PHE A 69 4.29 -10.90 1.20
CA PHE A 69 3.42 -11.03 2.36
C PHE A 69 3.34 -12.48 2.83
N MET A 70 3.09 -13.38 1.88
CA MET A 70 2.98 -14.80 2.19
C MET A 70 4.20 -15.28 2.99
N LYS A 71 5.35 -14.66 2.72
CA LYS A 71 6.58 -15.01 3.41
C LYS A 71 6.48 -14.69 4.89
N LYS A 72 5.86 -13.57 5.22
CA LYS A 72 5.70 -13.14 6.60
C LYS A 72 4.66 -14.00 7.31
N TYR A 73 3.49 -14.12 6.70
CA TYR A 73 2.40 -14.92 7.29
C TYR A 73 2.86 -16.35 7.55
N LYS A 74 3.58 -16.91 6.58
CA LYS A 74 4.08 -18.28 6.70
C LYS A 74 4.79 -18.49 8.03
N LYS A 75 5.70 -17.57 8.37
CA LYS A 75 6.44 -17.65 9.62
C LYS A 75 5.53 -17.42 10.81
N MET A 76 4.62 -16.46 10.68
CA MET A 76 3.68 -16.14 11.75
C MET A 76 2.96 -17.39 12.23
N LYS A 77 2.36 -18.13 11.30
CA LYS A 77 1.64 -19.35 11.64
C LYS A 77 2.05 -20.49 10.72
N GLU A 78 2.56 -21.57 11.30
CA GLU A 78 2.99 -22.73 10.54
C GLU A 78 2.03 -23.90 10.73
N GLY A 79 1.75 -24.62 9.65
CA GLY A 79 0.86 -25.75 9.72
C GLY A 79 0.68 -26.45 8.38
N GLU A 80 1.63 -27.32 8.04
CA GLU A 80 1.57 -28.05 6.78
C GLU A 80 2.53 -29.23 6.79
N ASN A 81 2.09 -30.35 6.23
CA ASN A 81 2.91 -31.56 6.18
C ASN A 81 4.04 -31.40 5.17
N ASN A 82 5.27 -31.66 5.61
CA ASN A 82 6.44 -31.54 4.75
C ASN A 82 6.88 -32.92 4.26
N LYS A 83 7.48 -32.94 3.07
CA LYS A 83 7.95 -34.19 2.47
C LYS A 83 9.20 -34.70 3.19
N GLY A 1 32.11 32.58 -26.77
CA GLY A 1 30.87 31.82 -26.81
C GLY A 1 31.10 30.34 -26.55
N SER A 2 30.69 29.89 -25.37
CA SER A 2 30.86 28.48 -24.99
C SER A 2 29.61 27.96 -24.30
N HIS A 3 29.39 26.65 -24.40
CA HIS A 3 28.23 26.02 -23.78
C HIS A 3 28.64 24.78 -22.98
N MET A 4 28.59 24.89 -21.66
CA MET A 4 28.96 23.78 -20.79
C MET A 4 28.29 23.92 -19.42
N GLY A 5 27.50 22.92 -19.04
CA GLY A 5 26.82 22.95 -17.77
C GLY A 5 25.86 24.12 -17.65
N LYS A 6 24.73 24.02 -18.33
CA LYS A 6 23.72 25.07 -18.29
C LYS A 6 22.34 24.50 -18.02
N LYS A 7 21.76 24.88 -16.88
CA LYS A 7 20.44 24.41 -16.50
C LYS A 7 19.35 25.08 -17.34
N THR A 8 18.73 24.31 -18.22
CA THR A 8 17.67 24.83 -19.08
C THR A 8 16.66 23.74 -19.43
N LYS A 9 15.41 24.16 -19.64
CA LYS A 9 14.35 23.22 -19.97
C LYS A 9 13.39 23.83 -21.00
N ARG A 10 13.04 23.06 -22.01
CA ARG A 10 12.13 23.53 -23.05
C ARG A 10 10.98 22.54 -23.25
N THR A 11 9.77 23.07 -23.44
CA THR A 11 8.60 22.24 -23.65
C THR A 11 8.41 21.27 -22.49
N ALA A 12 8.38 21.79 -21.27
CA ALA A 12 8.20 20.96 -20.08
C ALA A 12 6.82 21.15 -19.47
N ASP A 13 6.47 22.41 -19.21
CA ASP A 13 5.17 22.73 -18.63
C ASP A 13 5.00 22.06 -17.27
N GLU A 18 -1.13 21.77 -5.89
CA GLU A 18 -1.84 20.53 -5.61
C GLU A 18 -3.07 20.78 -4.75
N ASP A 19 -4.17 20.14 -5.09
CA ASP A 19 -5.42 20.30 -4.35
C ASP A 19 -5.58 19.19 -3.32
N GLU A 20 -5.48 17.95 -3.77
CA GLU A 20 -5.61 16.80 -2.88
C GLU A 20 -4.46 15.81 -3.09
N GLU A 21 -4.13 15.07 -2.04
CA GLU A 21 -3.05 14.09 -2.11
C GLU A 21 -3.47 12.87 -2.91
N GLU A 22 -2.55 12.35 -3.70
CA GLU A 22 -2.83 11.16 -4.53
C GLU A 22 -2.95 9.91 -3.67
N TYR A 23 -3.53 8.86 -4.24
CA TYR A 23 -3.70 7.61 -3.52
C TYR A 23 -2.67 6.58 -3.97
N VAL A 24 -1.79 6.21 -3.04
CA VAL A 24 -0.74 5.23 -3.32
C VAL A 24 -0.68 4.16 -2.24
N VAL A 25 -0.74 2.90 -2.66
CA VAL A 25 -0.68 1.78 -1.72
C VAL A 25 0.64 1.76 -0.97
N GLU A 26 0.60 1.29 0.28
CA GLU A 26 1.79 1.23 1.11
C GLU A 26 2.36 -0.19 1.11
N LYS A 27 1.54 -1.16 1.52
CA LYS A 27 1.96 -2.55 1.57
C LYS A 27 0.80 -3.46 1.99
N VAL A 28 0.97 -4.75 1.80
CA VAL A 28 -0.07 -5.72 2.16
C VAL A 28 -0.02 -6.04 3.66
N LEU A 29 -1.05 -5.62 4.37
CA LEU A 29 -1.12 -5.86 5.81
C LEU A 29 -1.81 -7.19 6.10
N ASP A 30 -2.97 -7.41 5.51
CA ASP A 30 -3.72 -8.65 5.70
C ASP A 30 -4.37 -9.09 4.39
N ARG A 31 -4.88 -10.33 4.39
CA ARG A 31 -5.52 -10.87 3.20
C ARG A 31 -6.74 -11.71 3.58
N ARG A 32 -7.78 -11.64 2.77
CA ARG A 32 -9.01 -12.38 3.02
C ARG A 32 -9.90 -12.41 1.79
N MET A 33 -10.66 -13.49 1.64
CA MET A 33 -11.57 -13.63 0.50
C MET A 33 -13.01 -13.45 0.92
N VAL A 34 -13.76 -12.67 0.13
CA VAL A 34 -15.16 -12.40 0.43
C VAL A 34 -16.02 -12.53 -0.83
N LYS A 35 -17.18 -13.16 -0.69
CA LYS A 35 -18.09 -13.34 -1.82
C LYS A 35 -17.38 -14.01 -2.99
N GLY A 36 -16.62 -15.06 -2.70
CA GLY A 36 -15.90 -15.77 -3.74
C GLY A 36 -14.93 -14.88 -4.48
N GLN A 37 -14.42 -13.85 -3.80
CA GLN A 37 -13.47 -12.92 -4.40
C GLN A 37 -12.34 -12.60 -3.44
N VAL A 38 -11.11 -12.79 -3.89
CA VAL A 38 -9.94 -12.51 -3.07
C VAL A 38 -9.76 -11.02 -2.86
N GLU A 39 -9.54 -10.63 -1.60
CA GLU A 39 -9.35 -9.22 -1.25
C GLU A 39 -8.06 -9.02 -0.48
N TYR A 40 -7.56 -7.79 -0.48
CA TYR A 40 -6.32 -7.47 0.22
C TYR A 40 -6.43 -6.13 0.95
N LEU A 41 -5.89 -6.07 2.16
CA LEU A 41 -5.94 -4.86 2.96
C LEU A 41 -4.90 -3.85 2.48
N LEU A 42 -5.37 -2.78 1.83
CA LEU A 42 -4.48 -1.75 1.33
C LEU A 42 -4.60 -0.47 2.14
N LYS A 43 -3.56 0.35 2.11
CA LYS A 43 -3.55 1.61 2.85
C LYS A 43 -3.05 2.75 1.97
N TRP A 44 -3.92 3.73 1.73
CA TRP A 44 -3.55 4.89 0.91
C TRP A 44 -2.68 5.86 1.68
N LYS A 45 -1.70 6.43 1.00
CA LYS A 45 -0.78 7.39 1.63
C LYS A 45 -1.55 8.47 2.37
N GLY A 46 -1.36 8.53 3.68
CA GLY A 46 -2.04 9.53 4.48
C GLY A 46 -3.04 8.92 5.46
N PHE A 47 -3.75 7.90 5.00
CA PHE A 47 -4.75 7.23 5.83
C PHE A 47 -4.07 6.38 6.90
N SER A 48 -4.75 6.20 8.03
CA SER A 48 -4.20 5.41 9.13
C SER A 48 -4.75 3.99 9.10
N GLU A 49 -4.20 3.13 9.94
CA GLU A 49 -4.62 1.75 10.00
C GLU A 49 -6.13 1.64 10.22
N GLU A 50 -6.64 2.47 11.13
CA GLU A 50 -8.07 2.48 11.44
C GLU A 50 -8.89 2.74 10.18
N HIS A 51 -8.29 3.47 9.23
CA HIS A 51 -8.97 3.79 7.97
C HIS A 51 -8.66 2.74 6.91
N ASN A 52 -8.22 1.57 7.34
CA ASN A 52 -7.89 0.49 6.41
C ASN A 52 -9.06 0.19 5.49
N THR A 53 -8.75 -0.37 4.32
CA THR A 53 -9.78 -0.71 3.34
C THR A 53 -9.40 -1.96 2.57
N TRP A 54 -10.41 -2.77 2.23
CA TRP A 54 -10.18 -4.00 1.48
C TRP A 54 -10.43 -3.79 0.00
N GLU A 55 -9.51 -4.27 -0.83
CA GLU A 55 -9.64 -4.14 -2.27
C GLU A 55 -9.52 -5.50 -2.97
N PRO A 56 -10.14 -5.62 -4.15
CA PRO A 56 -10.11 -6.85 -4.94
C PRO A 56 -8.73 -7.15 -5.52
N GLU A 57 -8.38 -8.43 -5.59
CA GLU A 57 -7.09 -8.83 -6.12
C GLU A 57 -6.90 -8.30 -7.54
N LYS A 58 -7.97 -8.33 -8.32
CA LYS A 58 -7.92 -7.85 -9.70
C LYS A 58 -7.43 -6.40 -9.75
N ASN A 59 -7.67 -5.66 -8.68
CA ASN A 59 -7.26 -4.26 -8.60
C ASN A 59 -5.83 -4.14 -8.10
N LEU A 60 -5.42 -5.08 -7.24
CA LEU A 60 -4.07 -5.07 -6.69
C LEU A 60 -3.03 -5.15 -7.80
N ASP A 61 -2.51 -3.99 -8.19
CA ASP A 61 -1.50 -3.92 -9.24
C ASP A 61 -0.11 -4.15 -8.68
N CYS A 62 0.05 -5.25 -7.94
CA CYS A 62 1.34 -5.57 -7.33
C CYS A 62 1.35 -7.01 -6.82
N PRO A 63 1.68 -7.95 -7.73
CA PRO A 63 1.73 -9.38 -7.40
C PRO A 63 2.90 -9.72 -6.48
N GLU A 64 4.02 -9.05 -6.69
CA GLU A 64 5.21 -9.29 -5.88
C GLU A 64 4.91 -9.11 -4.40
N LEU A 65 4.10 -8.09 -4.08
CA LEU A 65 3.73 -7.81 -2.70
C LEU A 65 3.13 -9.05 -2.04
N ILE A 66 2.14 -9.64 -2.71
CA ILE A 66 1.49 -10.83 -2.18
C ILE A 66 2.49 -11.96 -1.96
N SER A 67 3.33 -12.21 -2.96
CA SER A 67 4.33 -13.26 -2.88
C SER A 67 5.18 -13.11 -1.62
N GLU A 68 5.65 -11.88 -1.39
CA GLU A 68 6.48 -11.60 -0.22
C GLU A 68 5.68 -11.76 1.06
N PHE A 69 4.48 -11.18 1.08
CA PHE A 69 3.61 -11.24 2.25
C PHE A 69 3.45 -12.69 2.72
N MET A 70 3.14 -13.58 1.79
CA MET A 70 2.96 -15.00 2.11
C MET A 70 4.14 -15.52 2.92
N LYS A 71 5.32 -14.98 2.66
CA LYS A 71 6.53 -15.39 3.36
C LYS A 71 6.42 -15.09 4.85
N LYS A 72 5.86 -13.94 5.18
CA LYS A 72 5.69 -13.55 6.57
C LYS A 72 4.55 -14.31 7.23
N TYR A 73 3.40 -14.33 6.55
CA TYR A 73 2.22 -15.03 7.07
C TYR A 73 2.55 -16.49 7.38
N LYS A 74 3.38 -17.10 6.54
CA LYS A 74 3.77 -18.49 6.72
C LYS A 74 4.28 -18.73 8.14
N LYS A 75 5.12 -17.82 8.63
CA LYS A 75 5.67 -17.93 9.97
C LYS A 75 4.63 -17.54 11.02
N MET A 76 3.95 -16.42 10.79
CA MET A 76 2.93 -15.94 11.70
C MET A 76 1.90 -17.04 12.00
N LYS A 77 1.30 -17.58 10.95
CA LYS A 77 0.31 -18.63 11.10
C LYS A 77 0.96 -19.94 11.51
N GLU A 78 1.94 -20.38 10.73
CA GLU A 78 2.65 -21.63 11.01
C GLU A 78 3.91 -21.36 11.83
N GLY A 79 3.86 -21.73 13.11
CA GLY A 79 5.01 -21.52 13.98
C GLY A 79 5.68 -22.81 14.37
N GLU A 80 5.05 -23.59 15.25
CA GLU A 80 5.59 -24.85 15.70
C GLU A 80 4.48 -25.75 16.26
N ASN A 81 4.30 -26.90 15.63
CA ASN A 81 3.28 -27.86 16.06
C ASN A 81 3.85 -29.26 16.17
N ASN A 82 3.43 -29.99 17.19
CA ASN A 82 3.90 -31.36 17.40
C ASN A 82 2.91 -32.37 16.85
N LYS A 83 3.30 -33.05 15.77
CA LYS A 83 2.45 -34.05 15.14
C LYS A 83 2.38 -35.32 15.98
N GLY A 1 21.20 0.08 6.68
CA GLY A 1 22.31 0.90 7.12
C GLY A 1 22.89 1.74 5.99
N SER A 2 24.14 1.48 5.65
CA SER A 2 24.81 2.21 4.58
C SER A 2 24.87 3.71 4.91
N HIS A 3 26.03 4.16 5.36
CA HIS A 3 26.22 5.56 5.71
C HIS A 3 27.68 5.97 5.56
N MET A 4 27.90 7.18 5.08
CA MET A 4 29.26 7.69 4.88
C MET A 4 29.38 9.12 5.40
N GLY A 5 28.50 10.00 4.93
CA GLY A 5 28.53 11.39 5.37
C GLY A 5 27.34 12.17 4.87
N LYS A 6 26.18 11.94 5.48
CA LYS A 6 24.95 12.64 5.09
C LYS A 6 24.98 14.09 5.56
N LYS A 7 24.52 14.99 4.71
CA LYS A 7 24.47 16.40 5.04
C LYS A 7 23.17 16.77 5.74
N THR A 8 23.26 17.70 6.70
CA THR A 8 22.09 18.14 7.44
C THR A 8 21.66 19.55 7.04
N LYS A 9 20.45 19.66 6.50
CA LYS A 9 19.93 20.96 6.07
C LYS A 9 18.52 21.17 6.59
N ARG A 10 18.14 22.43 6.76
CA ARG A 10 16.81 22.77 7.26
C ARG A 10 16.19 23.91 6.44
N THR A 11 14.93 23.74 6.07
CA THR A 11 14.23 24.75 5.28
C THR A 11 14.05 26.03 6.07
N ALA A 12 13.97 27.16 5.36
CA ALA A 12 13.80 28.45 6.00
C ALA A 12 12.37 28.64 6.50
N ASP A 13 11.40 28.44 5.61
CA ASP A 13 9.99 28.57 5.96
C ASP A 13 9.54 27.42 6.86
N GLU A 18 2.39 20.10 1.54
CA GLU A 18 2.55 19.48 0.22
C GLU A 18 1.56 20.08 -0.78
N ASP A 19 1.98 20.19 -2.02
CA ASP A 19 1.14 20.75 -3.08
C ASP A 19 0.45 19.63 -3.86
N GLU A 20 1.23 18.69 -4.38
CA GLU A 20 0.70 17.58 -5.14
C GLU A 20 0.69 16.30 -4.33
N GLU A 21 -0.45 15.61 -4.31
CA GLU A 21 -0.59 14.37 -3.56
C GLU A 21 -1.55 13.42 -4.25
N GLU A 22 -1.18 12.14 -4.31
CA GLU A 22 -2.02 11.13 -4.94
C GLU A 22 -2.22 9.94 -4.02
N TYR A 23 -3.27 9.17 -4.29
CA TYR A 23 -3.58 7.99 -3.48
C TYR A 23 -2.83 6.76 -3.99
N VAL A 24 -1.84 6.32 -3.24
CA VAL A 24 -1.04 5.16 -3.61
C VAL A 24 -1.06 4.10 -2.51
N VAL A 25 -0.98 2.84 -2.91
CA VAL A 25 -0.98 1.73 -1.95
C VAL A 25 0.23 1.80 -1.03
N GLU A 26 0.06 1.33 0.20
CA GLU A 26 1.14 1.33 1.17
C GLU A 26 1.67 -0.08 1.41
N LYS A 27 0.78 -0.98 1.80
CA LYS A 27 1.15 -2.37 2.05
C LYS A 27 -0.08 -3.21 2.38
N VAL A 28 0.09 -4.53 2.34
CA VAL A 28 -1.00 -5.46 2.64
C VAL A 28 -1.20 -5.60 4.15
N LEU A 29 -2.33 -5.10 4.64
CA LEU A 29 -2.64 -5.19 6.07
C LEU A 29 -3.15 -6.58 6.43
N ASP A 30 -4.13 -7.06 5.68
CA ASP A 30 -4.71 -8.38 5.93
C ASP A 30 -5.26 -8.98 4.64
N ARG A 31 -5.62 -10.26 4.69
CA ARG A 31 -6.17 -10.94 3.53
C ARG A 31 -7.25 -11.95 3.95
N ARG A 32 -8.28 -12.07 3.13
CA ARG A 32 -9.38 -12.99 3.43
C ARG A 32 -10.09 -13.41 2.14
N MET A 33 -10.81 -14.52 2.20
CA MET A 33 -11.55 -15.02 1.04
C MET A 33 -12.99 -15.36 1.42
N VAL A 34 -13.93 -14.87 0.62
CA VAL A 34 -15.35 -15.13 0.88
C VAL A 34 -16.12 -15.24 -0.44
N LYS A 35 -17.04 -16.20 -0.49
CA LYS A 35 -17.85 -16.41 -1.68
C LYS A 35 -16.96 -16.70 -2.90
N GLY A 36 -15.97 -17.56 -2.72
CA GLY A 36 -15.08 -17.89 -3.81
C GLY A 36 -14.35 -16.67 -4.36
N GLN A 37 -14.16 -15.67 -3.51
CA GLN A 37 -13.48 -14.45 -3.91
C GLN A 37 -12.52 -13.96 -2.83
N VAL A 38 -11.26 -13.76 -3.20
CA VAL A 38 -10.25 -13.30 -2.27
C VAL A 38 -9.99 -11.81 -2.41
N GLU A 39 -9.96 -11.11 -1.29
CA GLU A 39 -9.73 -9.67 -1.30
C GLU A 39 -8.58 -9.29 -0.37
N TYR A 40 -7.78 -8.32 -0.78
CA TYR A 40 -6.64 -7.87 0.02
C TYR A 40 -6.87 -6.47 0.56
N LEU A 41 -6.29 -6.19 1.72
CA LEU A 41 -6.44 -4.88 2.36
C LEU A 41 -5.52 -3.85 1.70
N LEU A 42 -6.10 -2.77 1.20
CA LEU A 42 -5.33 -1.71 0.55
C LEU A 42 -5.34 -0.45 1.39
N LYS A 43 -4.24 0.30 1.32
CA LYS A 43 -4.11 1.54 2.08
C LYS A 43 -3.59 2.67 1.19
N TRP A 44 -4.44 3.67 0.96
CA TRP A 44 -4.07 4.81 0.13
C TRP A 44 -3.31 5.86 0.95
N LYS A 45 -2.38 6.55 0.29
CA LYS A 45 -1.59 7.58 0.96
C LYS A 45 -2.49 8.59 1.65
N GLY A 46 -2.52 8.53 2.98
CA GLY A 46 -3.34 9.46 3.74
C GLY A 46 -4.27 8.74 4.70
N PHE A 47 -4.80 7.60 4.28
CA PHE A 47 -5.71 6.83 5.10
C PHE A 47 -4.97 6.18 6.28
N SER A 48 -5.73 5.72 7.26
CA SER A 48 -5.14 5.09 8.44
C SER A 48 -5.67 3.66 8.60
N GLU A 49 -5.04 2.92 9.51
CA GLU A 49 -5.45 1.54 9.78
C GLU A 49 -6.96 1.45 10.01
N GLU A 50 -7.47 2.31 10.89
CA GLU A 50 -8.89 2.33 11.19
C GLU A 50 -9.72 2.51 9.94
N HIS A 51 -9.16 3.21 8.96
CA HIS A 51 -9.85 3.46 7.70
C HIS A 51 -9.48 2.40 6.66
N ASN A 52 -8.99 1.27 7.14
CA ASN A 52 -8.58 0.19 6.24
C ASN A 52 -9.70 -0.16 5.26
N THR A 53 -9.32 -0.49 4.03
CA THR A 53 -10.29 -0.85 3.01
C THR A 53 -9.99 -2.22 2.41
N TRP A 54 -11.04 -2.95 2.08
CA TRP A 54 -10.89 -4.29 1.50
C TRP A 54 -11.25 -4.28 0.02
N GLU A 55 -10.27 -4.61 -0.82
CA GLU A 55 -10.49 -4.64 -2.26
C GLU A 55 -10.26 -6.04 -2.81
N PRO A 56 -11.05 -6.40 -3.84
CA PRO A 56 -10.97 -7.72 -4.48
C PRO A 56 -9.68 -7.89 -5.28
N GLU A 57 -9.20 -9.13 -5.35
CA GLU A 57 -7.97 -9.42 -6.09
C GLU A 57 -8.04 -8.87 -7.50
N LYS A 58 -9.23 -8.92 -8.10
CA LYS A 58 -9.44 -8.41 -9.45
C LYS A 58 -9.01 -6.95 -9.56
N ASN A 59 -9.28 -6.18 -8.51
CA ASN A 59 -8.92 -4.77 -8.48
C ASN A 59 -7.63 -4.54 -7.70
N LEU A 60 -6.76 -5.56 -7.70
CA LEU A 60 -5.49 -5.47 -7.00
C LEU A 60 -4.32 -5.43 -7.98
N ASP A 61 -4.00 -4.23 -8.46
CA ASP A 61 -2.90 -4.05 -9.40
C ASP A 61 -1.57 -3.95 -8.67
N CYS A 62 -1.28 -4.94 -7.84
CA CYS A 62 -0.03 -4.96 -7.08
C CYS A 62 0.27 -6.37 -6.58
N PRO A 63 0.79 -7.22 -7.47
CA PRO A 63 1.14 -8.60 -7.15
C PRO A 63 2.34 -8.70 -6.22
N GLU A 64 3.33 -7.83 -6.44
CA GLU A 64 4.53 -7.81 -5.63
C GLU A 64 4.19 -7.72 -4.15
N LEU A 65 3.19 -6.91 -3.83
CA LEU A 65 2.77 -6.74 -2.44
C LEU A 65 2.43 -8.08 -1.80
N ILE A 66 1.59 -8.85 -2.48
CA ILE A 66 1.19 -10.16 -1.98
C ILE A 66 2.39 -11.08 -1.83
N SER A 67 3.21 -11.16 -2.87
CA SER A 67 4.40 -12.01 -2.86
C SER A 67 5.28 -11.69 -1.65
N GLU A 68 5.57 -10.41 -1.45
CA GLU A 68 6.39 -9.98 -0.33
C GLU A 68 5.70 -10.27 1.01
N PHE A 69 4.43 -9.91 1.09
CA PHE A 69 3.65 -10.13 2.31
C PHE A 69 3.76 -11.59 2.76
N MET A 70 3.58 -12.51 1.82
CA MET A 70 3.67 -13.93 2.13
C MET A 70 4.95 -14.25 2.89
N LYS A 71 6.01 -13.50 2.61
CA LYS A 71 7.29 -13.70 3.26
C LYS A 71 7.17 -13.51 4.77
N LYS A 72 6.41 -12.50 5.18
CA LYS A 72 6.21 -12.22 6.59
C LYS A 72 5.18 -13.16 7.20
N TYR A 73 4.02 -13.26 6.56
CA TYR A 73 2.95 -14.13 7.03
C TYR A 73 3.45 -15.55 7.21
N LYS A 74 4.26 -16.01 6.26
CA LYS A 74 4.81 -17.37 6.30
C LYS A 74 5.44 -17.65 7.67
N LYS A 75 6.25 -16.71 8.15
CA LYS A 75 6.91 -16.86 9.43
C LYS A 75 5.90 -16.74 10.58
N MET A 76 5.03 -15.75 10.48
CA MET A 76 4.01 -15.52 11.51
C MET A 76 3.20 -16.79 11.75
N LYS A 77 2.64 -17.35 10.68
CA LYS A 77 1.84 -18.56 10.78
C LYS A 77 2.71 -19.76 11.13
N GLU A 78 3.77 -19.97 10.35
CA GLU A 78 4.68 -21.09 10.60
C GLU A 78 5.90 -20.63 11.38
N GLY A 79 5.97 -21.03 12.65
CA GLY A 79 7.08 -20.66 13.49
C GLY A 79 7.29 -21.61 14.65
N GLU A 80 8.51 -22.12 14.79
CA GLU A 80 8.82 -23.05 15.86
C GLU A 80 8.59 -22.41 17.23
N ASN A 81 8.27 -23.25 18.21
CA ASN A 81 8.01 -22.76 19.57
C ASN A 81 9.33 -22.49 20.31
N ASN A 82 9.29 -21.53 21.22
CA ASN A 82 10.47 -21.17 22.00
C ASN A 82 10.76 -22.23 23.06
N LYS A 83 12.04 -22.56 23.22
CA LYS A 83 12.46 -23.55 24.20
C LYS A 83 12.82 -22.90 25.53
N GLY A 1 -8.28 18.28 -31.02
CA GLY A 1 -7.90 16.89 -31.03
C GLY A 1 -7.57 16.35 -29.65
N SER A 2 -6.36 15.83 -29.49
CA SER A 2 -5.93 15.27 -28.22
C SER A 2 -5.01 16.26 -27.49
N HIS A 3 -5.43 16.69 -26.31
CA HIS A 3 -4.65 17.62 -25.50
C HIS A 3 -3.57 16.89 -24.71
N MET A 4 -2.34 17.39 -24.79
CA MET A 4 -1.22 16.79 -24.08
C MET A 4 -0.82 17.63 -22.88
N GLY A 5 -0.75 18.95 -23.08
CA GLY A 5 -0.37 19.84 -22.00
C GLY A 5 -0.31 21.29 -22.45
N LYS A 6 -1.48 21.91 -22.58
CA LYS A 6 -1.57 23.30 -23.01
C LYS A 6 -1.14 24.25 -21.87
N LYS A 7 -0.54 25.37 -22.25
CA LYS A 7 -0.09 26.35 -21.26
C LYS A 7 -0.54 27.77 -21.65
N THR A 8 -1.49 28.30 -20.91
CA THR A 8 -2.00 29.64 -21.17
C THR A 8 -2.83 30.16 -20.00
N LYS A 9 -2.61 31.41 -19.64
CA LYS A 9 -3.33 32.04 -18.54
C LYS A 9 -3.48 33.54 -18.75
N ARG A 10 -4.70 34.03 -18.69
CA ARG A 10 -4.97 35.46 -18.87
C ARG A 10 -5.94 35.97 -17.82
N THR A 11 -5.42 36.76 -16.88
CA THR A 11 -6.24 37.31 -15.80
C THR A 11 -5.57 38.53 -15.19
N ALA A 12 -6.39 39.42 -14.62
CA ALA A 12 -5.87 40.63 -13.99
C ALA A 12 -5.26 40.33 -12.64
N ASP A 13 -6.02 39.67 -11.77
CA ASP A 13 -5.53 39.33 -10.44
C ASP A 13 -5.23 37.82 -10.35
N GLU A 18 -6.28 24.59 -6.25
CA GLU A 18 -6.16 23.41 -5.39
C GLU A 18 -5.46 22.28 -6.12
N ASP A 19 -4.68 21.49 -5.37
CA ASP A 19 -3.95 20.37 -5.94
C ASP A 19 -4.58 19.05 -5.54
N GLU A 20 -4.48 18.05 -6.40
CA GLU A 20 -5.05 16.74 -6.13
C GLU A 20 -3.97 15.77 -5.66
N GLU A 21 -4.36 14.81 -4.81
CA GLU A 21 -3.42 13.83 -4.29
C GLU A 21 -3.67 12.46 -4.92
N GLU A 22 -2.62 11.65 -4.98
CA GLU A 22 -2.71 10.32 -5.56
C GLU A 22 -2.78 9.25 -4.47
N TYR A 23 -3.35 8.10 -4.81
CA TYR A 23 -3.48 7.00 -3.86
C TYR A 23 -2.47 5.90 -4.14
N VAL A 24 -1.57 5.67 -3.20
CA VAL A 24 -0.54 4.65 -3.36
C VAL A 24 -0.58 3.67 -2.19
N VAL A 25 -0.49 2.38 -2.50
CA VAL A 25 -0.51 1.34 -1.49
C VAL A 25 0.79 1.33 -0.69
N GLU A 26 0.69 0.93 0.57
CA GLU A 26 1.87 0.88 1.45
C GLU A 26 2.41 -0.54 1.54
N LYS A 27 1.55 -1.48 1.94
CA LYS A 27 1.95 -2.87 2.07
C LYS A 27 0.75 -3.74 2.44
N VAL A 28 0.91 -5.05 2.29
CA VAL A 28 -0.16 -6.00 2.61
C VAL A 28 -0.15 -6.33 4.10
N LEU A 29 -1.21 -5.93 4.80
CA LEU A 29 -1.33 -6.20 6.22
C LEU A 29 -2.06 -7.51 6.48
N ASP A 30 -3.23 -7.66 5.86
CA ASP A 30 -4.02 -8.88 6.01
C ASP A 30 -4.63 -9.30 4.68
N ARG A 31 -4.98 -10.58 4.57
CA ARG A 31 -5.57 -11.11 3.34
C ARG A 31 -6.82 -11.93 3.66
N ARG A 32 -7.86 -11.74 2.85
CA ARG A 32 -9.11 -12.46 3.04
C ARG A 32 -9.90 -12.53 1.74
N MET A 33 -10.74 -13.56 1.61
CA MET A 33 -11.56 -13.73 0.42
C MET A 33 -13.02 -13.94 0.79
N VAL A 34 -13.91 -13.31 0.04
CA VAL A 34 -15.35 -13.42 0.29
C VAL A 34 -16.14 -13.38 -1.02
N LYS A 35 -17.13 -14.25 -1.13
CA LYS A 35 -17.98 -14.31 -2.32
C LYS A 35 -17.12 -14.47 -3.57
N GLY A 36 -16.18 -15.42 -3.52
CA GLY A 36 -15.31 -15.66 -4.67
C GLY A 36 -14.51 -14.43 -5.06
N GLN A 37 -14.24 -13.57 -4.07
CA GLN A 37 -13.48 -12.35 -4.33
C GLN A 37 -12.35 -12.20 -3.32
N VAL A 38 -11.13 -12.02 -3.83
CA VAL A 38 -9.96 -11.86 -2.97
C VAL A 38 -9.71 -10.40 -2.65
N GLU A 39 -9.67 -10.08 -1.36
CA GLU A 39 -9.44 -8.71 -0.91
C GLU A 39 -8.14 -8.60 -0.12
N TYR A 40 -7.61 -7.38 -0.02
CA TYR A 40 -6.37 -7.15 0.72
C TYR A 40 -6.47 -5.87 1.55
N LEU A 41 -5.91 -5.91 2.74
CA LEU A 41 -5.92 -4.76 3.63
C LEU A 41 -4.74 -3.83 3.35
N LEU A 42 -5.00 -2.75 2.62
CA LEU A 42 -3.96 -1.78 2.28
C LEU A 42 -4.33 -0.39 2.77
N LYS A 43 -3.32 0.45 2.96
CA LYS A 43 -3.54 1.82 3.42
C LYS A 43 -2.94 2.82 2.44
N TRP A 44 -3.79 3.74 1.97
CA TRP A 44 -3.34 4.76 1.03
C TRP A 44 -2.43 5.79 1.71
N LYS A 45 -1.45 6.29 0.97
CA LYS A 45 -0.52 7.27 1.50
C LYS A 45 -1.27 8.44 2.15
N GLY A 46 -1.30 8.44 3.48
CA GLY A 46 -1.98 9.50 4.20
C GLY A 46 -2.95 8.96 5.23
N PHE A 47 -3.70 7.94 4.85
CA PHE A 47 -4.68 7.33 5.75
C PHE A 47 -3.99 6.55 6.86
N SER A 48 -4.67 6.41 7.99
CA SER A 48 -4.12 5.67 9.13
C SER A 48 -4.67 4.25 9.18
N GLU A 49 -4.10 3.43 10.05
CA GLU A 49 -4.53 2.04 10.20
C GLU A 49 -6.04 1.97 10.45
N GLU A 50 -6.53 2.84 11.31
CA GLU A 50 -7.96 2.88 11.64
C GLU A 50 -8.80 3.10 10.38
N HIS A 51 -8.21 3.77 9.40
CA HIS A 51 -8.90 4.05 8.15
C HIS A 51 -8.60 2.97 7.10
N ASN A 52 -8.17 1.80 7.58
CA ASN A 52 -7.85 0.69 6.69
C ASN A 52 -9.03 0.37 5.79
N THR A 53 -8.74 -0.29 4.66
CA THR A 53 -9.77 -0.67 3.71
C THR A 53 -9.38 -1.91 2.93
N TRP A 54 -10.36 -2.75 2.61
CA TRP A 54 -10.11 -3.97 1.87
C TRP A 54 -10.39 -3.77 0.38
N GLU A 55 -9.33 -3.83 -0.42
CA GLU A 55 -9.45 -3.66 -1.86
C GLU A 55 -9.27 -4.99 -2.59
N PRO A 56 -9.86 -5.09 -3.79
CA PRO A 56 -9.78 -6.31 -4.61
C PRO A 56 -8.39 -6.52 -5.17
N GLU A 57 -7.95 -7.78 -5.16
CA GLU A 57 -6.63 -8.13 -5.68
C GLU A 57 -6.44 -7.61 -7.11
N LYS A 58 -7.51 -7.66 -7.90
CA LYS A 58 -7.47 -7.19 -9.28
C LYS A 58 -7.02 -5.74 -9.34
N ASN A 59 -7.39 -4.96 -8.33
CA ASN A 59 -7.03 -3.55 -8.28
C ASN A 59 -5.62 -3.37 -7.70
N LEU A 60 -5.26 -4.25 -6.75
CA LEU A 60 -3.95 -4.19 -6.13
C LEU A 60 -2.84 -4.19 -7.17
N ASP A 61 -2.30 -3.02 -7.46
CA ASP A 61 -1.22 -2.89 -8.44
C ASP A 61 0.13 -3.19 -7.81
N CYS A 62 0.24 -4.34 -7.16
CA CYS A 62 1.49 -4.74 -6.51
C CYS A 62 1.45 -6.21 -6.14
N PRO A 63 1.80 -7.07 -7.12
CA PRO A 63 1.81 -8.52 -6.92
C PRO A 63 2.95 -8.97 -6.00
N GLU A 64 4.11 -8.34 -6.14
CA GLU A 64 5.26 -8.68 -5.32
C GLU A 64 4.91 -8.60 -3.83
N LEU A 65 4.14 -7.59 -3.47
CA LEU A 65 3.73 -7.41 -2.08
C LEU A 65 3.09 -8.67 -1.52
N ILE A 66 2.09 -9.18 -2.24
CA ILE A 66 1.40 -10.40 -1.82
C ILE A 66 2.36 -11.59 -1.76
N SER A 67 3.13 -11.77 -2.83
CA SER A 67 4.08 -12.88 -2.90
C SER A 67 5.00 -12.89 -1.68
N GLU A 68 5.56 -11.72 -1.36
CA GLU A 68 6.46 -11.60 -0.22
C GLU A 68 5.70 -11.85 1.09
N PHE A 69 4.55 -11.22 1.23
CA PHE A 69 3.73 -11.36 2.43
C PHE A 69 3.51 -12.84 2.75
N MET A 70 3.12 -13.62 1.74
CA MET A 70 2.88 -15.04 1.91
C MET A 70 4.06 -15.72 2.61
N LYS A 71 5.26 -15.20 2.35
CA LYS A 71 6.47 -15.75 2.95
C LYS A 71 6.43 -15.64 4.47
N LYS A 72 5.93 -14.50 4.96
CA LYS A 72 5.84 -14.27 6.39
C LYS A 72 4.67 -15.04 7.00
N TYR A 73 3.50 -14.92 6.37
CA TYR A 73 2.31 -15.61 6.85
C TYR A 73 2.56 -17.11 6.99
N LYS A 74 3.27 -17.67 6.01
CA LYS A 74 3.59 -19.10 6.02
C LYS A 74 4.18 -19.52 7.36
N LYS A 75 5.17 -18.75 7.83
CA LYS A 75 5.82 -19.04 9.10
C LYS A 75 4.88 -18.78 10.27
N MET A 76 4.14 -17.67 10.20
CA MET A 76 3.20 -17.30 11.25
C MET A 76 2.23 -18.44 11.52
N LYS A 77 1.57 -18.93 10.46
CA LYS A 77 0.61 -20.01 10.59
C LYS A 77 1.32 -21.31 10.99
N GLU A 78 0.64 -22.13 11.79
CA GLU A 78 1.20 -23.39 12.23
C GLU A 78 1.22 -24.41 11.10
N GLY A 79 2.24 -25.25 11.09
CA GLY A 79 2.36 -26.26 10.04
C GLY A 79 2.79 -27.61 10.60
N GLU A 80 1.87 -28.57 10.58
CA GLU A 80 2.15 -29.92 11.08
C GLU A 80 3.08 -30.65 10.13
N ASN A 81 4.11 -31.29 10.70
CA ASN A 81 5.07 -32.05 9.91
C ASN A 81 4.72 -33.54 9.89
N ASN A 82 4.97 -34.18 8.76
CA ASN A 82 4.68 -35.60 8.61
C ASN A 82 5.68 -36.44 9.39
N LYS A 83 6.97 -36.21 9.14
CA LYS A 83 8.03 -36.95 9.83
C LYS A 83 8.61 -36.12 10.97
N GLY A 1 31.23 38.10 -5.58
CA GLY A 1 31.97 39.03 -6.40
C GLY A 1 33.23 38.43 -6.97
N SER A 2 34.08 37.90 -6.10
CA SER A 2 35.34 37.29 -6.52
C SER A 2 35.10 35.87 -7.04
N HIS A 3 35.98 35.42 -7.94
CA HIS A 3 35.88 34.08 -8.51
C HIS A 3 36.25 33.02 -7.48
N MET A 4 37.34 33.25 -6.76
CA MET A 4 37.79 32.31 -5.75
C MET A 4 36.91 32.36 -4.52
N GLY A 5 36.73 33.57 -3.97
CA GLY A 5 35.90 33.74 -2.79
C GLY A 5 34.41 33.68 -3.11
N LYS A 6 33.95 32.53 -3.58
CA LYS A 6 32.55 32.36 -3.93
C LYS A 6 31.68 32.27 -2.67
N LYS A 7 30.42 32.64 -2.81
CA LYS A 7 29.49 32.60 -1.69
C LYS A 7 29.16 31.17 -1.29
N THR A 8 29.01 30.94 0.01
CA THR A 8 28.70 29.61 0.52
C THR A 8 27.39 29.09 -0.05
N LYS A 9 27.41 27.84 -0.51
CA LYS A 9 26.22 27.22 -1.08
C LYS A 9 26.24 25.71 -0.88
N ARG A 10 25.32 25.21 -0.06
CA ARG A 10 25.23 23.78 0.22
C ARG A 10 24.17 23.12 -0.67
N THR A 11 24.45 21.88 -1.09
CA THR A 11 23.52 21.14 -1.94
C THR A 11 22.18 20.97 -1.25
N ALA A 12 21.11 21.13 -2.01
CA ALA A 12 19.75 20.97 -1.48
C ALA A 12 19.14 19.64 -1.90
N ASP A 13 19.15 19.38 -3.21
CA ASP A 13 18.60 18.14 -3.74
C ASP A 13 17.12 18.01 -3.38
N GLU A 18 4.98 15.56 -10.55
CA GLU A 18 3.61 15.96 -10.81
C GLU A 18 2.73 15.76 -9.58
N ASP A 19 1.86 16.73 -9.31
CA ASP A 19 0.97 16.66 -8.16
C ASP A 19 -0.10 15.58 -8.37
N GLU A 20 0.03 14.49 -7.64
CA GLU A 20 -0.92 13.38 -7.74
C GLU A 20 -2.22 13.71 -7.01
N GLU A 21 -3.31 13.15 -7.50
CA GLU A 21 -4.62 13.38 -6.90
C GLU A 21 -5.38 12.07 -6.71
N GLU A 22 -4.74 11.11 -6.04
CA GLU A 22 -5.34 9.81 -5.80
C GLU A 22 -4.78 9.18 -4.54
N TYR A 23 -5.58 8.31 -3.91
CA TYR A 23 -5.16 7.65 -2.68
C TYR A 23 -4.00 6.70 -2.95
N VAL A 24 -3.18 6.47 -1.93
CA VAL A 24 -2.03 5.59 -2.04
C VAL A 24 -2.03 4.54 -0.95
N VAL A 25 -1.64 3.31 -1.31
CA VAL A 25 -1.59 2.21 -0.36
C VAL A 25 -0.33 2.27 0.51
N GLU A 26 -0.44 1.81 1.74
CA GLU A 26 0.69 1.82 2.66
C GLU A 26 1.43 0.49 2.62
N LYS A 27 0.71 -0.60 2.88
CA LYS A 27 1.30 -1.93 2.87
C LYS A 27 0.23 -3.00 3.12
N VAL A 28 0.58 -4.25 2.84
CA VAL A 28 -0.35 -5.36 3.04
C VAL A 28 -0.31 -5.88 4.47
N LEU A 29 -1.39 -5.65 5.21
CA LEU A 29 -1.47 -6.09 6.59
C LEU A 29 -2.00 -7.52 6.69
N ASP A 30 -3.14 -7.76 6.04
CA ASP A 30 -3.75 -9.08 6.04
C ASP A 30 -4.42 -9.38 4.70
N ARG A 31 -4.78 -10.63 4.49
CA ARG A 31 -5.41 -11.04 3.24
C ARG A 31 -6.57 -12.00 3.51
N ARG A 32 -7.61 -11.91 2.69
CA ARG A 32 -8.79 -12.76 2.84
C ARG A 32 -9.58 -12.84 1.54
N MET A 33 -10.15 -14.01 1.26
CA MET A 33 -10.93 -14.21 0.06
C MET A 33 -12.39 -14.52 0.39
N VAL A 34 -13.30 -13.95 -0.39
CA VAL A 34 -14.73 -14.17 -0.17
C VAL A 34 -15.49 -14.20 -1.50
N LYS A 35 -16.36 -15.18 -1.65
CA LYS A 35 -17.15 -15.33 -2.87
C LYS A 35 -16.25 -15.36 -4.10
N GLY A 36 -15.22 -16.20 -4.04
CA GLY A 36 -14.30 -16.31 -5.16
C GLY A 36 -13.62 -14.99 -5.50
N GLN A 37 -13.47 -14.14 -4.50
CA GLN A 37 -12.84 -12.83 -4.69
C GLN A 37 -11.75 -12.60 -3.65
N VAL A 38 -10.55 -12.28 -4.13
CA VAL A 38 -9.43 -12.01 -3.24
C VAL A 38 -9.41 -10.56 -2.77
N GLU A 39 -9.24 -10.37 -1.47
CA GLU A 39 -9.20 -9.03 -0.89
C GLU A 39 -7.93 -8.82 -0.07
N TYR A 40 -7.60 -7.56 0.17
CA TYR A 40 -6.40 -7.23 0.94
C TYR A 40 -6.66 -6.03 1.86
N LEU A 41 -6.01 -6.02 3.01
CA LEU A 41 -6.16 -4.94 3.97
C LEU A 41 -5.12 -3.85 3.74
N LEU A 42 -5.53 -2.76 3.12
CA LEU A 42 -4.62 -1.65 2.84
C LEU A 42 -5.16 -0.35 3.45
N LYS A 43 -4.26 0.60 3.69
CA LYS A 43 -4.63 1.88 4.27
C LYS A 43 -4.28 3.02 3.32
N TRP A 44 -5.30 3.76 2.89
CA TRP A 44 -5.09 4.88 1.99
C TRP A 44 -4.45 6.06 2.72
N LYS A 45 -3.72 6.88 1.97
CA LYS A 45 -3.04 8.04 2.53
C LYS A 45 -4.01 8.87 3.37
N GLY A 46 -3.72 8.98 4.67
CA GLY A 46 -4.58 9.75 5.55
C GLY A 46 -5.41 8.87 6.45
N PHE A 47 -5.88 7.75 5.92
CA PHE A 47 -6.70 6.83 6.70
C PHE A 47 -5.87 6.12 7.77
N SER A 48 -6.26 6.29 9.02
CA SER A 48 -5.54 5.67 10.14
C SER A 48 -5.75 4.16 10.15
N GLU A 49 -5.00 3.48 10.99
CA GLU A 49 -5.11 2.01 11.10
C GLU A 49 -6.56 1.60 11.31
N GLU A 50 -7.21 2.19 12.31
CA GLU A 50 -8.59 1.87 12.62
C GLU A 50 -9.49 2.13 11.41
N HIS A 51 -9.01 2.96 10.49
CA HIS A 51 -9.77 3.29 9.30
C HIS A 51 -9.42 2.34 8.15
N ASN A 52 -8.86 1.19 8.50
CA ASN A 52 -8.47 0.19 7.51
C ASN A 52 -9.65 -0.17 6.61
N THR A 53 -9.35 -0.75 5.45
CA THR A 53 -10.38 -1.14 4.50
C THR A 53 -9.93 -2.32 3.65
N TRP A 54 -10.87 -3.20 3.32
CA TRP A 54 -10.56 -4.37 2.50
C TRP A 54 -10.89 -4.12 1.04
N GLU A 55 -9.86 -4.08 0.21
CA GLU A 55 -10.04 -3.85 -1.22
C GLU A 55 -9.68 -5.09 -2.03
N PRO A 56 -10.29 -5.22 -3.22
CA PRO A 56 -10.05 -6.36 -4.11
C PRO A 56 -8.65 -6.34 -4.72
N GLU A 57 -8.07 -7.52 -4.90
CA GLU A 57 -6.73 -7.64 -5.48
C GLU A 57 -6.66 -6.95 -6.84
N LYS A 58 -7.76 -7.02 -7.59
CA LYS A 58 -7.83 -6.42 -8.91
C LYS A 58 -7.52 -4.92 -8.83
N ASN A 59 -7.85 -4.32 -7.70
CA ASN A 59 -7.62 -2.89 -7.50
C ASN A 59 -6.19 -2.65 -7.00
N LEU A 60 -5.69 -3.56 -6.19
CA LEU A 60 -4.34 -3.44 -5.65
C LEU A 60 -3.31 -3.33 -6.76
N ASP A 61 -2.90 -2.11 -7.07
CA ASP A 61 -1.93 -1.86 -8.12
C ASP A 61 -0.51 -2.01 -7.57
N CYS A 62 -0.23 -3.16 -6.96
CA CYS A 62 1.09 -3.42 -6.40
C CYS A 62 1.21 -4.89 -5.98
N PRO A 63 1.53 -5.76 -6.93
CA PRO A 63 1.68 -7.19 -6.68
C PRO A 63 2.92 -7.51 -5.85
N GLU A 64 3.97 -6.71 -6.02
CA GLU A 64 5.21 -6.91 -5.28
C GLU A 64 4.94 -6.97 -3.78
N LEU A 65 4.09 -6.07 -3.30
CA LEU A 65 3.74 -6.02 -1.88
C LEU A 65 3.20 -7.36 -1.40
N ILE A 66 2.21 -7.88 -2.13
CA ILE A 66 1.60 -9.15 -1.78
C ILE A 66 2.63 -10.28 -1.81
N SER A 67 3.41 -10.33 -2.89
CA SER A 67 4.43 -11.36 -3.04
C SER A 67 5.32 -11.43 -1.81
N GLU A 68 5.83 -10.27 -1.39
CA GLU A 68 6.69 -10.19 -0.22
C GLU A 68 5.96 -10.63 1.04
N PHE A 69 4.74 -10.12 1.22
CA PHE A 69 3.94 -10.45 2.39
C PHE A 69 3.84 -11.96 2.57
N MET A 70 3.55 -12.67 1.47
CA MET A 70 3.43 -14.12 1.51
C MET A 70 4.66 -14.74 2.17
N LYS A 71 5.82 -14.11 2.00
CA LYS A 71 7.06 -14.60 2.58
C LYS A 71 6.96 -14.67 4.09
N LYS A 72 6.35 -13.67 4.69
CA LYS A 72 6.18 -13.61 6.13
C LYS A 72 5.04 -14.52 6.60
N TYR A 73 3.88 -14.35 5.97
CA TYR A 73 2.71 -15.15 6.31
C TYR A 73 3.01 -16.64 6.19
N LYS A 74 3.73 -17.00 5.14
CA LYS A 74 4.10 -18.40 4.91
C LYS A 74 4.69 -19.02 6.17
N LYS A 75 5.65 -18.32 6.77
CA LYS A 75 6.31 -18.80 7.98
C LYS A 75 5.34 -18.77 9.16
N MET A 76 4.59 -17.68 9.27
CA MET A 76 3.63 -17.52 10.36
C MET A 76 2.69 -18.72 10.43
N LYS A 77 2.05 -19.02 9.30
CA LYS A 77 1.11 -20.14 9.23
C LYS A 77 1.85 -21.47 9.28
N GLU A 78 1.29 -22.41 10.01
CA GLU A 78 1.89 -23.73 10.15
C GLU A 78 1.61 -24.59 8.91
N GLY A 79 2.67 -24.89 8.16
CA GLY A 79 2.51 -25.69 6.96
C GLY A 79 3.82 -25.87 6.21
N GLU A 80 4.37 -27.07 6.24
CA GLU A 80 5.63 -27.36 5.56
C GLU A 80 5.57 -28.73 4.88
N ASN A 81 5.49 -28.71 3.55
CA ASN A 81 5.45 -29.96 2.78
C ASN A 81 6.78 -30.23 2.11
N ASN A 82 7.08 -31.51 1.92
CA ASN A 82 8.33 -31.92 1.29
C ASN A 82 8.18 -32.00 -0.23
N LYS A 83 9.05 -31.31 -0.93
CA LYS A 83 9.01 -31.30 -2.40
C LYS A 83 9.77 -32.48 -2.97
N GLY A 1 -13.87 60.90 -30.55
CA GLY A 1 -13.62 60.73 -29.13
C GLY A 1 -12.37 61.45 -28.67
N SER A 2 -11.53 60.76 -27.90
CA SER A 2 -10.31 61.35 -27.39
C SER A 2 -9.09 60.80 -28.13
N HIS A 3 -8.41 61.68 -28.87
CA HIS A 3 -7.23 61.28 -29.62
C HIS A 3 -5.95 61.65 -28.88
N MET A 4 -4.89 60.89 -29.13
CA MET A 4 -3.61 61.14 -28.48
C MET A 4 -3.74 61.07 -26.96
N GLY A 5 -3.38 59.92 -26.40
CA GLY A 5 -3.48 59.74 -24.95
C GLY A 5 -4.60 58.80 -24.56
N LYS A 6 -4.44 57.53 -24.89
CA LYS A 6 -5.45 56.52 -24.55
C LYS A 6 -5.16 55.88 -23.20
N LYS A 7 -6.21 55.38 -22.56
CA LYS A 7 -6.06 54.74 -21.25
C LYS A 7 -6.75 53.37 -21.24
N THR A 8 -6.23 52.46 -20.43
CA THR A 8 -6.79 51.11 -20.34
C THR A 8 -6.73 50.60 -18.89
N LYS A 9 -7.87 50.17 -18.38
CA LYS A 9 -7.95 49.64 -17.02
C LYS A 9 -8.77 48.36 -16.98
N ARG A 10 -8.10 47.24 -16.71
CA ARG A 10 -8.77 45.95 -16.63
C ARG A 10 -7.89 44.93 -15.92
N THR A 11 -8.53 43.91 -15.35
CA THR A 11 -7.81 42.86 -14.64
C THR A 11 -8.51 41.52 -14.78
N ALA A 12 -7.72 40.46 -14.94
CA ALA A 12 -8.26 39.11 -15.09
C ALA A 12 -8.30 38.39 -13.75
N ASP A 13 -7.16 38.32 -13.08
CA ASP A 13 -7.07 37.65 -11.78
C ASP A 13 -7.46 36.18 -11.90
N GLU A 18 -2.69 24.17 -6.58
CA GLU A 18 -3.01 23.14 -5.59
C GLU A 18 -1.95 22.04 -5.59
N ASP A 19 -1.58 21.59 -4.40
CA ASP A 19 -0.57 20.54 -4.26
C ASP A 19 -1.00 19.50 -3.23
N GLU A 20 -1.21 18.27 -3.67
CA GLU A 20 -1.63 17.20 -2.78
C GLU A 20 -1.03 15.86 -3.22
N GLU A 21 -0.86 14.95 -2.26
CA GLU A 21 -0.29 13.63 -2.56
C GLU A 21 -1.36 12.70 -3.10
N GLU A 22 -1.02 11.95 -4.13
CA GLU A 22 -1.95 11.01 -4.75
C GLU A 22 -2.14 9.78 -3.87
N TYR A 23 -3.24 9.06 -4.09
CA TYR A 23 -3.54 7.86 -3.31
C TYR A 23 -2.82 6.64 -3.90
N VAL A 24 -1.83 6.14 -3.18
CA VAL A 24 -1.07 4.97 -3.62
C VAL A 24 -1.03 3.90 -2.54
N VAL A 25 -0.95 2.64 -2.96
CA VAL A 25 -0.90 1.52 -2.04
C VAL A 25 0.31 1.63 -1.11
N GLU A 26 0.16 1.13 0.11
CA GLU A 26 1.25 1.17 1.08
C GLU A 26 1.83 -0.23 1.30
N LYS A 27 0.98 -1.17 1.69
CA LYS A 27 1.41 -2.54 1.93
C LYS A 27 0.22 -3.43 2.29
N VAL A 28 0.43 -4.74 2.26
CA VAL A 28 -0.62 -5.69 2.59
C VAL A 28 -0.66 -5.96 4.09
N LEU A 29 -1.76 -5.54 4.72
CA LEU A 29 -1.93 -5.73 6.16
C LEU A 29 -2.55 -7.09 6.46
N ASP A 30 -3.66 -7.39 5.79
CA ASP A 30 -4.35 -8.66 5.98
C ASP A 30 -4.99 -9.13 4.68
N ARG A 31 -5.45 -10.38 4.66
CA ARG A 31 -6.07 -10.95 3.47
C ARG A 31 -7.31 -11.77 3.85
N ARG A 32 -8.34 -11.69 3.02
CA ARG A 32 -9.58 -12.43 3.26
C ARG A 32 -10.20 -12.89 1.95
N MET A 33 -11.08 -13.88 2.05
CA MET A 33 -11.75 -14.44 0.87
C MET A 33 -13.25 -14.53 1.09
N VAL A 34 -14.02 -13.96 0.17
CA VAL A 34 -15.48 -13.98 0.27
C VAL A 34 -16.12 -14.07 -1.11
N LYS A 35 -17.15 -14.91 -1.22
CA LYS A 35 -17.85 -15.10 -2.49
C LYS A 35 -16.87 -15.46 -3.60
N GLY A 36 -15.97 -16.39 -3.32
CA GLY A 36 -15.00 -16.81 -4.31
C GLY A 36 -14.12 -15.66 -4.78
N GLN A 37 -13.93 -14.67 -3.92
CA GLN A 37 -13.11 -13.51 -4.27
C GLN A 37 -12.09 -13.24 -3.17
N VAL A 38 -10.82 -13.14 -3.56
CA VAL A 38 -9.75 -12.87 -2.62
C VAL A 38 -9.40 -11.38 -2.59
N GLU A 39 -9.66 -10.74 -1.46
CA GLU A 39 -9.37 -9.32 -1.30
C GLU A 39 -8.26 -9.11 -0.28
N TYR A 40 -7.52 -8.02 -0.45
CA TYR A 40 -6.41 -7.70 0.45
C TYR A 40 -6.61 -6.32 1.08
N LEU A 41 -5.93 -6.08 2.19
CA LEU A 41 -6.03 -4.80 2.89
C LEU A 41 -5.09 -3.77 2.27
N LEU A 42 -5.67 -2.78 1.60
CA LEU A 42 -4.89 -1.73 0.96
C LEU A 42 -4.98 -0.43 1.75
N LYS A 43 -3.87 0.30 1.82
CA LYS A 43 -3.82 1.57 2.55
C LYS A 43 -3.34 2.69 1.64
N TRP A 44 -4.26 3.55 1.22
CA TRP A 44 -3.92 4.67 0.35
C TRP A 44 -3.14 5.73 1.11
N LYS A 45 -2.24 6.41 0.41
CA LYS A 45 -1.42 7.45 1.02
C LYS A 45 -2.31 8.50 1.70
N GLY A 46 -2.32 8.46 3.03
CA GLY A 46 -3.12 9.42 3.78
C GLY A 46 -4.06 8.74 4.77
N PHE A 47 -4.59 7.60 4.38
CA PHE A 47 -5.50 6.84 5.23
C PHE A 47 -4.76 6.23 6.42
N SER A 48 -5.48 6.01 7.51
CA SER A 48 -4.89 5.43 8.71
C SER A 48 -5.36 3.99 8.91
N GLU A 49 -4.70 3.29 9.82
CA GLU A 49 -5.05 1.89 10.10
C GLU A 49 -6.55 1.74 10.33
N GLU A 50 -7.10 2.56 11.22
CA GLU A 50 -8.52 2.52 11.53
C GLU A 50 -9.36 2.79 10.28
N HIS A 51 -8.79 3.56 9.36
CA HIS A 51 -9.48 3.91 8.12
C HIS A 51 -9.09 2.94 7.00
N ASN A 52 -8.59 1.78 7.38
CA ASN A 52 -8.18 0.76 6.40
C ASN A 52 -9.31 0.45 5.43
N THR A 53 -8.96 -0.14 4.29
CA THR A 53 -9.94 -0.49 3.29
C THR A 53 -9.57 -1.79 2.58
N TRP A 54 -10.57 -2.58 2.23
CA TRP A 54 -10.34 -3.86 1.55
C TRP A 54 -10.58 -3.72 0.05
N GLU A 55 -9.82 -4.48 -0.73
CA GLU A 55 -9.94 -4.44 -2.18
C GLU A 55 -9.75 -5.82 -2.78
N PRO A 56 -10.48 -6.11 -3.87
CA PRO A 56 -10.40 -7.40 -4.56
C PRO A 56 -9.07 -7.60 -5.29
N GLU A 57 -8.66 -8.85 -5.45
CA GLU A 57 -7.41 -9.16 -6.13
C GLU A 57 -7.33 -8.48 -7.48
N LYS A 58 -8.44 -8.51 -8.22
CA LYS A 58 -8.50 -7.89 -9.54
C LYS A 58 -8.15 -6.41 -9.46
N ASN A 59 -8.49 -5.78 -8.34
CA ASN A 59 -8.22 -4.36 -8.14
C ASN A 59 -6.80 -4.16 -7.59
N LEU A 60 -6.32 -5.14 -6.83
CA LEU A 60 -4.99 -5.08 -6.25
C LEU A 60 -3.93 -4.94 -7.33
N ASP A 61 -3.52 -3.72 -7.62
CA ASP A 61 -2.51 -3.45 -8.63
C ASP A 61 -1.11 -3.58 -8.04
N CYS A 62 -0.85 -4.71 -7.39
CA CYS A 62 0.45 -4.96 -6.77
C CYS A 62 0.60 -6.42 -6.37
N PRO A 63 1.01 -7.27 -7.33
CA PRO A 63 1.18 -8.70 -7.09
C PRO A 63 2.38 -8.99 -6.19
N GLU A 64 3.47 -8.28 -6.40
CA GLU A 64 4.68 -8.46 -5.61
C GLU A 64 4.38 -8.30 -4.12
N LEU A 65 3.51 -7.34 -3.79
CA LEU A 65 3.14 -7.08 -2.41
C LEU A 65 2.69 -8.36 -1.72
N ILE A 66 1.74 -9.06 -2.34
CA ILE A 66 1.23 -10.30 -1.80
C ILE A 66 2.32 -11.35 -1.68
N SER A 67 3.09 -11.52 -2.75
CA SER A 67 4.18 -12.50 -2.76
C SER A 67 5.10 -12.30 -1.57
N GLU A 68 5.52 -11.06 -1.35
CA GLU A 68 6.41 -10.74 -0.24
C GLU A 68 5.73 -11.00 1.09
N PHE A 69 4.49 -10.52 1.22
CA PHE A 69 3.73 -10.69 2.45
C PHE A 69 3.70 -12.16 2.88
N MET A 70 3.41 -13.04 1.93
CA MET A 70 3.36 -14.47 2.19
C MET A 70 4.62 -14.93 2.91
N LYS A 71 5.74 -14.28 2.61
CA LYS A 71 7.02 -14.63 3.22
C LYS A 71 6.97 -14.46 4.73
N LYS A 72 6.33 -13.39 5.18
CA LYS A 72 6.19 -13.10 6.60
C LYS A 72 5.10 -13.96 7.23
N TYR A 73 3.92 -13.95 6.62
CA TYR A 73 2.79 -14.73 7.13
C TYR A 73 3.17 -16.21 7.25
N LYS A 74 3.83 -16.72 6.22
CA LYS A 74 4.25 -18.12 6.21
C LYS A 74 4.96 -18.48 7.52
N LYS A 75 5.93 -17.66 7.90
CA LYS A 75 6.68 -17.90 9.13
C LYS A 75 5.79 -17.75 10.36
N MET A 76 4.93 -16.73 10.34
CA MET A 76 4.02 -16.49 11.45
C MET A 76 3.24 -17.75 11.80
N LYS A 77 2.58 -18.33 10.80
CA LYS A 77 1.80 -19.54 11.00
C LYS A 77 2.68 -20.78 10.98
N GLU A 78 2.30 -21.79 11.75
CA GLU A 78 3.07 -23.03 11.81
C GLU A 78 2.34 -24.16 11.07
N GLY A 79 3.12 -25.04 10.47
CA GLY A 79 2.54 -26.15 9.73
C GLY A 79 3.59 -27.10 9.19
N GLU A 80 3.24 -27.84 8.14
CA GLU A 80 4.16 -28.79 7.52
C GLU A 80 3.94 -28.86 6.01
N ASN A 81 5.03 -29.04 5.27
CA ASN A 81 4.97 -29.12 3.82
C ASN A 81 5.14 -30.56 3.35
N ASN A 82 4.58 -30.87 2.18
CA ASN A 82 4.68 -32.21 1.62
C ASN A 82 4.86 -32.15 0.10
N LYS A 83 5.82 -32.91 -0.40
CA LYS A 83 6.09 -32.95 -1.83
C LYS A 83 5.10 -33.86 -2.56
N GLY A 1 13.52 68.07 -10.76
CA GLY A 1 12.62 67.16 -10.09
C GLY A 1 12.02 66.13 -11.02
N SER A 2 12.42 64.87 -10.86
CA SER A 2 11.92 63.80 -11.71
C SER A 2 10.62 63.24 -11.17
N HIS A 3 10.63 62.85 -9.89
CA HIS A 3 9.46 62.29 -9.25
C HIS A 3 8.43 63.38 -8.97
N MET A 4 7.33 63.36 -9.73
CA MET A 4 6.28 64.36 -9.57
C MET A 4 4.90 63.70 -9.65
N GLY A 5 4.14 63.79 -8.57
CA GLY A 5 2.81 63.21 -8.54
C GLY A 5 2.84 61.71 -8.77
N LYS A 6 3.44 60.98 -7.85
CA LYS A 6 3.53 59.52 -7.96
C LYS A 6 3.03 58.85 -6.69
N LYS A 7 2.52 57.64 -6.83
CA LYS A 7 2.01 56.87 -5.70
C LYS A 7 3.14 56.21 -4.92
N THR A 8 3.17 56.41 -3.61
CA THR A 8 4.19 55.83 -2.77
C THR A 8 4.08 54.31 -2.71
N LYS A 9 2.88 53.83 -2.38
CA LYS A 9 2.63 52.40 -2.29
C LYS A 9 1.39 52.02 -3.09
N ARG A 10 1.50 50.96 -3.87
CA ARG A 10 0.38 50.48 -4.70
C ARG A 10 0.11 49.01 -4.43
N THR A 11 -1.05 48.73 -3.83
CA THR A 11 -1.44 47.35 -3.52
C THR A 11 -1.72 46.56 -4.80
N ALA A 12 -1.13 45.37 -4.89
CA ALA A 12 -1.32 44.51 -6.04
C ALA A 12 -2.14 43.28 -5.70
N ASP A 13 -1.71 42.56 -4.67
CA ASP A 13 -2.39 41.34 -4.23
C ASP A 13 -2.47 40.32 -5.36
N GLU A 18 -2.27 25.72 -4.57
CA GLU A 18 -2.98 24.53 -5.01
C GLU A 18 -2.40 23.28 -4.36
N ASP A 19 -3.28 22.42 -3.85
CA ASP A 19 -2.86 21.18 -3.22
C ASP A 19 -3.52 19.97 -3.87
N GLU A 20 -2.69 19.07 -4.40
CA GLU A 20 -3.20 17.87 -5.06
C GLU A 20 -2.66 16.61 -4.39
N GLU A 21 -3.56 15.81 -3.83
CA GLU A 21 -3.18 14.58 -3.16
C GLU A 21 -3.55 13.36 -4.00
N GLU A 22 -2.66 12.37 -4.01
CA GLU A 22 -2.89 11.15 -4.78
C GLU A 22 -3.07 9.95 -3.85
N TYR A 23 -3.65 8.88 -4.39
CA TYR A 23 -3.89 7.67 -3.61
C TYR A 23 -2.96 6.55 -4.06
N VAL A 24 -2.06 6.13 -3.17
CA VAL A 24 -1.11 5.07 -3.48
C VAL A 24 -1.06 4.04 -2.35
N VAL A 25 -1.19 2.76 -2.72
CA VAL A 25 -1.16 1.69 -1.74
C VAL A 25 0.16 1.65 -0.99
N GLU A 26 0.11 1.28 0.28
CA GLU A 26 1.31 1.21 1.11
C GLU A 26 1.90 -0.20 1.11
N LYS A 27 1.08 -1.17 1.51
CA LYS A 27 1.52 -2.57 1.55
C LYS A 27 0.38 -3.48 1.98
N VAL A 28 0.56 -4.78 1.78
CA VAL A 28 -0.46 -5.76 2.15
C VAL A 28 -0.39 -6.10 3.63
N LEU A 29 -1.43 -5.73 4.37
CA LEU A 29 -1.48 -5.99 5.80
C LEU A 29 -2.12 -7.35 6.08
N ASP A 30 -3.28 -7.59 5.49
CA ASP A 30 -3.99 -8.85 5.66
C ASP A 30 -4.69 -9.27 4.38
N ARG A 31 -5.14 -10.52 4.34
CA ARG A 31 -5.82 -11.04 3.16
C ARG A 31 -6.93 -12.01 3.57
N ARG A 32 -8.02 -12.02 2.80
CA ARG A 32 -9.16 -12.89 3.08
C ARG A 32 -9.81 -13.36 1.79
N MET A 33 -10.60 -14.42 1.88
CA MET A 33 -11.30 -14.96 0.72
C MET A 33 -12.76 -15.22 1.03
N VAL A 34 -13.65 -14.62 0.25
CA VAL A 34 -15.08 -14.80 0.44
C VAL A 34 -15.82 -14.77 -0.89
N LYS A 35 -16.79 -15.66 -1.04
CA LYS A 35 -17.59 -15.74 -2.26
C LYS A 35 -16.68 -15.96 -3.47
N GLY A 36 -15.73 -16.88 -3.34
CA GLY A 36 -14.82 -17.16 -4.43
C GLY A 36 -14.04 -15.95 -4.87
N GLN A 37 -13.82 -15.02 -3.94
CA GLN A 37 -13.08 -13.80 -4.23
C GLN A 37 -12.14 -13.45 -3.09
N VAL A 38 -10.86 -13.26 -3.41
CA VAL A 38 -9.86 -12.91 -2.41
C VAL A 38 -9.55 -11.42 -2.44
N GLU A 39 -9.55 -10.81 -1.25
CA GLU A 39 -9.27 -9.38 -1.14
C GLU A 39 -7.96 -9.14 -0.39
N TYR A 40 -7.48 -7.91 -0.44
CA TYR A 40 -6.23 -7.54 0.24
C TYR A 40 -6.36 -6.19 0.92
N LEU A 41 -5.65 -6.04 2.05
CA LEU A 41 -5.68 -4.80 2.80
C LEU A 41 -4.74 -3.75 2.18
N LEU A 42 -5.30 -2.60 1.83
CA LEU A 42 -4.51 -1.52 1.23
C LEU A 42 -4.58 -0.27 2.09
N LYS A 43 -3.58 0.60 1.93
CA LYS A 43 -3.52 1.84 2.69
C LYS A 43 -3.07 2.99 1.80
N TRP A 44 -3.93 4.00 1.68
CA TRP A 44 -3.62 5.16 0.86
C TRP A 44 -2.69 6.12 1.59
N LYS A 45 -1.73 6.68 0.86
CA LYS A 45 -0.76 7.61 1.45
C LYS A 45 -1.48 8.71 2.23
N GLY A 46 -1.25 8.73 3.53
CA GLY A 46 -1.87 9.74 4.37
C GLY A 46 -2.79 9.14 5.42
N PHE A 47 -3.55 8.12 5.04
CA PHE A 47 -4.47 7.45 5.95
C PHE A 47 -3.71 6.60 6.96
N SER A 48 -4.32 6.37 8.12
CA SER A 48 -3.70 5.58 9.17
C SER A 48 -4.22 4.14 9.14
N GLU A 49 -3.58 3.28 9.92
CA GLU A 49 -3.98 1.87 9.99
C GLU A 49 -5.47 1.74 10.27
N GLU A 50 -5.94 2.51 11.25
CA GLU A 50 -7.35 2.48 11.62
C GLU A 50 -8.24 2.77 10.43
N HIS A 51 -7.71 3.53 9.47
CA HIS A 51 -8.46 3.88 8.27
C HIS A 51 -8.22 2.86 7.17
N ASN A 52 -7.77 1.67 7.55
CA ASN A 52 -7.50 0.61 6.59
C ASN A 52 -8.74 0.29 5.75
N THR A 53 -8.52 -0.30 4.58
CA THR A 53 -9.62 -0.65 3.68
C THR A 53 -9.29 -1.90 2.89
N TRP A 54 -10.31 -2.72 2.65
CA TRP A 54 -10.14 -3.96 1.89
C TRP A 54 -10.53 -3.77 0.43
N GLU A 55 -9.78 -4.40 -0.47
CA GLU A 55 -10.05 -4.29 -1.90
C GLU A 55 -9.86 -5.65 -2.59
N PRO A 56 -10.54 -5.83 -3.73
CA PRO A 56 -10.46 -7.06 -4.51
C PRO A 56 -9.10 -7.26 -5.16
N GLU A 57 -8.62 -8.50 -5.18
CA GLU A 57 -7.33 -8.81 -5.78
C GLU A 57 -7.26 -8.30 -7.23
N LYS A 58 -8.39 -8.32 -7.91
CA LYS A 58 -8.47 -7.86 -9.29
C LYS A 58 -7.99 -6.41 -9.40
N ASN A 59 -8.28 -5.62 -8.37
CA ASN A 59 -7.88 -4.22 -8.36
C ASN A 59 -6.56 -4.03 -7.63
N LEU A 60 -5.72 -5.06 -7.67
CA LEU A 60 -4.42 -5.01 -7.01
C LEU A 60 -3.28 -5.14 -8.03
N ASP A 61 -2.80 -4.00 -8.51
CA ASP A 61 -1.72 -3.99 -9.49
C ASP A 61 -0.36 -4.10 -8.79
N CYS A 62 -0.20 -5.13 -7.96
CA CYS A 62 1.05 -5.33 -7.23
C CYS A 62 1.17 -6.79 -6.78
N PRO A 63 1.61 -7.66 -7.70
CA PRO A 63 1.79 -9.09 -7.42
C PRO A 63 2.94 -9.35 -6.47
N GLU A 64 4.02 -8.60 -6.62
CA GLU A 64 5.19 -8.75 -5.77
C GLU A 64 4.82 -8.65 -4.29
N LEU A 65 3.92 -7.74 -3.99
CA LEU A 65 3.47 -7.53 -2.61
C LEU A 65 2.96 -8.83 -2.01
N ILE A 66 2.05 -9.49 -2.73
CA ILE A 66 1.48 -10.76 -2.26
C ILE A 66 2.57 -11.81 -2.06
N SER A 67 3.44 -11.95 -3.07
CA SER A 67 4.54 -12.92 -2.99
C SER A 67 5.34 -12.73 -1.70
N GLU A 68 5.70 -11.49 -1.40
CA GLU A 68 6.47 -11.19 -0.20
C GLU A 68 5.63 -11.42 1.05
N PHE A 69 4.41 -10.88 1.05
CA PHE A 69 3.50 -11.02 2.19
C PHE A 69 3.39 -12.49 2.61
N MET A 70 3.16 -13.36 1.64
CA MET A 70 3.03 -14.78 1.91
C MET A 70 4.20 -15.29 2.75
N LYS A 71 5.36 -14.68 2.56
CA LYS A 71 6.56 -15.06 3.30
C LYS A 71 6.38 -14.82 4.80
N LYS A 72 5.75 -13.71 5.14
CA LYS A 72 5.50 -13.37 6.54
C LYS A 72 4.36 -14.20 7.11
N TYR A 73 3.24 -14.23 6.39
CA TYR A 73 2.08 -14.99 6.83
C TYR A 73 2.45 -16.44 7.12
N LYS A 74 3.31 -17.01 6.28
CA LYS A 74 3.75 -18.38 6.45
C LYS A 74 4.21 -18.64 7.88
N LYS A 75 5.00 -17.72 8.41
CA LYS A 75 5.51 -17.84 9.78
C LYS A 75 4.41 -17.53 10.79
N MET A 76 3.68 -16.44 10.57
CA MET A 76 2.61 -16.02 11.46
C MET A 76 1.65 -17.18 11.72
N LYS A 77 1.13 -17.77 10.63
CA LYS A 77 0.20 -18.88 10.73
C LYS A 77 0.88 -20.11 11.35
N GLU A 78 0.17 -20.76 12.27
CA GLU A 78 0.70 -21.94 12.93
C GLU A 78 0.25 -23.22 12.23
N GLY A 79 1.15 -24.19 12.11
CA GLY A 79 0.82 -25.44 11.46
C GLY A 79 1.98 -26.00 10.65
N GLU A 80 2.99 -26.50 11.36
CA GLU A 80 4.16 -27.07 10.69
C GLU A 80 3.80 -28.36 9.96
N ASN A 81 3.05 -29.21 10.63
CA ASN A 81 2.63 -30.48 10.03
C ASN A 81 1.12 -30.63 10.05
N ASN A 82 0.57 -31.27 9.03
CA ASN A 82 -0.87 -31.47 8.93
C ASN A 82 -1.20 -32.94 8.66
N LYS A 83 -0.58 -33.49 7.61
CA LYS A 83 -0.81 -34.88 7.24
C LYS A 83 -2.30 -35.17 7.06
#